data_4HHH
#
_entry.id   4HHH
#
_cell.length_a   109.790
_cell.length_b   109.950
_cell.length_c   201.440
_cell.angle_alpha   90.000
_cell.angle_beta   90.000
_cell.angle_gamma   90.000
#
_symmetry.space_group_name_H-M   'P 21 2 21'
#
loop_
_entity.id
_entity.type
_entity.pdbx_description
1 polymer 'Ribulose bisphosphate carboxylase large chain'
2 polymer 'Ribulose bisphosphate carboxylase small chain'
3 non-polymer RIBULOSE-1,5-DIPHOSPHATE
4 water water
#
loop_
_entity_poly.entity_id
_entity_poly.type
_entity_poly.pdbx_seq_one_letter_code
_entity_poly.pdbx_strand_id
1 'polypeptide(L)'
;MSPQTETKAKVGFKAGVKDYKLTYYTPDYQTKDTDILAAFRVTPQPGVPPEEAGAAVAAESSTGTWTTVWTDGLTSLDRY
KGRCYEIEPVPGEDNQFIAYVAYPLDLFEEGSVTNMFTSIVGNVFGFKALRALRLEDLRIPYAYVKTFQGPPHGIQVERD
KLNKYGRPLLGCTIKPKLGLSAKNYGRAVYECLRGGLDFTKDDENVNSQPFMRWRDRFLFCAEAIYKSQAETGEIKGHYL
NATAGTCEEMLKRAVFARELGVPIVMHDYLTGGFTANTTLSHYCRDNGLLLHIHRAMHAVIDRQKNHGMHFRVLAKALRL
SGGDHIHAGTVVGKLEGEREITLGFVDLLRDDYIKKDRSRGIYFTQDWVSLPGVIPVASGGIHVWHMPALTEIFGDDSVL
QFGGGTLGHPWGNAPGAVANRVALEACVQARNEGRDLAREGNAIIREACKWSPELAAACEVWKEIKFEFPAMDTL
;
A,B,C,D
2 'polypeptide(L)'
;MQVWPPIGKKKFETLSYLPPLTRDQLLKEVEYLLRKGWVPCLEFELKKGFVYREHNKSPGYYDGRYWTMWKLPMFGTTDP
AQVLKELDEVKKEYPRAFVRVIGFNNVRQVQCISFIAHTPESY
;
S,T,U,V
#
# COMPACT_ATOMS: atom_id res chain seq x y z
N GLY A 12 -26.70 -56.32 27.80
CA GLY A 12 -25.73 -56.37 28.95
C GLY A 12 -24.31 -56.75 28.54
N PHE A 13 -23.32 -56.01 29.09
CA PHE A 13 -21.89 -56.08 28.70
C PHE A 13 -21.18 -57.40 28.93
N LYS A 14 -20.80 -58.09 27.86
CA LYS A 14 -19.88 -59.23 27.98
C LYS A 14 -18.54 -59.02 27.23
N ALA A 15 -17.49 -58.90 28.06
CA ALA A 15 -16.08 -58.92 27.66
C ALA A 15 -15.64 -60.00 26.63
N GLY A 16 -14.85 -59.57 25.63
CA GLY A 16 -14.27 -60.48 24.67
C GLY A 16 -14.54 -60.25 23.20
N VAL A 17 -13.82 -61.05 22.41
CA VAL A 17 -13.81 -61.03 20.95
C VAL A 17 -15.06 -61.66 20.39
N LYS A 18 -15.65 -60.98 19.42
CA LYS A 18 -16.77 -61.51 18.66
C LYS A 18 -16.45 -61.21 17.22
N ASP A 19 -17.23 -61.76 16.31
CA ASP A 19 -17.05 -61.49 14.90
C ASP A 19 -17.50 -60.07 14.58
N TYR A 20 -16.91 -59.52 13.50
CA TYR A 20 -17.18 -58.24 13.02
C TYR A 20 -18.56 -58.27 12.37
N LYS A 21 -18.79 -59.29 11.56
CA LYS A 21 -20.04 -59.44 10.79
C LYS A 21 -21.32 -59.19 11.55
N LEU A 22 -21.34 -59.51 12.85
CA LEU A 22 -22.55 -59.35 13.63
C LEU A 22 -23.04 -57.90 13.77
N THR A 23 -22.15 -56.92 13.96
CA THR A 23 -22.66 -55.53 14.04
C THR A 23 -22.49 -54.71 12.72
N TYR A 24 -21.45 -55.06 11.95
CA TYR A 24 -21.00 -54.22 10.84
C TYR A 24 -21.25 -54.86 9.44
N TYR A 25 -22.16 -55.80 9.38
CA TYR A 25 -22.53 -56.28 8.09
C TYR A 25 -24.01 -56.32 8.07
N THR A 26 -24.60 -55.39 7.31
CA THR A 26 -26.06 -55.27 7.21
C THR A 26 -26.53 -55.26 5.73
N PRO A 27 -26.53 -56.44 5.09
CA PRO A 27 -26.98 -56.53 3.72
C PRO A 27 -28.41 -56.02 3.54
N ASP A 28 -29.05 -55.65 4.62
CA ASP A 28 -30.45 -55.26 4.48
C ASP A 28 -30.63 -53.73 4.49
N TYR A 29 -29.56 -53.01 4.86
CA TYR A 29 -29.47 -51.57 4.96
C TYR A 29 -29.75 -50.83 3.68
N GLN A 30 -30.51 -49.76 3.89
CA GLN A 30 -30.88 -48.86 2.89
C GLN A 30 -30.05 -47.61 3.02
N THR A 31 -29.06 -47.41 2.15
CA THR A 31 -28.20 -46.21 2.28
C THR A 31 -29.09 -44.96 2.44
N LYS A 32 -28.59 -43.91 3.11
CA LYS A 32 -29.27 -42.62 3.32
CA LYS A 32 -29.36 -42.66 3.13
C LYS A 32 -28.59 -41.57 2.44
N ASP A 33 -29.28 -40.51 2.01
CA ASP A 33 -28.56 -39.44 1.26
C ASP A 33 -27.51 -38.74 2.05
N THR A 34 -27.39 -39.10 3.34
CA THR A 34 -26.37 -38.42 4.15
C THR A 34 -25.05 -39.19 4.34
N ASP A 35 -25.09 -40.42 3.83
CA ASP A 35 -24.05 -41.41 4.05
C ASP A 35 -22.96 -41.17 3.08
N ILE A 36 -21.73 -41.25 3.59
CA ILE A 36 -20.58 -41.37 2.70
C ILE A 36 -20.45 -42.93 2.34
N LEU A 37 -20.34 -43.24 1.03
CA LEU A 37 -20.57 -44.55 0.40
C LEU A 37 -19.20 -44.93 -0.15
N ALA A 38 -18.56 -45.94 0.46
CA ALA A 38 -17.18 -46.33 0.11
C ALA A 38 -17.20 -47.56 -0.75
N ALA A 39 -16.31 -47.60 -1.74
CA ALA A 39 -16.16 -48.75 -2.62
C ALA A 39 -14.76 -49.33 -2.68
N PHE A 40 -14.66 -50.39 -1.91
CA PHE A 40 -13.39 -51.02 -1.66
C PHE A 40 -13.38 -52.28 -2.50
N ARG A 41 -12.27 -52.40 -3.21
CA ARG A 41 -11.97 -53.62 -3.91
C ARG A 41 -11.07 -54.39 -3.01
N VAL A 42 -11.65 -55.43 -2.45
CA VAL A 42 -11.04 -56.24 -1.38
C VAL A 42 -10.57 -57.63 -1.95
N THR A 43 -9.30 -57.99 -1.66
CA THR A 43 -8.65 -59.31 -1.80
C THR A 43 -8.37 -59.88 -0.40
N PRO A 44 -9.29 -60.67 0.15
CA PRO A 44 -9.07 -61.23 1.49
C PRO A 44 -8.08 -62.41 1.59
N GLN A 45 -7.73 -62.73 2.82
CA GLN A 45 -6.90 -63.89 3.11
C GLN A 45 -7.65 -65.23 2.79
N PRO A 46 -6.90 -66.37 2.71
CA PRO A 46 -7.50 -67.70 2.72
C PRO A 46 -8.38 -67.94 3.98
N GLY A 47 -9.60 -68.42 3.81
CA GLY A 47 -10.49 -68.63 4.96
C GLY A 47 -11.41 -67.44 5.20
N VAL A 48 -10.85 -66.23 5.31
CA VAL A 48 -11.65 -65.05 5.56
C VAL A 48 -12.92 -64.95 4.67
N PRO A 49 -14.11 -65.15 5.26
CA PRO A 49 -15.33 -64.95 4.43
C PRO A 49 -15.61 -63.49 4.06
N PRO A 50 -16.24 -63.28 2.90
CA PRO A 50 -16.77 -62.04 2.40
C PRO A 50 -17.32 -61.17 3.52
N GLU A 51 -18.36 -61.69 4.14
CA GLU A 51 -19.17 -60.95 5.08
C GLU A 51 -18.31 -60.43 6.22
N GLU A 52 -17.33 -61.22 6.65
CA GLU A 52 -16.48 -60.85 7.78
C GLU A 52 -15.43 -59.82 7.40
N ALA A 53 -14.58 -60.12 6.42
CA ALA A 53 -13.56 -59.20 5.98
C ALA A 53 -14.23 -57.92 5.50
N GLY A 54 -15.39 -58.07 4.88
CA GLY A 54 -16.27 -56.92 4.61
C GLY A 54 -16.59 -56.09 5.85
N ALA A 55 -17.10 -56.74 6.89
CA ALA A 55 -17.43 -56.10 8.17
C ALA A 55 -16.20 -55.54 8.90
N ALA A 56 -15.13 -56.35 8.84
CA ALA A 56 -13.86 -55.98 9.36
C ALA A 56 -13.53 -54.58 8.89
N VAL A 57 -13.65 -54.40 7.58
CA VAL A 57 -13.39 -53.16 6.91
C VAL A 57 -14.23 -52.03 7.52
N ALA A 58 -15.55 -52.14 7.49
CA ALA A 58 -16.42 -51.04 8.06
C ALA A 58 -16.23 -50.70 9.55
N ALA A 59 -15.99 -51.69 10.39
CA ALA A 59 -15.69 -51.45 11.80
C ALA A 59 -14.44 -50.61 12.03
N GLU A 60 -13.36 -50.96 11.35
CA GLU A 60 -12.07 -50.43 11.71
C GLU A 60 -11.87 -49.07 11.11
N SER A 61 -12.76 -48.78 10.15
CA SER A 61 -12.79 -47.46 9.52
C SER A 61 -13.84 -46.49 10.08
N SER A 62 -14.30 -46.69 11.31
CA SER A 62 -15.53 -46.00 11.82
C SER A 62 -15.73 -45.89 13.34
N THR A 63 -16.18 -46.98 13.97
CA THR A 63 -16.48 -47.01 15.42
C THR A 63 -15.90 -48.28 16.15
N GLY A 64 -15.62 -49.33 15.40
CA GLY A 64 -15.38 -50.68 15.97
C GLY A 64 -13.96 -50.90 16.44
N THR A 65 -13.70 -52.14 16.87
CA THR A 65 -12.52 -52.44 17.66
C THR A 65 -12.43 -53.94 17.66
N TRP A 66 -11.26 -54.50 17.97
CA TRP A 66 -11.03 -55.97 17.89
C TRP A 66 -11.60 -56.77 19.02
N THR A 67 -12.05 -56.07 20.07
CA THR A 67 -12.80 -56.71 21.16
C THR A 67 -13.99 -55.89 21.63
N THR A 68 -14.85 -56.52 22.45
CA THR A 68 -16.00 -55.82 23.02
C THR A 68 -15.56 -54.85 24.06
N VAL A 69 -16.02 -53.64 23.89
CA VAL A 69 -15.71 -52.62 24.84
C VAL A 69 -17.05 -52.09 25.29
N TRP A 70 -17.06 -51.57 26.51
CA TRP A 70 -18.29 -51.39 27.29
C TRP A 70 -18.91 -50.08 27.00
N THR A 71 -18.06 -49.08 26.77
CA THR A 71 -18.47 -47.73 26.36
C THR A 71 -19.39 -47.69 25.12
N ASP A 72 -19.47 -48.78 24.36
CA ASP A 72 -20.42 -48.83 23.24
C ASP A 72 -21.83 -48.73 23.74
N GLY A 73 -22.02 -49.21 24.96
CA GLY A 73 -23.27 -49.10 25.64
C GLY A 73 -23.63 -47.66 25.93
N LEU A 74 -22.62 -46.82 26.21
CA LEU A 74 -22.81 -45.39 26.52
C LEU A 74 -23.42 -44.59 25.35
N THR A 75 -23.17 -45.01 24.12
CA THR A 75 -23.57 -44.27 22.90
C THR A 75 -24.50 -45.09 22.02
N SER A 76 -24.85 -44.62 20.80
CA SER A 76 -25.74 -45.40 19.92
C SER A 76 -25.05 -45.99 18.67
N LEU A 77 -24.83 -47.30 18.69
CA LEU A 77 -24.14 -47.91 17.58
C LEU A 77 -24.88 -47.74 16.31
N ASP A 78 -26.17 -48.09 16.35
CA ASP A 78 -27.04 -47.84 15.21
C ASP A 78 -26.93 -46.41 14.62
N ARG A 79 -26.79 -45.40 15.47
CA ARG A 79 -26.78 -44.04 14.95
C ARG A 79 -25.46 -43.78 14.21
N TYR A 80 -24.35 -44.28 14.76
CA TYR A 80 -22.98 -43.97 14.25
C TYR A 80 -22.08 -45.09 13.60
N LYS A 81 -22.49 -46.33 13.46
CA LYS A 81 -21.51 -47.26 12.82
C LYS A 81 -21.49 -47.25 11.28
N GLY A 82 -20.28 -47.27 10.72
CA GLY A 82 -20.13 -47.62 9.33
C GLY A 82 -20.57 -49.03 9.10
N ARG A 83 -21.41 -49.24 8.12
CA ARG A 83 -21.87 -50.60 7.80
C ARG A 83 -21.38 -51.08 6.48
N CYS A 84 -21.15 -52.38 6.36
CA CYS A 84 -21.01 -52.94 5.03
C CYS A 84 -22.35 -53.51 4.60
N TYR A 85 -22.92 -52.95 3.53
CA TYR A 85 -24.32 -53.19 3.06
C TYR A 85 -24.46 -54.01 1.76
N GLU A 86 -23.35 -54.26 1.07
CA GLU A 86 -23.33 -54.98 -0.21
C GLU A 86 -21.92 -55.49 -0.41
N ILE A 87 -21.82 -56.78 -0.80
CA ILE A 87 -20.62 -57.42 -1.33
C ILE A 87 -20.90 -57.79 -2.78
N GLU A 88 -19.97 -57.48 -3.69
CA GLU A 88 -20.15 -57.88 -5.08
C GLU A 88 -19.01 -58.77 -5.53
N PRO A 89 -19.33 -59.99 -6.01
CA PRO A 89 -18.29 -60.89 -6.47
C PRO A 89 -17.54 -60.31 -7.65
N VAL A 90 -16.22 -60.47 -7.70
CA VAL A 90 -15.36 -59.95 -8.79
C VAL A 90 -14.54 -61.11 -9.47
N PRO A 91 -14.54 -61.20 -10.82
CA PRO A 91 -13.92 -62.30 -11.61
C PRO A 91 -12.57 -62.84 -11.05
N GLY A 92 -12.46 -64.16 -10.87
CA GLY A 92 -11.20 -64.81 -10.37
C GLY A 92 -11.19 -65.49 -8.98
N GLU A 93 -10.06 -66.11 -8.61
CA GLU A 93 -9.95 -66.82 -7.33
C GLU A 93 -8.56 -66.83 -6.73
N ASP A 94 -8.03 -65.74 -6.16
CA ASP A 94 -8.61 -64.38 -5.88
C ASP A 94 -9.74 -64.22 -4.86
N ASN A 95 -10.99 -64.53 -5.22
CA ASN A 95 -12.12 -64.45 -4.31
C ASN A 95 -12.16 -62.99 -3.90
N GLN A 96 -11.89 -62.16 -4.90
CA GLN A 96 -11.86 -60.73 -4.71
C GLN A 96 -13.29 -60.30 -4.80
N PHE A 97 -13.58 -59.15 -4.23
CA PHE A 97 -14.95 -58.67 -4.25
C PHE A 97 -15.02 -57.21 -3.96
N ILE A 98 -16.21 -56.67 -4.17
CA ILE A 98 -16.48 -55.27 -3.94
C ILE A 98 -17.47 -55.09 -2.80
N ALA A 99 -16.95 -54.45 -1.76
CA ALA A 99 -17.65 -54.27 -0.53
C ALA A 99 -18.04 -52.81 -0.29
N TYR A 100 -19.33 -52.66 -0.02
CA TYR A 100 -20.00 -51.40 -0.13
C TYR A 100 -20.24 -50.95 1.27
N VAL A 101 -19.73 -49.77 1.58
CA VAL A 101 -19.70 -49.29 2.93
C VAL A 101 -20.30 -47.88 3.08
N ALA A 102 -21.19 -47.75 4.04
CA ALA A 102 -21.94 -46.53 4.31
C ALA A 102 -21.54 -45.92 5.63
N TYR A 103 -20.95 -44.74 5.63
CA TYR A 103 -20.60 -44.20 6.92
C TYR A 103 -21.50 -43.01 7.14
N PRO A 104 -22.06 -42.86 8.31
CA PRO A 104 -22.88 -41.67 8.51
C PRO A 104 -22.11 -40.35 8.57
N LEU A 105 -22.75 -39.30 8.05
CA LEU A 105 -22.37 -37.85 8.25
C LEU A 105 -21.78 -37.49 9.51
N ASP A 106 -22.34 -38.04 10.57
CA ASP A 106 -21.97 -37.60 11.87
C ASP A 106 -20.54 -37.88 12.31
N LEU A 107 -20.03 -38.98 11.72
CA LEU A 107 -18.59 -39.37 11.80
C LEU A 107 -17.50 -38.41 11.28
N PHE A 108 -17.84 -37.32 10.59
CA PHE A 108 -16.86 -36.59 9.77
C PHE A 108 -16.74 -35.15 10.23
N GLU A 109 -15.51 -34.62 10.34
CA GLU A 109 -15.29 -33.17 10.41
C GLU A 109 -15.69 -32.33 9.12
N GLU A 110 -16.63 -31.38 9.32
CA GLU A 110 -17.15 -30.48 8.27
C GLU A 110 -15.98 -29.74 7.56
N GLY A 111 -15.94 -29.72 6.23
CA GLY A 111 -14.94 -28.96 5.51
C GLY A 111 -13.52 -29.60 5.57
N SER A 112 -13.44 -30.91 5.78
CA SER A 112 -12.14 -31.46 6.20
C SER A 112 -11.69 -32.80 5.55
N VAL A 113 -11.21 -32.73 4.31
CA VAL A 113 -10.71 -33.92 3.61
C VAL A 113 -9.87 -34.81 4.56
N THR A 114 -8.91 -34.20 5.19
CA THR A 114 -8.16 -34.75 6.29
C THR A 114 -8.91 -35.67 7.29
N ASN A 115 -9.99 -35.21 7.90
CA ASN A 115 -10.81 -36.11 8.72
C ASN A 115 -11.44 -37.24 7.84
N MET A 116 -12.09 -36.89 6.73
CA MET A 116 -12.64 -37.94 5.85
C MET A 116 -11.69 -39.10 5.36
N PHE A 117 -10.40 -38.83 5.15
CA PHE A 117 -9.38 -39.79 4.59
C PHE A 117 -8.76 -40.56 5.81
N THR A 118 -8.39 -39.85 6.86
CA THR A 118 -7.96 -40.53 8.09
C THR A 118 -8.87 -41.69 8.48
N SER A 119 -10.11 -41.61 8.07
CA SER A 119 -11.00 -42.43 8.76
C SER A 119 -11.36 -43.62 7.87
N ILE A 120 -12.00 -43.33 6.75
CA ILE A 120 -12.28 -44.33 5.75
C ILE A 120 -10.99 -44.99 5.22
N VAL A 121 -9.83 -44.30 5.33
CA VAL A 121 -8.53 -44.92 4.94
C VAL A 121 -7.37 -44.89 5.93
N GLY A 122 -7.60 -44.42 7.17
CA GLY A 122 -6.53 -44.59 8.19
C GLY A 122 -5.74 -45.89 8.41
N ASN A 123 -6.39 -47.06 8.39
CA ASN A 123 -5.82 -48.24 9.13
C ASN A 123 -6.07 -49.57 8.45
N VAL A 124 -7.29 -49.69 7.99
CA VAL A 124 -7.85 -50.87 7.39
C VAL A 124 -7.01 -51.63 6.32
N PHE A 125 -6.29 -50.90 5.45
CA PHE A 125 -5.37 -51.43 4.42
C PHE A 125 -4.23 -52.28 4.97
N GLY A 126 -3.98 -52.22 6.30
CA GLY A 126 -2.91 -52.90 7.12
C GLY A 126 -3.37 -54.15 7.90
N PHE A 127 -4.64 -54.45 7.88
CA PHE A 127 -5.15 -55.71 8.32
C PHE A 127 -4.40 -56.86 7.75
N LYS A 128 -3.65 -57.56 8.61
CA LYS A 128 -3.01 -58.82 8.25
C LYS A 128 -4.01 -59.73 7.61
N ALA A 129 -5.27 -59.41 7.85
CA ALA A 129 -6.34 -60.31 7.48
C ALA A 129 -6.85 -60.10 6.06
N LEU A 130 -6.12 -59.29 5.36
CA LEU A 130 -6.40 -59.26 3.95
C LEU A 130 -5.07 -59.54 3.29
N ARG A 131 -5.10 -60.03 2.05
CA ARG A 131 -3.92 -59.76 1.14
C ARG A 131 -3.93 -58.26 0.78
N ALA A 132 -5.00 -57.77 0.19
CA ALA A 132 -4.88 -56.41 -0.18
C ALA A 132 -6.29 -55.74 -0.25
N LEU A 133 -6.30 -54.48 -0.67
CA LEU A 133 -7.45 -53.63 -0.46
C LEU A 133 -7.35 -52.30 -1.21
N ARG A 134 -8.33 -52.04 -2.05
CA ARG A 134 -8.36 -50.75 -2.69
C ARG A 134 -9.72 -49.98 -2.68
N LEU A 135 -9.59 -48.73 -2.19
CA LEU A 135 -10.59 -47.71 -2.29
C LEU A 135 -10.74 -47.25 -3.74
N GLU A 136 -11.87 -47.59 -4.35
N GLU A 136 -11.89 -47.60 -4.33
CA GLU A 136 -12.06 -47.25 -5.73
CA GLU A 136 -12.20 -47.46 -5.78
C GLU A 136 -12.75 -45.89 -5.92
C GLU A 136 -13.26 -46.37 -6.15
N ASP A 137 -13.80 -45.65 -5.15
CA ASP A 137 -14.72 -44.53 -5.36
C ASP A 137 -15.44 -44.19 -4.03
N LEU A 138 -15.89 -42.94 -3.84
CA LEU A 138 -16.57 -42.51 -2.57
C LEU A 138 -17.71 -41.62 -2.95
N ARG A 139 -18.93 -42.02 -2.62
CA ARG A 139 -20.04 -41.10 -2.81
C ARG A 139 -19.97 -40.05 -1.75
N ILE A 140 -19.44 -38.88 -2.13
CA ILE A 140 -19.63 -37.66 -1.30
CA ILE A 140 -19.61 -37.66 -1.30
C ILE A 140 -21.10 -37.20 -1.24
N PRO A 141 -21.79 -37.46 -0.11
CA PRO A 141 -23.19 -37.00 -0.08
C PRO A 141 -23.20 -35.46 -0.21
N TYR A 142 -24.20 -34.85 -0.86
CA TYR A 142 -24.17 -33.35 -1.06
C TYR A 142 -24.22 -32.50 0.19
N ALA A 143 -24.89 -33.03 1.17
CA ALA A 143 -25.01 -32.34 2.46
C ALA A 143 -23.62 -32.16 3.08
N TYR A 144 -22.74 -33.15 2.83
CA TYR A 144 -21.28 -33.05 3.03
C TYR A 144 -20.61 -32.07 2.07
N VAL A 145 -20.91 -32.11 0.75
CA VAL A 145 -20.26 -31.12 -0.17
C VAL A 145 -20.45 -29.76 0.39
N LYS A 146 -21.67 -29.44 0.77
CA LYS A 146 -22.02 -28.08 1.14
C LYS A 146 -21.18 -27.52 2.29
N THR A 147 -20.29 -28.33 2.90
CA THR A 147 -19.59 -27.85 4.09
C THR A 147 -18.20 -27.32 3.64
N PHE A 148 -17.98 -27.32 2.33
CA PHE A 148 -16.66 -27.16 1.67
C PHE A 148 -16.77 -25.89 0.84
N GLN A 149 -15.67 -25.14 0.77
CA GLN A 149 -15.52 -24.04 -0.18
C GLN A 149 -15.24 -24.65 -1.54
N GLY A 150 -14.32 -25.64 -1.57
CA GLY A 150 -13.82 -26.30 -2.82
C GLY A 150 -12.88 -25.38 -3.55
N PRO A 151 -12.89 -25.35 -4.93
CA PRO A 151 -11.99 -24.42 -5.69
C PRO A 151 -12.24 -22.95 -5.35
N PRO A 152 -11.21 -22.14 -5.17
CA PRO A 152 -11.46 -20.74 -4.90
C PRO A 152 -12.20 -19.95 -6.05
N HIS A 153 -12.36 -20.48 -7.27
CA HIS A 153 -13.03 -19.75 -8.48
C HIS A 153 -13.81 -20.65 -9.34
N GLY A 154 -13.15 -21.64 -9.91
CA GLY A 154 -13.85 -22.66 -10.63
C GLY A 154 -13.78 -22.44 -12.12
N ILE A 155 -14.39 -23.29 -12.92
CA ILE A 155 -14.08 -23.23 -14.36
C ILE A 155 -14.54 -21.89 -14.97
N GLN A 156 -15.86 -21.67 -14.92
CA GLN A 156 -16.45 -20.37 -15.26
C GLN A 156 -15.70 -19.13 -14.78
N VAL A 157 -15.50 -19.06 -13.49
CA VAL A 157 -14.77 -17.90 -12.97
C VAL A 157 -13.38 -17.81 -13.56
N GLU A 158 -12.66 -18.90 -13.81
CA GLU A 158 -11.28 -18.62 -14.31
C GLU A 158 -11.34 -17.92 -15.70
N ARG A 159 -12.28 -18.36 -16.51
CA ARG A 159 -12.34 -17.94 -17.87
C ARG A 159 -12.72 -16.50 -17.96
N ASP A 160 -13.56 -16.01 -17.03
CA ASP A 160 -13.98 -14.62 -16.97
C ASP A 160 -12.84 -13.75 -16.62
N LYS A 161 -12.07 -14.16 -15.61
CA LYS A 161 -10.98 -13.38 -15.09
C LYS A 161 -9.83 -13.21 -16.11
N LEU A 162 -9.54 -14.27 -16.87
CA LEU A 162 -8.50 -14.24 -17.91
C LEU A 162 -9.08 -13.77 -19.23
N ASN A 163 -10.38 -14.04 -19.46
CA ASN A 163 -11.12 -13.55 -20.62
C ASN A 163 -10.85 -14.48 -21.72
N LYS A 164 -10.53 -15.72 -21.37
CA LYS A 164 -10.18 -16.67 -22.38
C LYS A 164 -11.33 -17.62 -22.64
N TYR A 165 -11.76 -17.72 -23.90
CA TYR A 165 -12.88 -18.60 -24.25
C TYR A 165 -12.72 -19.43 -25.51
N GLY A 166 -13.48 -20.53 -25.62
CA GLY A 166 -13.64 -21.29 -26.88
C GLY A 166 -12.59 -22.39 -27.18
N ARG A 167 -11.51 -22.42 -26.40
CA ARG A 167 -10.45 -23.37 -26.64
C ARG A 167 -9.75 -23.89 -25.37
N PRO A 168 -9.05 -25.07 -25.49
CA PRO A 168 -8.28 -25.60 -24.36
C PRO A 168 -7.16 -24.63 -24.01
N LEU A 169 -6.64 -24.67 -22.79
CA LEU A 169 -5.64 -23.72 -22.46
C LEU A 169 -4.25 -24.31 -22.59
N LEU A 170 -3.22 -23.45 -22.56
CA LEU A 170 -1.92 -23.94 -22.94
C LEU A 170 -0.83 -23.63 -21.99
N GLY A 171 -0.19 -24.65 -21.40
CA GLY A 171 0.90 -24.40 -20.47
C GLY A 171 2.15 -25.18 -20.89
N CYS A 172 3.28 -24.79 -20.29
CA CYS A 172 4.59 -25.38 -20.50
C CYS A 172 5.33 -25.27 -19.18
N THR A 173 5.55 -26.43 -18.54
CA THR A 173 6.52 -26.51 -17.40
C THR A 173 7.97 -26.34 -17.84
N ILE A 174 8.76 -25.47 -17.20
CA ILE A 174 10.10 -25.11 -17.66
C ILE A 174 11.16 -26.21 -17.32
N LYS A 175 12.19 -26.28 -18.14
CA LYS A 175 13.24 -27.25 -17.99
C LYS A 175 14.58 -26.61 -18.15
N PRO A 176 15.64 -27.25 -17.67
CA PRO A 176 15.53 -28.57 -16.99
C PRO A 176 14.68 -28.45 -15.68
N LYS A 177 13.89 -29.45 -15.26
CA LYS A 177 13.07 -29.39 -13.99
C LYS A 177 13.78 -28.56 -12.88
N LEU A 178 15.07 -28.90 -12.70
CA LEU A 178 15.95 -28.23 -11.74
C LEU A 178 17.30 -27.74 -12.26
N GLY A 179 17.86 -26.68 -11.66
CA GLY A 179 19.24 -26.26 -12.05
C GLY A 179 19.38 -24.93 -12.77
N LEU A 180 18.24 -24.35 -13.10
CA LEU A 180 18.14 -23.06 -13.75
C LEU A 180 18.17 -21.93 -12.67
N SER A 181 18.84 -20.80 -12.96
CA SER A 181 18.68 -19.48 -12.32
C SER A 181 17.29 -18.69 -12.40
N ALA A 182 16.97 -17.85 -11.39
CA ALA A 182 15.76 -16.96 -11.33
C ALA A 182 15.59 -16.13 -12.60
N LYS A 183 16.62 -15.30 -12.87
CA LYS A 183 16.78 -14.66 -14.16
C LYS A 183 16.73 -15.61 -15.39
N ASN A 184 17.27 -16.83 -15.33
CA ASN A 184 17.23 -17.74 -16.49
C ASN A 184 15.84 -18.29 -16.68
N TYR A 185 15.14 -18.45 -15.56
CA TYR A 185 13.76 -18.96 -15.54
C TYR A 185 12.91 -18.03 -16.34
N GLY A 186 12.85 -16.77 -15.91
CA GLY A 186 11.86 -15.87 -16.53
C GLY A 186 12.27 -15.34 -17.93
N ARG A 187 13.56 -15.46 -18.27
CA ARG A 187 14.01 -15.59 -19.68
C ARG A 187 13.19 -16.67 -20.40
N ALA A 188 13.06 -17.85 -19.84
CA ALA A 188 12.42 -18.97 -20.63
C ALA A 188 10.91 -18.78 -20.72
N VAL A 189 10.45 -17.91 -19.80
CA VAL A 189 9.06 -17.86 -19.39
C VAL A 189 8.58 -16.82 -20.34
N TYR A 190 9.31 -15.71 -20.42
CA TYR A 190 9.02 -14.62 -21.38
C TYR A 190 9.08 -15.15 -22.84
N GLU A 191 10.11 -15.90 -23.21
CA GLU A 191 10.19 -16.32 -24.63
C GLU A 191 9.03 -17.29 -24.94
N CYS A 192 8.59 -17.93 -23.90
CA CYS A 192 7.45 -18.85 -23.98
C CYS A 192 6.04 -18.28 -24.13
N LEU A 193 5.81 -17.27 -23.30
CA LEU A 193 4.49 -16.67 -23.15
C LEU A 193 4.16 -15.79 -24.32
N ARG A 194 5.18 -15.17 -24.90
CA ARG A 194 5.09 -14.23 -25.99
C ARG A 194 4.82 -14.97 -27.30
N GLY A 195 5.31 -16.21 -27.34
CA GLY A 195 5.07 -17.03 -28.56
C GLY A 195 3.64 -17.57 -28.69
N GLY A 196 2.86 -17.30 -27.68
CA GLY A 196 1.46 -17.77 -27.66
C GLY A 196 0.92 -18.69 -26.57
N LEU A 197 1.71 -19.02 -25.52
CA LEU A 197 1.15 -19.85 -24.38
C LEU A 197 0.31 -19.02 -23.43
N ASP A 198 -0.79 -19.59 -22.96
CA ASP A 198 -1.63 -18.95 -21.97
C ASP A 198 -0.76 -18.95 -20.70
N PHE A 199 -0.20 -20.11 -20.33
CA PHE A 199 0.65 -20.18 -19.11
C PHE A 199 2.04 -20.74 -19.36
N THR A 200 2.99 -20.24 -18.55
CA THR A 200 4.09 -21.11 -18.06
C THR A 200 3.93 -21.66 -16.55
N LYS A 201 4.76 -22.66 -16.19
CA LYS A 201 4.91 -23.13 -14.77
C LYS A 201 6.27 -23.46 -14.17
N ASP A 202 6.34 -23.35 -12.83
CA ASP A 202 7.35 -24.03 -12.04
C ASP A 202 7.08 -25.53 -12.21
N ASP A 203 8.14 -26.32 -12.40
CA ASP A 203 8.06 -27.82 -12.28
C ASP A 203 7.59 -28.10 -10.87
N GLU A 204 7.06 -29.31 -10.58
CA GLU A 204 6.69 -29.69 -9.18
C GLU A 204 7.83 -29.48 -8.18
N ASN A 205 9.04 -29.88 -8.62
CA ASN A 205 10.34 -29.96 -7.90
C ASN A 205 10.80 -28.61 -7.44
N VAL A 206 10.51 -27.55 -8.16
CA VAL A 206 11.05 -26.27 -7.78
C VAL A 206 10.19 -25.59 -6.73
N ASN A 207 10.81 -25.13 -5.65
CA ASN A 207 10.14 -24.37 -4.62
C ASN A 207 11.14 -23.24 -4.37
N SER A 208 12.02 -23.41 -3.39
CA SER A 208 13.27 -22.56 -3.31
C SER A 208 14.57 -23.35 -2.93
N GLN A 209 15.59 -23.44 -3.77
CA GLN A 209 16.79 -24.23 -3.48
C GLN A 209 18.04 -23.37 -3.54
N PRO A 210 19.24 -23.97 -3.22
CA PRO A 210 20.52 -23.29 -3.53
C PRO A 210 20.73 -22.58 -4.89
N PHE A 211 20.29 -23.24 -5.96
CA PHE A 211 20.54 -22.65 -7.30
C PHE A 211 19.53 -21.53 -7.58
N MET A 212 18.47 -21.52 -6.79
CA MET A 212 17.39 -20.56 -7.07
C MET A 212 16.32 -20.42 -5.99
N ARG A 213 16.42 -19.28 -5.33
CA ARG A 213 15.62 -18.92 -4.19
C ARG A 213 14.36 -18.35 -4.78
N TRP A 214 13.23 -18.76 -4.26
CA TRP A 214 11.97 -18.39 -4.85
C TRP A 214 11.68 -16.93 -5.18
N ARG A 215 11.73 -16.04 -4.21
CA ARG A 215 11.41 -14.67 -4.41
C ARG A 215 12.19 -14.03 -5.53
N ASP A 216 13.43 -14.48 -5.84
CA ASP A 216 14.14 -13.95 -7.00
C ASP A 216 13.36 -14.52 -8.21
N ARG A 217 12.96 -15.78 -8.13
CA ARG A 217 12.19 -16.35 -9.22
C ARG A 217 10.86 -15.58 -9.50
N PHE A 218 10.06 -15.47 -8.45
CA PHE A 218 8.81 -14.77 -8.48
C PHE A 218 8.95 -13.43 -9.17
N LEU A 219 10.08 -12.73 -8.94
N LEU A 219 10.06 -12.70 -8.98
CA LEU A 219 10.44 -11.42 -9.51
CA LEU A 219 10.27 -11.38 -9.59
C LEU A 219 10.72 -11.38 -11.02
C LEU A 219 10.73 -11.34 -11.07
N PHE A 220 11.52 -12.34 -11.50
CA PHE A 220 11.96 -12.39 -12.87
C PHE A 220 10.83 -12.98 -13.63
N CYS A 221 9.99 -13.77 -12.97
CA CYS A 221 8.76 -14.26 -13.66
C CYS A 221 7.73 -13.22 -13.91
N ALA A 222 7.62 -12.30 -12.98
CA ALA A 222 6.59 -11.25 -13.07
C ALA A 222 6.98 -10.18 -14.09
N GLU A 223 8.19 -9.67 -13.97
CA GLU A 223 8.75 -8.86 -15.08
C GLU A 223 8.43 -9.52 -16.41
N ALA A 224 8.19 -10.82 -16.41
CA ALA A 224 8.11 -11.58 -17.63
C ALA A 224 6.69 -11.96 -17.90
N ILE A 225 5.95 -12.22 -16.85
CA ILE A 225 4.48 -12.22 -17.03
C ILE A 225 4.07 -11.00 -17.85
N TYR A 226 4.50 -9.82 -17.46
CA TYR A 226 3.86 -8.65 -18.08
C TYR A 226 4.45 -8.11 -19.39
N LYS A 227 5.78 -8.03 -19.47
CA LYS A 227 6.45 -7.69 -20.75
C LYS A 227 5.81 -8.45 -21.89
N SER A 228 5.37 -9.67 -21.63
CA SER A 228 4.67 -10.32 -22.74
C SER A 228 3.18 -10.18 -22.86
N GLN A 229 2.46 -10.08 -21.74
CA GLN A 229 1.07 -9.57 -21.85
C GLN A 229 0.87 -8.31 -22.79
N ALA A 230 1.68 -7.26 -22.60
CA ALA A 230 1.53 -6.02 -23.33
C ALA A 230 2.05 -6.14 -24.74
N GLU A 231 3.03 -7.05 -24.95
CA GLU A 231 3.46 -7.47 -26.27
C GLU A 231 2.33 -8.22 -26.98
N THR A 232 1.75 -9.28 -26.41
CA THR A 232 0.74 -10.01 -27.18
C THR A 232 -0.69 -9.42 -27.14
N GLY A 233 -1.01 -8.56 -26.17
CA GLY A 233 -2.37 -8.08 -26.01
C GLY A 233 -3.26 -9.18 -25.42
N GLU A 234 -2.63 -10.22 -24.90
CA GLU A 234 -3.25 -11.45 -24.36
C GLU A 234 -2.89 -11.63 -22.85
N ILE A 235 -3.89 -11.79 -21.96
CA ILE A 235 -3.61 -12.08 -20.50
C ILE A 235 -2.59 -13.23 -20.23
N LYS A 236 -1.54 -12.98 -19.48
CA LYS A 236 -0.52 -14.03 -19.29
C LYS A 236 -0.36 -14.56 -17.76
N GLY A 237 -0.32 -15.89 -17.51
CA GLY A 237 0.12 -16.39 -16.24
C GLY A 237 1.45 -17.13 -16.19
N HIS A 238 2.08 -17.16 -15.00
CA HIS A 238 3.03 -18.28 -14.69
C HIS A 238 2.78 -18.90 -13.33
N TYR A 239 2.21 -20.11 -13.25
CA TYR A 239 2.23 -20.95 -12.04
C TYR A 239 3.45 -20.59 -11.20
N LEU A 240 3.19 -19.81 -10.14
CA LEU A 240 4.11 -19.63 -9.02
C LEU A 240 3.85 -20.68 -7.82
N ASN A 241 4.73 -21.66 -7.68
CA ASN A 241 4.64 -22.65 -6.63
C ASN A 241 4.92 -22.11 -5.24
N ALA A 242 3.86 -22.10 -4.45
CA ALA A 242 3.87 -21.79 -3.05
C ALA A 242 4.34 -22.99 -2.25
N THR A 243 4.33 -24.18 -2.86
CA THR A 243 4.44 -25.49 -2.18
C THR A 243 5.62 -25.38 -1.18
N ALA A 244 5.57 -25.85 0.09
CA ALA A 244 6.71 -25.39 1.01
C ALA A 244 7.05 -26.31 2.18
N GLY A 245 8.03 -25.98 2.99
CA GLY A 245 8.38 -26.84 4.13
C GLY A 245 7.35 -26.74 5.22
N THR A 246 7.03 -25.51 5.54
CA THR A 246 6.14 -25.18 6.58
C THR A 246 5.08 -24.27 6.04
N CYS A 247 3.99 -24.18 6.81
CA CYS A 247 2.82 -23.43 6.39
CA CYS A 247 2.81 -23.41 6.42
C CYS A 247 3.07 -21.91 6.37
N GLU A 248 3.90 -21.42 7.30
CA GLU A 248 4.29 -20.02 7.30
C GLU A 248 4.92 -19.60 5.97
N GLU A 249 5.91 -20.40 5.45
CA GLU A 249 6.67 -20.14 4.17
C GLU A 249 5.67 -20.16 3.00
N MET A 250 4.80 -21.12 3.02
CA MET A 250 3.88 -21.41 1.98
C MET A 250 3.05 -20.12 1.89
N LEU A 251 2.65 -19.58 3.05
CA LEU A 251 1.89 -18.27 3.00
C LEU A 251 2.77 -17.09 2.65
N LYS A 252 4.07 -17.22 2.86
CA LYS A 252 4.94 -16.11 2.52
C LYS A 252 5.06 -15.90 1.00
N ARG A 253 4.75 -16.94 0.23
CA ARG A 253 5.09 -17.02 -1.14
C ARG A 253 3.93 -16.44 -1.97
N ALA A 254 2.72 -16.62 -1.51
CA ALA A 254 1.54 -16.18 -2.29
C ALA A 254 1.09 -14.77 -1.92
N VAL A 255 1.46 -14.40 -0.73
CA VAL A 255 1.46 -12.98 -0.38
C VAL A 255 2.25 -12.11 -1.35
N PHE A 256 3.54 -12.46 -1.59
CA PHE A 256 4.43 -11.77 -2.56
C PHE A 256 3.73 -11.81 -3.92
N ALA A 257 3.22 -12.98 -4.26
CA ALA A 257 2.41 -13.16 -5.47
C ALA A 257 1.23 -12.18 -5.41
N ARG A 258 0.39 -12.27 -4.36
CA ARG A 258 -0.77 -11.32 -4.17
C ARG A 258 -0.26 -9.90 -4.51
N GLU A 259 0.74 -9.52 -3.76
CA GLU A 259 1.45 -8.29 -4.06
C GLU A 259 2.08 -7.94 -5.44
N LEU A 260 2.63 -8.90 -6.22
CA LEU A 260 3.02 -8.57 -7.62
C LEU A 260 1.84 -8.25 -8.61
N GLY A 261 0.61 -8.69 -8.33
CA GLY A 261 -0.59 -8.54 -9.28
C GLY A 261 -0.92 -9.79 -10.11
N VAL A 262 -0.15 -10.84 -9.85
CA VAL A 262 -0.07 -12.07 -10.65
C VAL A 262 -1.28 -12.95 -10.49
N PRO A 263 -1.82 -13.40 -11.56
CA PRO A 263 -3.07 -14.15 -11.66
C PRO A 263 -3.15 -15.50 -11.02
N ILE A 264 -2.00 -16.05 -10.55
CA ILE A 264 -1.99 -17.48 -10.28
C ILE A 264 -0.77 -18.08 -9.53
N VAL A 265 -1.09 -19.11 -8.75
CA VAL A 265 -0.15 -19.77 -7.83
CA VAL A 265 -0.18 -19.77 -7.81
C VAL A 265 -0.37 -21.29 -7.91
N MET A 266 0.60 -22.08 -7.45
CA MET A 266 0.57 -23.54 -7.58
C MET A 266 1.00 -24.21 -6.22
N HIS A 267 0.61 -25.44 -6.03
CA HIS A 267 0.86 -26.23 -4.82
C HIS A 267 0.66 -27.63 -5.22
N ASP A 268 1.65 -28.52 -5.02
CA ASP A 268 1.38 -29.97 -5.05
C ASP A 268 0.59 -30.42 -3.71
N TYR A 269 -0.67 -31.04 -3.73
CA TYR A 269 -1.60 -30.93 -2.58
C TYR A 269 -1.34 -32.12 -1.73
N LEU A 270 -0.81 -33.16 -2.38
CA LEU A 270 -0.56 -34.44 -1.66
C LEU A 270 0.79 -34.58 -0.96
N THR A 271 1.85 -33.91 -1.39
CA THR A 271 3.14 -33.87 -0.64
C THR A 271 3.21 -32.67 0.30
N GLY A 272 2.40 -31.69 -0.05
CA GLY A 272 2.08 -30.66 0.94
C GLY A 272 1.09 -31.07 2.04
N GLY A 273 0.01 -31.74 1.60
CA GLY A 273 -1.01 -32.39 2.46
C GLY A 273 -2.31 -31.56 2.41
N PHE A 274 -3.49 -32.19 2.64
CA PHE A 274 -4.78 -31.56 2.38
C PHE A 274 -5.01 -30.41 3.40
N THR A 275 -4.38 -30.50 4.56
CA THR A 275 -4.43 -29.45 5.56
C THR A 275 -3.76 -28.23 4.95
N ALA A 276 -2.50 -28.42 4.50
CA ALA A 276 -1.78 -27.28 3.93
C ALA A 276 -2.52 -26.71 2.74
N ASN A 277 -3.25 -27.58 2.06
CA ASN A 277 -3.87 -27.22 0.82
C ASN A 277 -5.11 -26.39 0.96
N THR A 278 -5.71 -26.37 2.14
CA THR A 278 -7.12 -26.02 2.30
C THR A 278 -7.06 -24.61 2.78
N THR A 279 -5.88 -24.34 3.34
CA THR A 279 -5.54 -23.06 3.91
CA THR A 279 -5.56 -23.08 3.91
C THR A 279 -5.22 -22.16 2.78
N LEU A 280 -4.44 -22.74 1.87
CA LEU A 280 -4.10 -22.23 0.58
C LEU A 280 -5.28 -21.97 -0.31
N SER A 281 -6.25 -22.89 -0.48
CA SER A 281 -7.39 -22.64 -1.33
C SER A 281 -8.24 -21.59 -0.56
N HIS A 282 -8.10 -21.44 0.77
CA HIS A 282 -8.90 -20.46 1.55
C HIS A 282 -8.36 -19.08 1.37
N TYR A 283 -7.04 -18.96 1.41
CA TYR A 283 -6.31 -17.68 1.17
C TYR A 283 -6.45 -17.17 -0.30
N CYS A 284 -6.19 -18.00 -1.28
CA CYS A 284 -6.49 -17.72 -2.74
C CYS A 284 -7.95 -17.19 -3.04
N ARG A 285 -8.96 -17.68 -2.36
CA ARG A 285 -10.26 -17.07 -2.58
C ARG A 285 -10.35 -15.66 -1.93
N ASP A 286 -9.72 -15.52 -0.76
CA ASP A 286 -9.79 -14.24 -0.06
C ASP A 286 -8.88 -13.24 -0.72
N ASN A 287 -7.89 -13.68 -1.51
CA ASN A 287 -6.89 -12.79 -2.18
C ASN A 287 -6.93 -12.76 -3.72
N GLY A 288 -7.84 -13.55 -4.25
CA GLY A 288 -8.14 -13.48 -5.66
C GLY A 288 -7.18 -14.30 -6.54
N LEU A 289 -6.58 -15.33 -5.95
CA LEU A 289 -5.60 -16.09 -6.68
C LEU A 289 -6.17 -17.42 -7.24
N LEU A 290 -5.96 -17.60 -8.54
CA LEU A 290 -6.15 -18.91 -9.14
C LEU A 290 -5.33 -19.96 -8.50
N LEU A 291 -5.86 -21.18 -8.37
CA LEU A 291 -5.01 -22.22 -7.75
C LEU A 291 -4.70 -23.39 -8.64
N HIS A 292 -3.42 -23.55 -8.91
CA HIS A 292 -3.03 -24.66 -9.77
C HIS A 292 -2.58 -25.92 -9.13
N ILE A 293 -3.29 -27.02 -9.39
CA ILE A 293 -2.74 -28.16 -8.67
C ILE A 293 -1.97 -29.25 -9.46
N HIS A 294 -0.67 -29.47 -9.13
CA HIS A 294 0.04 -30.77 -9.42
C HIS A 294 -0.37 -31.92 -8.48
N ARG A 295 -0.45 -33.14 -9.02
CA ARG A 295 -0.77 -34.24 -8.17
C ARG A 295 0.53 -34.95 -7.90
N ALA A 296 1.64 -34.22 -7.74
CA ALA A 296 2.88 -34.85 -7.38
C ALA A 296 2.74 -35.81 -6.21
N MET A 297 3.32 -36.99 -6.46
CA MET A 297 3.38 -38.18 -5.59
C MET A 297 2.21 -39.14 -5.75
N HIS A 298 1.24 -38.87 -6.63
CA HIS A 298 0.04 -39.76 -6.77
C HIS A 298 0.34 -41.21 -7.09
N ALA A 299 0.94 -41.46 -8.26
CA ALA A 299 1.12 -42.88 -8.71
C ALA A 299 1.65 -43.88 -7.67
N VAL A 300 2.32 -43.37 -6.64
CA VAL A 300 2.67 -44.11 -5.42
C VAL A 300 1.43 -44.66 -4.75
N ILE A 301 0.41 -43.82 -4.60
CA ILE A 301 -0.88 -44.15 -4.02
C ILE A 301 -1.69 -44.94 -5.08
N ASP A 302 -1.71 -44.48 -6.37
CA ASP A 302 -2.76 -44.91 -7.32
C ASP A 302 -2.48 -45.93 -8.40
N ARG A 303 -1.21 -46.29 -8.61
CA ARG A 303 -0.86 -47.05 -9.80
C ARG A 303 -1.50 -48.41 -9.86
N GLN A 304 -1.62 -49.17 -8.74
CA GLN A 304 -1.92 -50.64 -8.92
C GLN A 304 -3.39 -50.99 -8.92
N LYS A 305 -3.84 -52.03 -9.64
CA LYS A 305 -5.26 -52.48 -9.56
C LYS A 305 -5.75 -53.13 -8.22
N ASN A 306 -4.82 -53.71 -7.42
CA ASN A 306 -5.30 -54.45 -6.27
C ASN A 306 -5.19 -53.77 -4.91
N HIS A 307 -4.54 -52.60 -4.89
CA HIS A 307 -4.17 -51.94 -3.65
C HIS A 307 -3.82 -50.50 -3.76
N GLY A 308 -4.65 -49.71 -3.16
CA GLY A 308 -4.38 -48.30 -3.13
C GLY A 308 -5.62 -47.49 -2.96
N MET A 309 -5.54 -46.34 -3.63
CA MET A 309 -6.62 -45.40 -3.73
CA MET A 309 -6.64 -45.44 -3.75
C MET A 309 -6.70 -44.98 -5.22
N HIS A 310 -7.79 -45.29 -5.92
CA HIS A 310 -7.95 -44.89 -7.33
C HIS A 310 -7.75 -43.41 -7.40
N PHE A 311 -7.05 -42.93 -8.42
CA PHE A 311 -7.05 -41.51 -8.63
C PHE A 311 -8.44 -40.79 -8.39
N ARG A 312 -9.56 -41.49 -8.49
CA ARG A 312 -10.81 -40.73 -8.61
C ARG A 312 -11.20 -40.21 -7.24
N VAL A 313 -10.79 -40.92 -6.19
CA VAL A 313 -11.02 -40.47 -4.85
C VAL A 313 -10.16 -39.22 -4.72
N LEU A 314 -8.85 -39.41 -5.06
CA LEU A 314 -7.89 -38.26 -5.00
C LEU A 314 -8.25 -37.00 -5.74
N ALA A 315 -9.11 -37.12 -6.73
CA ALA A 315 -9.60 -35.96 -7.48
C ALA A 315 -10.90 -35.43 -6.85
N LYS A 316 -11.78 -36.29 -6.37
CA LYS A 316 -12.91 -35.73 -5.48
C LYS A 316 -12.33 -35.05 -4.33
N ALA A 317 -11.33 -35.67 -3.73
CA ALA A 317 -10.89 -35.00 -2.54
C ALA A 317 -10.24 -33.65 -2.77
N LEU A 318 -9.83 -33.38 -4.02
CA LEU A 318 -9.04 -32.15 -4.31
C LEU A 318 -10.10 -31.11 -4.55
N ARG A 319 -11.18 -31.55 -5.22
CA ARG A 319 -12.32 -30.68 -5.49
C ARG A 319 -12.94 -30.03 -4.24
N LEU A 320 -12.86 -30.68 -3.10
CA LEU A 320 -13.50 -30.08 -1.98
C LEU A 320 -12.49 -29.33 -1.16
N SER A 321 -11.22 -29.79 -1.20
CA SER A 321 -10.10 -29.09 -0.57
C SER A 321 -9.88 -27.74 -1.22
N GLY A 322 -9.77 -27.85 -2.53
CA GLY A 322 -10.03 -26.76 -3.40
C GLY A 322 -8.89 -26.60 -4.34
N GLY A 323 -9.19 -26.30 -5.60
CA GLY A 323 -8.19 -25.92 -6.59
C GLY A 323 -8.70 -25.61 -7.99
N ASP A 324 -8.09 -24.65 -8.68
CA ASP A 324 -8.59 -24.27 -10.01
C ASP A 324 -8.33 -25.25 -11.14
N HIS A 325 -7.21 -25.96 -11.01
CA HIS A 325 -6.68 -26.85 -12.03
C HIS A 325 -6.10 -28.02 -11.25
N ILE A 326 -6.14 -29.22 -11.83
CA ILE A 326 -5.59 -30.49 -11.27
C ILE A 326 -5.09 -31.27 -12.45
N HIS A 327 -3.94 -31.94 -12.35
CA HIS A 327 -3.49 -32.71 -13.50
C HIS A 327 -4.32 -33.89 -13.51
N ALA A 328 -4.53 -34.46 -14.69
CA ALA A 328 -5.66 -35.30 -14.85
C ALA A 328 -5.21 -36.51 -15.65
N GLY A 329 -3.98 -36.50 -16.13
CA GLY A 329 -3.45 -37.57 -17.00
C GLY A 329 -3.27 -36.99 -18.39
N THR A 330 -2.44 -37.59 -19.27
CA THR A 330 -2.46 -37.27 -20.75
C THR A 330 -3.10 -38.27 -21.71
N VAL A 331 -3.47 -39.42 -21.18
CA VAL A 331 -3.86 -40.63 -21.95
C VAL A 331 -2.81 -41.16 -22.96
N VAL A 332 -2.67 -40.44 -24.07
CA VAL A 332 -1.68 -40.74 -25.13
C VAL A 332 -0.21 -40.38 -24.73
N GLY A 333 0.04 -40.14 -23.44
CA GLY A 333 1.34 -39.68 -22.99
C GLY A 333 2.35 -40.66 -22.39
N LYS A 334 3.31 -40.09 -21.70
CA LYS A 334 4.38 -40.85 -21.03
C LYS A 334 3.95 -41.35 -19.65
N LEU A 335 2.96 -40.69 -19.06
CA LEU A 335 2.38 -41.13 -17.82
C LEU A 335 1.13 -41.98 -18.13
N GLU A 336 0.81 -42.94 -17.26
CA GLU A 336 -0.27 -43.86 -17.58
C GLU A 336 -1.59 -43.17 -17.21
N GLY A 337 -2.72 -43.76 -17.65
CA GLY A 337 -4.10 -43.25 -17.59
C GLY A 337 -4.86 -43.73 -18.82
N GLU A 338 -5.71 -44.77 -18.69
CA GLU A 338 -6.53 -45.31 -19.81
C GLU A 338 -7.77 -44.42 -20.10
N ARG A 339 -8.22 -44.38 -21.37
CA ARG A 339 -9.23 -43.47 -21.89
C ARG A 339 -10.52 -43.43 -21.10
N GLU A 340 -11.19 -44.59 -21.01
CA GLU A 340 -12.54 -44.61 -20.46
C GLU A 340 -12.51 -44.17 -19.03
N ILE A 341 -11.53 -44.69 -18.30
CA ILE A 341 -11.43 -44.39 -16.87
C ILE A 341 -11.10 -42.93 -16.69
N THR A 342 -10.44 -42.35 -17.69
CA THR A 342 -9.98 -40.97 -17.56
C THR A 342 -11.14 -39.99 -17.84
N LEU A 343 -12.01 -40.41 -18.75
CA LEU A 343 -13.18 -39.65 -19.12
C LEU A 343 -14.12 -39.55 -17.92
N GLY A 344 -14.02 -40.54 -17.07
CA GLY A 344 -14.86 -40.57 -15.87
C GLY A 344 -14.51 -39.49 -14.87
N PHE A 345 -13.23 -39.32 -14.52
CA PHE A 345 -12.88 -38.45 -13.38
C PHE A 345 -12.77 -37.01 -13.78
N VAL A 346 -12.74 -36.79 -15.10
CA VAL A 346 -12.78 -35.44 -15.74
C VAL A 346 -14.22 -34.88 -15.61
N ASP A 347 -15.22 -35.74 -15.48
CA ASP A 347 -16.52 -35.14 -15.42
C ASP A 347 -16.84 -34.96 -13.96
N LEU A 348 -16.26 -35.89 -13.16
CA LEU A 348 -16.29 -35.77 -11.71
C LEU A 348 -15.58 -34.52 -11.30
N LEU A 349 -14.52 -34.12 -11.98
CA LEU A 349 -13.86 -32.84 -11.61
C LEU A 349 -14.65 -31.62 -12.03
N ARG A 350 -15.56 -31.85 -12.96
CA ARG A 350 -15.99 -30.81 -13.85
C ARG A 350 -17.45 -30.52 -13.63
N ASP A 351 -18.27 -31.55 -13.86
CA ASP A 351 -19.72 -31.51 -13.77
C ASP A 351 -20.41 -31.41 -12.42
N ASP A 352 -21.69 -31.04 -12.47
CA ASP A 352 -22.47 -30.79 -11.29
C ASP A 352 -23.14 -32.05 -10.70
N TYR A 353 -23.38 -32.96 -11.62
CA TYR A 353 -24.02 -34.22 -11.38
C TYR A 353 -23.38 -35.30 -12.26
N ILE A 354 -23.11 -36.46 -11.72
CA ILE A 354 -22.38 -37.48 -12.51
C ILE A 354 -23.06 -38.81 -12.20
N LYS A 355 -23.57 -39.41 -13.25
CA LYS A 355 -24.31 -40.67 -13.11
C LYS A 355 -23.41 -41.91 -13.07
N LYS A 356 -23.76 -42.84 -12.18
CA LYS A 356 -23.20 -44.11 -12.02
C LYS A 356 -22.83 -44.57 -13.38
N ASP A 357 -21.51 -44.83 -13.53
CA ASP A 357 -20.97 -45.40 -14.74
C ASP A 357 -19.77 -46.41 -14.61
N ARG A 358 -20.16 -47.61 -14.48
CA ARG A 358 -19.26 -48.73 -14.18
C ARG A 358 -18.15 -49.01 -15.22
N SER A 359 -18.50 -48.88 -16.50
CA SER A 359 -17.60 -49.01 -17.61
C SER A 359 -16.50 -47.94 -17.67
N ARG A 360 -16.77 -46.73 -17.10
CA ARG A 360 -15.72 -45.71 -16.86
C ARG A 360 -15.26 -45.76 -15.41
N GLY A 361 -15.88 -46.62 -14.62
CA GLY A 361 -15.53 -46.70 -13.20
C GLY A 361 -16.10 -45.70 -12.20
N ILE A 362 -17.18 -45.04 -12.55
CA ILE A 362 -17.93 -44.18 -11.62
C ILE A 362 -18.79 -45.15 -10.78
N TYR A 363 -18.49 -45.47 -9.52
CA TYR A 363 -19.35 -46.50 -8.94
C TYR A 363 -20.58 -45.87 -8.32
N PHE A 364 -20.60 -44.53 -8.19
CA PHE A 364 -21.67 -43.83 -7.50
C PHE A 364 -22.10 -42.60 -8.25
N THR A 365 -23.42 -42.44 -8.35
CA THR A 365 -24.01 -41.16 -8.76
C THR A 365 -23.45 -40.13 -7.81
N GLN A 366 -22.84 -39.10 -8.40
CA GLN A 366 -22.17 -37.96 -7.74
C GLN A 366 -22.75 -36.58 -8.12
N ASP A 367 -23.40 -36.01 -7.11
CA ASP A 367 -23.99 -34.68 -7.20
C ASP A 367 -23.07 -33.72 -6.42
N TRP A 368 -22.76 -32.57 -6.99
CA TRP A 368 -21.82 -31.57 -6.35
C TRP A 368 -22.52 -30.29 -5.98
N VAL A 369 -23.81 -30.30 -6.27
CA VAL A 369 -24.80 -29.23 -5.90
CA VAL A 369 -24.79 -29.20 -5.90
C VAL A 369 -24.08 -27.84 -5.92
N SER A 370 -23.65 -27.40 -7.12
CA SER A 370 -23.10 -26.04 -7.28
CA SER A 370 -23.11 -26.05 -7.33
C SER A 370 -21.66 -25.84 -6.81
N LEU A 371 -20.94 -26.88 -6.42
CA LEU A 371 -19.51 -26.62 -6.10
C LEU A 371 -18.75 -26.16 -7.39
N PRO A 372 -17.87 -25.12 -7.40
CA PRO A 372 -17.17 -24.90 -8.69
C PRO A 372 -16.45 -26.16 -9.28
N GLY A 373 -16.26 -26.24 -10.62
CA GLY A 373 -15.47 -27.39 -11.31
C GLY A 373 -13.98 -27.07 -11.36
N VAL A 374 -13.06 -28.10 -11.54
CA VAL A 374 -11.65 -27.82 -11.47
C VAL A 374 -11.31 -28.06 -12.94
N ILE A 375 -10.34 -27.32 -13.47
CA ILE A 375 -10.06 -27.60 -14.87
C ILE A 375 -8.93 -28.68 -14.88
N PRO A 376 -9.18 -29.82 -15.53
CA PRO A 376 -8.16 -30.84 -15.72
C PRO A 376 -6.96 -30.38 -16.52
N VAL A 377 -5.80 -30.67 -15.98
CA VAL A 377 -4.63 -30.40 -16.72
C VAL A 377 -3.94 -31.61 -17.37
N ALA A 378 -3.82 -31.51 -18.72
CA ALA A 378 -3.21 -32.56 -19.38
C ALA A 378 -1.74 -32.12 -19.64
N SER A 379 -0.84 -33.09 -19.73
CA SER A 379 0.60 -32.82 -19.54
C SER A 379 1.25 -34.15 -19.28
N GLY A 380 2.07 -34.64 -20.22
CA GLY A 380 2.97 -35.75 -19.92
C GLY A 380 3.61 -36.38 -21.14
N GLY A 381 4.73 -35.83 -21.58
CA GLY A 381 5.37 -36.29 -22.83
C GLY A 381 4.51 -36.23 -24.07
N ILE A 382 3.49 -35.34 -24.08
CA ILE A 382 2.78 -35.08 -25.33
C ILE A 382 3.44 -33.96 -26.14
N HIS A 383 3.06 -33.87 -27.42
CA HIS A 383 3.59 -32.86 -28.36
C HIS A 383 2.58 -32.53 -29.44
N VAL A 384 3.00 -31.85 -30.50
CA VAL A 384 2.10 -31.42 -31.58
CA VAL A 384 2.09 -31.43 -31.60
C VAL A 384 1.11 -32.47 -32.18
N TRP A 385 1.56 -33.71 -32.51
CA TRP A 385 0.59 -34.73 -33.14
C TRP A 385 -0.54 -35.29 -32.28
N HIS A 386 -0.42 -35.14 -30.95
CA HIS A 386 -1.38 -35.64 -29.96
C HIS A 386 -2.53 -34.67 -29.76
N MET A 387 -2.51 -33.55 -30.48
CA MET A 387 -3.37 -32.41 -30.14
C MET A 387 -4.86 -32.55 -30.48
N PRO A 388 -5.21 -33.37 -31.51
CA PRO A 388 -6.63 -33.70 -31.72
C PRO A 388 -7.10 -34.82 -30.82
N ALA A 389 -6.19 -35.74 -30.49
CA ALA A 389 -6.46 -36.65 -29.39
C ALA A 389 -6.78 -35.81 -28.12
N LEU A 390 -5.87 -34.93 -27.68
CA LEU A 390 -6.12 -33.95 -26.61
C LEU A 390 -7.43 -33.08 -26.70
N THR A 391 -7.73 -32.51 -27.86
CA THR A 391 -8.90 -31.62 -27.97
C THR A 391 -10.18 -32.49 -28.15
N GLU A 392 -10.04 -33.70 -28.65
CA GLU A 392 -11.19 -34.62 -28.60
C GLU A 392 -11.38 -35.22 -27.19
N ILE A 393 -10.28 -35.56 -26.52
CA ILE A 393 -10.41 -36.29 -25.26
C ILE A 393 -10.98 -35.43 -24.14
N PHE A 394 -10.42 -34.22 -23.99
CA PHE A 394 -10.81 -33.26 -22.91
C PHE A 394 -11.88 -32.33 -23.35
N GLY A 395 -11.75 -31.75 -24.54
CA GLY A 395 -12.65 -30.69 -24.84
C GLY A 395 -12.06 -29.41 -24.32
N ASP A 396 -12.63 -28.35 -24.82
CA ASP A 396 -12.09 -27.03 -24.62
C ASP A 396 -11.77 -26.76 -23.16
N ASP A 397 -12.38 -27.56 -22.32
CA ASP A 397 -12.43 -27.22 -20.94
C ASP A 397 -11.32 -27.88 -20.17
N SER A 398 -10.12 -27.38 -20.48
CA SER A 398 -8.93 -28.06 -20.13
C SER A 398 -7.73 -27.19 -20.33
N VAL A 399 -6.73 -27.39 -19.47
CA VAL A 399 -5.42 -26.92 -19.81
C VAL A 399 -4.63 -28.11 -20.36
N LEU A 400 -4.18 -28.01 -21.62
CA LEU A 400 -3.06 -28.88 -22.19
C LEU A 400 -1.67 -28.18 -22.19
N GLN A 401 -0.63 -28.93 -21.83
CA GLN A 401 0.59 -28.39 -21.21
C GLN A 401 1.79 -29.15 -21.80
N PHE A 402 2.83 -28.41 -22.21
CA PHE A 402 3.95 -28.83 -23.11
C PHE A 402 5.27 -28.33 -22.65
N GLY A 403 5.96 -29.16 -21.89
CA GLY A 403 7.28 -28.93 -21.26
C GLY A 403 8.26 -29.11 -22.39
N GLY A 404 8.87 -30.28 -22.56
CA GLY A 404 9.71 -30.57 -23.74
C GLY A 404 9.12 -30.14 -25.06
N GLY A 405 7.90 -30.60 -25.33
CA GLY A 405 7.05 -30.14 -26.41
C GLY A 405 7.01 -28.66 -26.71
N THR A 406 7.58 -27.83 -25.82
CA THR A 406 7.91 -26.43 -26.13
C THR A 406 9.40 -26.03 -26.08
N LEU A 407 10.21 -26.62 -25.19
CA LEU A 407 11.64 -26.20 -25.09
C LEU A 407 12.53 -27.22 -25.82
N GLY A 408 11.87 -28.07 -26.60
CA GLY A 408 12.55 -29.05 -27.48
C GLY A 408 12.30 -28.83 -28.96
N HIS A 409 11.36 -27.91 -29.23
CA HIS A 409 11.22 -27.27 -30.53
C HIS A 409 12.55 -26.69 -30.93
N PRO A 410 12.97 -26.94 -32.20
CA PRO A 410 14.33 -26.67 -32.65
C PRO A 410 14.75 -25.22 -32.66
N TRP A 411 13.83 -24.31 -32.96
CA TRP A 411 14.09 -22.85 -33.06
C TRP A 411 13.80 -22.09 -31.80
N GLY A 412 13.36 -22.84 -30.79
CA GLY A 412 13.27 -22.28 -29.44
C GLY A 412 11.88 -22.07 -28.94
N ASN A 413 11.79 -21.13 -28.00
CA ASN A 413 10.70 -21.07 -27.05
C ASN A 413 9.51 -20.33 -27.67
N ALA A 414 9.75 -19.14 -28.22
CA ALA A 414 8.67 -18.44 -28.94
C ALA A 414 8.09 -19.25 -30.12
N PRO A 415 8.95 -20.05 -30.86
CA PRO A 415 8.45 -20.97 -31.90
C PRO A 415 7.86 -22.29 -31.44
N GLY A 416 8.47 -22.98 -30.48
CA GLY A 416 7.80 -24.09 -29.79
C GLY A 416 6.39 -23.71 -29.35
N ALA A 417 6.29 -22.54 -28.73
CA ALA A 417 4.98 -22.04 -28.28
C ALA A 417 4.04 -21.76 -29.41
N VAL A 418 4.55 -21.19 -30.52
CA VAL A 418 3.73 -20.98 -31.73
C VAL A 418 3.30 -22.28 -32.29
N ALA A 419 4.20 -23.25 -32.41
CA ALA A 419 3.82 -24.45 -33.08
C ALA A 419 2.60 -25.00 -32.36
N ASN A 420 2.64 -24.99 -31.04
CA ASN A 420 1.54 -25.51 -30.21
C ASN A 420 0.16 -24.77 -30.33
N ARG A 421 0.17 -23.44 -30.17
CA ARG A 421 -1.03 -22.59 -30.30
C ARG A 421 -1.78 -22.73 -31.65
N VAL A 422 -1.03 -22.87 -32.75
CA VAL A 422 -1.68 -22.97 -34.08
C VAL A 422 -2.30 -24.34 -34.22
N ALA A 423 -1.50 -25.38 -34.02
CA ALA A 423 -2.02 -26.76 -33.96
C ALA A 423 -3.21 -26.90 -33.01
N LEU A 424 -3.27 -26.11 -31.94
CA LEU A 424 -4.43 -26.17 -31.05
C LEU A 424 -5.58 -25.47 -31.76
N GLU A 425 -5.33 -24.24 -32.19
CA GLU A 425 -6.31 -23.53 -32.99
C GLU A 425 -6.86 -24.32 -34.18
N ALA A 426 -6.08 -25.27 -34.71
CA ALA A 426 -6.37 -25.87 -36.00
C ALA A 426 -7.41 -26.95 -35.84
N CYS A 427 -7.20 -27.69 -34.75
CA CYS A 427 -8.12 -28.66 -34.24
C CYS A 427 -9.47 -28.07 -33.88
N VAL A 428 -9.47 -26.84 -33.36
CA VAL A 428 -10.72 -26.17 -32.93
C VAL A 428 -11.54 -25.70 -34.12
N GLN A 429 -10.89 -25.00 -35.06
CA GLN A 429 -11.51 -24.70 -36.39
C GLN A 429 -11.99 -25.98 -37.08
N ALA A 430 -11.14 -26.99 -37.16
CA ALA A 430 -11.52 -28.27 -37.77
C ALA A 430 -12.74 -28.93 -37.15
N ARG A 431 -12.72 -29.10 -35.83
CA ARG A 431 -13.89 -29.55 -35.03
C ARG A 431 -15.11 -28.70 -35.31
N ASN A 432 -14.94 -27.38 -35.14
CA ASN A 432 -16.05 -26.43 -35.18
C ASN A 432 -16.73 -26.57 -36.51
N GLU A 433 -15.94 -26.94 -37.53
CA GLU A 433 -16.51 -27.01 -38.86
C GLU A 433 -17.09 -28.36 -39.23
N GLY A 434 -17.23 -29.26 -38.27
CA GLY A 434 -17.80 -30.57 -38.52
C GLY A 434 -16.84 -31.74 -38.73
N ARG A 435 -15.53 -31.51 -38.63
CA ARG A 435 -14.58 -32.63 -38.80
C ARG A 435 -14.35 -33.47 -37.53
N ASP A 436 -14.08 -34.76 -37.72
CA ASP A 436 -13.97 -35.82 -36.70
C ASP A 436 -12.52 -35.94 -36.21
N LEU A 437 -12.27 -35.42 -35.02
CA LEU A 437 -10.91 -35.39 -34.47
C LEU A 437 -10.18 -36.75 -34.25
N ALA A 438 -10.91 -37.87 -34.28
CA ALA A 438 -10.28 -39.17 -34.16
C ALA A 438 -9.78 -39.65 -35.53
N ARG A 439 -10.43 -39.16 -36.57
CA ARG A 439 -10.20 -39.71 -37.89
C ARG A 439 -9.53 -38.73 -38.85
N GLU A 440 -9.56 -37.42 -38.55
CA GLU A 440 -8.91 -36.44 -39.45
C GLU A 440 -7.74 -35.63 -38.83
N GLY A 441 -7.53 -35.77 -37.53
CA GLY A 441 -6.59 -34.91 -36.83
C GLY A 441 -5.14 -34.89 -37.32
N ASN A 442 -4.68 -36.03 -37.83
CA ASN A 442 -3.34 -36.20 -38.36
C ASN A 442 -3.16 -35.34 -39.62
N ALA A 443 -4.26 -35.26 -40.38
CA ALA A 443 -4.36 -34.45 -41.58
C ALA A 443 -4.63 -32.99 -41.24
N ILE A 444 -5.48 -32.73 -40.21
CA ILE A 444 -5.65 -31.33 -39.72
C ILE A 444 -4.28 -30.74 -39.36
N ILE A 445 -3.45 -31.55 -38.69
CA ILE A 445 -2.07 -31.09 -38.42
C ILE A 445 -1.26 -30.87 -39.70
N ARG A 446 -1.42 -31.74 -40.68
CA ARG A 446 -0.61 -31.68 -41.90
C ARG A 446 -0.92 -30.41 -42.66
N GLU A 447 -2.20 -30.21 -42.92
CA GLU A 447 -2.84 -28.96 -43.33
C GLU A 447 -2.32 -27.69 -42.70
N ALA A 448 -2.23 -27.68 -41.39
CA ALA A 448 -1.98 -26.46 -40.67
C ALA A 448 -0.48 -26.18 -40.68
N CYS A 449 0.27 -27.17 -41.17
CA CYS A 449 1.70 -27.05 -41.40
C CYS A 449 2.06 -26.14 -42.58
N LYS A 450 1.28 -26.21 -43.65
CA LYS A 450 1.59 -25.39 -44.82
C LYS A 450 1.59 -23.90 -44.48
N TRP A 451 0.82 -23.57 -43.45
CA TRP A 451 0.46 -22.21 -43.09
C TRP A 451 1.28 -21.74 -41.94
N SER A 452 1.84 -22.71 -41.20
CA SER A 452 2.66 -22.44 -40.03
C SER A 452 4.07 -23.08 -40.11
N PRO A 453 5.14 -22.27 -40.40
CA PRO A 453 6.50 -22.85 -40.45
C PRO A 453 6.98 -23.31 -39.06
N GLU A 454 6.40 -22.74 -38.01
CA GLU A 454 6.93 -23.10 -36.68
C GLU A 454 6.43 -24.46 -36.36
N LEU A 455 5.10 -24.59 -36.44
CA LEU A 455 4.43 -25.89 -36.40
C LEU A 455 5.16 -27.01 -37.19
N ALA A 456 5.35 -26.80 -38.50
CA ALA A 456 6.07 -27.75 -39.41
C ALA A 456 7.43 -28.28 -38.91
N ALA A 457 8.22 -27.38 -38.31
CA ALA A 457 9.47 -27.72 -37.67
C ALA A 457 9.33 -28.70 -36.48
N ALA A 458 8.42 -28.40 -35.58
CA ALA A 458 8.18 -29.28 -34.44
C ALA A 458 7.50 -30.57 -34.90
N CYS A 459 6.97 -30.59 -36.12
CA CYS A 459 6.34 -31.80 -36.59
C CYS A 459 7.34 -32.88 -37.07
N GLU A 460 8.55 -32.47 -37.41
CA GLU A 460 9.50 -33.42 -38.01
C GLU A 460 10.30 -34.22 -36.96
N VAL A 461 10.68 -33.52 -35.89
CA VAL A 461 11.46 -34.05 -34.77
C VAL A 461 10.68 -35.14 -34.02
N TRP A 462 9.36 -35.01 -34.08
CA TRP A 462 8.39 -35.76 -33.26
C TRP A 462 7.38 -36.53 -34.07
N LYS A 463 7.75 -36.86 -35.31
CA LYS A 463 6.89 -37.58 -36.25
C LYS A 463 6.69 -39.08 -35.95
N GLU A 464 7.53 -39.68 -35.10
CA GLU A 464 7.34 -41.10 -34.76
C GLU A 464 7.28 -41.44 -33.25
N ILE A 465 7.25 -40.41 -32.40
CA ILE A 465 7.27 -40.66 -30.96
C ILE A 465 5.87 -40.87 -30.38
N LYS A 466 5.60 -42.14 -30.11
CA LYS A 466 4.42 -42.57 -29.37
C LYS A 466 4.89 -43.04 -27.98
N PHE A 467 3.94 -43.36 -27.11
CA PHE A 467 4.22 -44.12 -25.91
C PHE A 467 3.03 -45.05 -25.84
N GLU A 468 3.23 -46.33 -26.11
CA GLU A 468 2.13 -47.25 -26.07
C GLU A 468 2.51 -48.63 -25.54
N PHE A 469 2.00 -48.94 -24.34
CA PHE A 469 2.09 -50.28 -23.78
C PHE A 469 0.70 -50.83 -23.50
N GLY B 12 -41.79 0.62 53.01
CA GLY B 12 -42.48 -0.65 53.42
C GLY B 12 -42.74 -1.61 52.27
N PHE B 13 -41.91 -2.65 52.14
CA PHE B 13 -42.05 -3.59 51.03
C PHE B 13 -43.27 -4.41 51.27
N LYS B 14 -44.35 -4.11 50.55
CA LYS B 14 -45.51 -4.98 50.60
C LYS B 14 -45.49 -5.97 49.45
N ALA B 15 -45.42 -7.26 49.75
CA ALA B 15 -45.54 -8.30 48.71
C ALA B 15 -46.99 -8.43 48.20
N GLY B 16 -47.15 -9.00 47.03
CA GLY B 16 -48.42 -8.87 46.30
C GLY B 16 -48.40 -8.08 44.99
N VAL B 17 -49.26 -8.57 44.08
CA VAL B 17 -49.72 -7.90 42.86
C VAL B 17 -50.50 -6.61 43.15
N LYS B 18 -50.14 -5.54 42.43
CA LYS B 18 -50.84 -4.26 42.47
CA LYS B 18 -50.85 -4.27 42.47
C LYS B 18 -51.16 -3.85 41.03
N ASP B 19 -52.09 -2.91 40.83
CA ASP B 19 -52.36 -2.41 39.49
C ASP B 19 -51.13 -1.65 38.96
N TYR B 20 -50.72 -1.94 37.73
CA TYR B 20 -49.78 -1.08 37.00
C TYR B 20 -50.04 0.42 37.15
N LYS B 21 -51.32 0.82 37.13
CA LYS B 21 -51.76 2.22 37.11
C LYS B 21 -51.22 3.08 38.25
N LEU B 22 -51.17 2.45 39.42
CA LEU B 22 -50.62 3.08 40.60
C LEU B 22 -49.20 3.65 40.46
N THR B 23 -48.30 2.96 39.79
CA THR B 23 -47.00 3.57 39.69
C THR B 23 -46.74 4.11 38.31
N TYR B 24 -47.42 3.57 37.29
CA TYR B 24 -47.03 3.92 35.92
C TYR B 24 -47.84 4.96 35.17
N TYR B 25 -49.16 5.02 35.40
CA TYR B 25 -50.01 6.03 34.81
C TYR B 25 -49.85 7.36 35.56
N THR B 26 -49.52 8.45 34.84
CA THR B 26 -49.25 9.77 35.47
C THR B 26 -49.76 10.86 34.55
N PRO B 27 -51.10 11.01 34.50
CA PRO B 27 -51.73 12.00 33.62
C PRO B 27 -51.22 13.46 33.81
N ASP B 28 -50.52 13.75 34.88
CA ASP B 28 -50.07 15.13 35.08
C ASP B 28 -48.63 15.38 34.75
N TYR B 29 -47.95 14.37 34.21
CA TYR B 29 -46.51 14.53 33.92
C TYR B 29 -46.22 15.54 32.81
N GLN B 30 -45.29 16.44 33.11
CA GLN B 30 -44.58 17.32 32.19
C GLN B 30 -43.18 16.80 31.79
N THR B 31 -43.03 16.64 30.47
CA THR B 31 -42.03 15.82 29.84
C THR B 31 -40.76 16.59 29.87
N LYS B 32 -39.63 15.90 29.90
CA LYS B 32 -38.48 16.74 29.92
C LYS B 32 -37.94 16.68 28.53
N ASP B 33 -37.46 17.81 28.03
CA ASP B 33 -36.81 17.96 26.71
C ASP B 33 -35.78 16.81 26.44
N THR B 34 -35.59 16.00 27.48
CA THR B 34 -34.62 14.89 27.42
C THR B 34 -35.24 13.52 27.42
N ASP B 35 -36.53 13.44 27.67
CA ASP B 35 -37.11 12.12 27.69
C ASP B 35 -37.12 11.58 26.25
N ILE B 36 -37.40 10.28 26.14
CA ILE B 36 -37.79 9.74 24.84
C ILE B 36 -39.28 9.57 24.93
N LEU B 37 -39.98 9.98 23.90
CA LEU B 37 -41.42 9.92 23.88
C LEU B 37 -41.96 8.86 22.89
N ALA B 38 -43.03 8.20 23.29
CA ALA B 38 -43.60 7.14 22.48
C ALA B 38 -45.10 7.34 22.43
N ALA B 39 -45.66 6.96 21.29
CA ALA B 39 -47.03 7.05 20.92
C ALA B 39 -47.30 5.65 20.48
N PHE B 40 -48.06 4.96 21.31
CA PHE B 40 -48.37 3.59 21.01
C PHE B 40 -49.82 3.62 20.64
N ARG B 41 -50.13 2.92 19.58
CA ARG B 41 -51.49 2.69 19.16
C ARG B 41 -51.83 1.39 19.84
N VAL B 42 -52.62 1.51 20.91
CA VAL B 42 -53.04 0.39 21.78
C VAL B 42 -54.49 -0.02 21.40
N THR B 43 -54.66 -1.28 21.00
CA THR B 43 -56.00 -1.88 20.96
C THR B 43 -56.05 -2.96 22.05
N PRO B 44 -56.64 -2.65 23.21
CA PRO B 44 -56.67 -3.51 24.39
C PRO B 44 -57.76 -4.64 24.33
N GLN B 45 -57.69 -5.60 25.24
CA GLN B 45 -58.69 -6.69 25.28
C GLN B 45 -60.05 -6.25 25.90
N PRO B 46 -60.94 -7.21 26.16
CA PRO B 46 -62.26 -6.67 26.52
C PRO B 46 -62.53 -6.58 28.01
N GLY B 47 -62.61 -5.36 28.50
CA GLY B 47 -62.58 -5.17 29.95
C GLY B 47 -61.17 -5.08 30.53
N VAL B 48 -60.21 -4.51 29.75
CA VAL B 48 -59.01 -3.83 30.36
C VAL B 48 -59.02 -2.27 30.14
N PRO B 49 -59.26 -1.46 31.21
CA PRO B 49 -59.40 0.01 31.04
C PRO B 49 -58.15 0.68 30.46
N PRO B 50 -58.33 1.55 29.43
CA PRO B 50 -57.27 2.37 28.86
C PRO B 50 -56.01 2.58 29.75
N GLU B 51 -56.21 3.35 30.82
CA GLU B 51 -55.22 3.62 31.85
C GLU B 51 -54.44 2.38 32.32
N GLU B 52 -55.14 1.29 32.63
CA GLU B 52 -54.41 0.05 32.97
C GLU B 52 -53.55 -0.51 31.82
N ALA B 53 -54.01 -0.43 30.58
CA ALA B 53 -53.20 -0.98 29.51
C ALA B 53 -52.01 -0.03 29.17
N GLY B 54 -52.30 1.26 29.06
CA GLY B 54 -51.25 2.32 29.04
C GLY B 54 -50.08 2.18 30.04
N ALA B 55 -50.39 1.97 31.33
CA ALA B 55 -49.33 1.84 32.35
C ALA B 55 -48.63 0.45 32.28
N ALA B 56 -49.37 -0.58 31.90
CA ALA B 56 -48.81 -1.90 31.69
C ALA B 56 -47.72 -1.77 30.65
N VAL B 57 -48.10 -1.15 29.52
CA VAL B 57 -47.17 -0.79 28.47
C VAL B 57 -45.97 0.02 28.99
N ALA B 58 -46.24 1.14 29.67
CA ALA B 58 -45.17 1.97 30.31
C ALA B 58 -44.24 1.32 31.38
N ALA B 59 -44.79 0.64 32.37
CA ALA B 59 -43.96 -0.16 33.29
C ALA B 59 -43.10 -1.23 32.63
N GLU B 60 -43.70 -2.08 31.81
CA GLU B 60 -42.98 -3.28 31.24
C GLU B 60 -41.83 -2.92 30.26
N SER B 61 -41.91 -1.71 29.66
CA SER B 61 -40.84 -1.15 28.80
C SER B 61 -39.81 -0.30 29.50
N SER B 62 -39.76 -0.38 30.83
CA SER B 62 -38.98 0.58 31.64
C SER B 62 -38.42 -0.06 32.91
N THR B 63 -39.15 0.05 34.03
CA THR B 63 -38.62 -0.46 35.33
C THR B 63 -39.51 -1.43 36.09
N GLY B 64 -40.79 -1.47 35.77
CA GLY B 64 -41.72 -2.26 36.58
C GLY B 64 -41.62 -3.75 36.31
N THR B 65 -42.27 -4.56 37.15
CA THR B 65 -42.75 -5.89 36.72
C THR B 65 -44.17 -6.22 37.22
N TRP B 66 -44.50 -7.52 37.12
CA TRP B 66 -45.84 -8.07 37.35
C TRP B 66 -46.27 -8.25 38.77
N THR B 67 -45.33 -8.34 39.71
CA THR B 67 -45.65 -8.31 41.13
C THR B 67 -44.66 -7.35 41.76
N THR B 68 -44.81 -7.07 43.06
CA THR B 68 -43.95 -6.10 43.72
C THR B 68 -42.57 -6.67 44.08
N VAL B 69 -41.54 -5.85 43.89
CA VAL B 69 -40.19 -6.22 44.25
CA VAL B 69 -40.20 -6.22 44.25
C VAL B 69 -39.57 -5.16 45.16
N TRP B 70 -38.82 -5.61 46.16
CA TRP B 70 -38.24 -4.74 47.17
C TRP B 70 -37.01 -4.03 46.70
N THR B 71 -36.29 -4.61 45.75
CA THR B 71 -35.19 -3.91 45.12
C THR B 71 -35.64 -2.61 44.41
N ASP B 72 -36.94 -2.31 44.40
CA ASP B 72 -37.40 -0.97 44.00
C ASP B 72 -36.90 0.10 44.96
N GLY B 73 -36.73 -0.25 46.24
CA GLY B 73 -36.43 0.70 47.33
C GLY B 73 -34.97 1.09 47.41
N LEU B 74 -34.12 0.35 46.70
CA LEU B 74 -32.69 0.63 46.73
C LEU B 74 -32.36 1.81 45.88
N THR B 75 -33.20 2.02 44.88
CA THR B 75 -33.03 3.13 43.96
C THR B 75 -34.27 4.04 43.99
N SER B 76 -34.39 4.94 43.02
CA SER B 76 -35.54 5.84 42.91
CA SER B 76 -35.55 5.84 42.91
C SER B 76 -36.40 5.50 41.70
N LEU B 77 -37.60 4.98 41.92
CA LEU B 77 -38.41 4.67 40.76
C LEU B 77 -38.82 5.97 40.07
N ASP B 78 -38.89 7.06 40.84
CA ASP B 78 -39.29 8.38 40.35
C ASP B 78 -38.31 8.87 39.30
N ARG B 79 -37.02 8.82 39.64
CA ARG B 79 -35.95 9.16 38.70
C ARG B 79 -36.09 8.37 37.37
N TYR B 80 -36.43 7.07 37.45
CA TYR B 80 -36.16 6.12 36.34
C TYR B 80 -37.37 5.56 35.59
N LYS B 81 -38.56 5.63 36.17
CA LYS B 81 -39.60 4.78 35.59
C LYS B 81 -40.04 5.35 34.25
N GLY B 82 -40.50 4.49 33.38
CA GLY B 82 -41.22 4.94 32.21
C GLY B 82 -42.59 5.38 32.70
N ARG B 83 -43.11 6.47 32.14
CA ARG B 83 -44.48 7.00 32.45
C ARG B 83 -45.41 7.08 31.26
N CYS B 84 -46.53 6.39 31.33
CA CYS B 84 -47.62 6.72 30.45
C CYS B 84 -48.17 8.06 30.92
N TYR B 85 -47.81 9.14 30.21
CA TYR B 85 -48.29 10.52 30.51
C TYR B 85 -49.52 11.07 29.77
N GLU B 86 -50.06 10.34 28.79
CA GLU B 86 -51.34 10.69 28.14
C GLU B 86 -52.08 9.57 27.41
N ILE B 87 -53.40 9.69 27.37
CA ILE B 87 -54.23 8.75 26.61
C ILE B 87 -55.20 9.53 25.75
N GLU B 88 -55.01 9.41 24.43
CA GLU B 88 -55.83 10.06 23.41
C GLU B 88 -56.92 9.09 22.95
N PRO B 89 -58.19 9.32 23.31
CA PRO B 89 -59.13 8.31 22.85
C PRO B 89 -59.15 8.40 21.32
N VAL B 90 -59.07 7.25 20.63
CA VAL B 90 -58.78 7.23 19.18
C VAL B 90 -59.96 7.05 18.23
N PRO B 91 -60.00 7.83 17.11
CA PRO B 91 -60.98 7.74 16.02
C PRO B 91 -61.33 6.35 15.53
N GLY B 92 -62.58 6.16 15.11
CA GLY B 92 -63.06 4.85 14.67
C GLY B 92 -62.86 3.76 15.71
N GLU B 93 -61.91 2.86 15.42
CA GLU B 93 -61.67 1.54 16.07
C GLU B 93 -61.97 1.37 17.58
N ASP B 94 -62.82 0.39 17.90
CA ASP B 94 -63.34 0.19 19.27
C ASP B 94 -62.66 -0.94 20.10
N ASN B 95 -61.78 -0.57 21.03
CA ASN B 95 -61.53 0.81 21.40
C ASN B 95 -60.05 1.12 21.46
N GLN B 96 -59.41 1.06 20.29
CA GLN B 96 -58.04 1.49 20.07
C GLN B 96 -57.87 2.94 20.53
N PHE B 97 -56.93 3.18 21.45
CA PHE B 97 -56.47 4.52 21.82
C PHE B 97 -54.98 4.71 21.62
N ILE B 98 -54.53 5.96 21.78
CA ILE B 98 -53.12 6.26 21.61
C ILE B 98 -52.51 6.62 22.97
N ALA B 99 -51.48 5.86 23.35
CA ALA B 99 -50.90 6.01 24.63
C ALA B 99 -49.59 6.78 24.55
N TYR B 100 -49.50 7.91 25.23
CA TYR B 100 -48.26 8.67 25.35
C TYR B 100 -47.41 8.33 26.58
N VAL B 101 -46.20 7.80 26.32
CA VAL B 101 -45.28 7.34 27.39
C VAL B 101 -43.95 8.13 27.38
N ALA B 102 -43.42 8.52 28.52
CA ALA B 102 -42.16 9.30 28.51
C ALA B 102 -40.91 8.55 29.08
N TYR B 103 -39.86 8.26 28.30
CA TYR B 103 -38.72 7.46 28.91
C TYR B 103 -37.52 8.35 29.30
N PRO B 104 -37.13 8.36 30.59
CA PRO B 104 -36.03 9.19 30.94
C PRO B 104 -34.70 8.75 30.32
N LEU B 105 -33.99 9.79 29.94
CA LEU B 105 -32.72 9.66 29.28
C LEU B 105 -31.87 8.54 29.86
N ASP B 106 -32.01 8.24 31.17
CA ASP B 106 -30.92 7.47 31.83
C ASP B 106 -31.02 6.03 31.61
N LEU B 107 -32.17 5.70 31.10
CA LEU B 107 -32.51 4.35 30.69
C LEU B 107 -31.78 3.79 29.57
N PHE B 108 -31.14 4.63 28.77
CA PHE B 108 -30.74 4.16 27.45
C PHE B 108 -29.17 4.23 27.32
N GLU B 109 -28.51 3.20 26.76
CA GLU B 109 -27.04 3.26 26.49
C GLU B 109 -26.51 4.15 25.27
N GLU B 110 -25.48 4.96 25.49
CA GLU B 110 -24.99 5.82 24.41
C GLU B 110 -24.60 5.07 23.14
N GLY B 111 -25.20 5.41 21.97
CA GLY B 111 -24.64 5.01 20.65
C GLY B 111 -25.29 3.77 20.06
N SER B 112 -26.41 3.41 20.65
CA SER B 112 -27.03 2.08 20.46
C SER B 112 -28.53 2.09 20.27
N VAL B 113 -28.96 1.84 19.03
CA VAL B 113 -30.32 1.74 18.62
C VAL B 113 -30.89 0.51 19.23
N THR B 114 -30.12 -0.58 19.13
CA THR B 114 -30.47 -1.86 19.67
C THR B 114 -31.11 -1.85 21.07
N ASN B 115 -30.37 -1.26 22.04
CA ASN B 115 -30.80 -1.04 23.45
C ASN B 115 -32.12 -0.32 23.58
N MET B 116 -32.19 0.88 22.96
CA MET B 116 -33.37 1.74 22.78
C MET B 116 -34.51 0.96 22.13
N PHE B 117 -34.24 0.08 21.17
CA PHE B 117 -35.30 -0.80 20.59
C PHE B 117 -35.59 -1.99 21.53
N THR B 118 -34.64 -2.38 22.39
CA THR B 118 -34.86 -3.46 23.39
C THR B 118 -35.83 -3.08 24.55
N SER B 119 -35.76 -1.86 25.09
CA SER B 119 -36.66 -1.48 26.21
C SER B 119 -38.02 -1.14 25.69
N ILE B 120 -38.07 -0.23 24.72
CA ILE B 120 -39.30 0.28 24.11
C ILE B 120 -40.11 -0.79 23.36
N VAL B 121 -39.44 -1.75 22.72
CA VAL B 121 -40.28 -2.75 22.04
C VAL B 121 -39.96 -4.15 22.49
N GLY B 122 -39.22 -4.35 23.58
CA GLY B 122 -38.61 -5.70 23.93
C GLY B 122 -39.79 -6.64 24.06
N ASN B 123 -40.68 -6.40 25.00
CA ASN B 123 -41.80 -7.34 25.21
C ASN B 123 -43.17 -6.81 25.20
N VAL B 124 -43.29 -5.52 25.49
CA VAL B 124 -44.62 -4.96 25.76
CA VAL B 124 -44.62 -4.90 25.71
C VAL B 124 -45.69 -5.27 24.68
N PHE B 125 -45.29 -5.87 23.51
CA PHE B 125 -46.18 -6.10 22.29
C PHE B 125 -46.78 -7.47 22.27
N GLY B 126 -46.24 -8.35 23.12
CA GLY B 126 -46.72 -9.73 23.27
C GLY B 126 -47.67 -9.88 24.44
N PHE B 127 -47.68 -8.86 25.30
CA PHE B 127 -48.76 -8.59 26.32
C PHE B 127 -50.09 -9.27 26.07
N LYS B 128 -50.43 -10.22 26.96
CA LYS B 128 -51.61 -11.08 26.83
C LYS B 128 -52.88 -10.27 27.12
N ALA B 129 -52.75 -9.27 27.99
CA ALA B 129 -53.80 -8.26 28.25
C ALA B 129 -54.02 -7.21 27.14
N LEU B 130 -53.47 -7.46 25.95
CA LEU B 130 -53.95 -6.72 24.78
C LEU B 130 -54.29 -7.64 23.56
N ARG B 131 -55.13 -7.04 22.69
CA ARG B 131 -55.48 -7.43 21.29
C ARG B 131 -54.36 -7.19 20.24
N ALA B 132 -53.81 -5.96 20.21
CA ALA B 132 -52.76 -5.54 19.25
C ALA B 132 -52.04 -4.29 19.74
N LEU B 133 -50.71 -4.22 19.48
CA LEU B 133 -49.91 -2.94 19.74
C LEU B 133 -49.13 -2.41 18.51
N ARG B 134 -49.07 -1.11 18.25
CA ARG B 134 -48.14 -0.59 17.23
C ARG B 134 -47.46 0.71 17.61
N LEU B 135 -46.14 0.82 17.36
CA LEU B 135 -45.32 2.00 17.63
C LEU B 135 -45.23 2.94 16.41
N GLU B 136 -46.10 3.95 16.45
CA GLU B 136 -46.14 4.99 15.49
C GLU B 136 -44.97 6.01 15.32
N ASP B 137 -44.52 6.55 16.43
CA ASP B 137 -43.53 7.64 16.45
C ASP B 137 -42.73 7.47 17.68
N LEU B 138 -41.49 7.93 17.57
CA LEU B 138 -40.57 8.02 18.67
C LEU B 138 -39.92 9.36 18.57
N ARG B 139 -39.97 10.19 19.63
CA ARG B 139 -39.30 11.50 19.77
C ARG B 139 -37.93 11.33 20.39
N ILE B 140 -36.90 11.49 19.60
CA ILE B 140 -35.58 11.19 20.13
CA ILE B 140 -35.59 11.17 20.14
C ILE B 140 -35.03 12.48 20.74
N PRO B 141 -34.81 12.52 22.08
CA PRO B 141 -34.26 13.80 22.40
C PRO B 141 -32.96 14.02 21.70
N TYR B 142 -32.76 15.29 21.40
CA TYR B 142 -31.46 15.79 21.00
C TYR B 142 -30.25 15.63 21.92
N ALA B 143 -30.39 15.11 23.14
CA ALA B 143 -29.16 14.92 23.99
C ALA B 143 -28.73 13.47 23.82
N TYR B 144 -29.71 12.63 23.50
CA TYR B 144 -29.45 11.28 23.04
C TYR B 144 -28.92 11.27 21.61
N VAL B 145 -29.59 11.98 20.71
CA VAL B 145 -29.14 12.01 19.32
C VAL B 145 -27.64 12.28 19.31
N LYS B 146 -27.13 12.93 20.32
CA LYS B 146 -25.73 13.42 20.29
C LYS B 146 -24.68 12.39 20.68
N THR B 147 -25.16 11.26 21.15
CA THR B 147 -24.29 10.08 21.40
C THR B 147 -24.14 9.24 20.09
N PHE B 148 -24.67 9.81 18.99
CA PHE B 148 -24.58 9.12 17.72
C PHE B 148 -23.73 9.80 16.70
N GLN B 149 -22.91 9.01 16.00
CA GLN B 149 -22.23 9.45 14.77
C GLN B 149 -23.27 9.79 13.73
N GLY B 150 -24.33 8.98 13.71
CA GLY B 150 -25.25 8.89 12.56
C GLY B 150 -24.70 8.53 11.17
N PRO B 151 -25.23 9.23 10.12
CA PRO B 151 -24.81 8.89 8.76
C PRO B 151 -23.33 9.01 8.46
N PRO B 152 -22.81 8.16 7.57
CA PRO B 152 -21.33 8.25 7.58
C PRO B 152 -20.86 9.59 7.01
N HIS B 153 -21.76 10.19 6.20
CA HIS B 153 -21.55 11.30 5.25
C HIS B 153 -22.65 12.39 5.18
N GLY B 154 -23.89 11.93 4.93
CA GLY B 154 -25.02 12.86 4.90
C GLY B 154 -25.17 13.38 3.48
N ILE B 155 -26.26 14.10 3.23
CA ILE B 155 -26.74 14.41 1.91
C ILE B 155 -25.73 15.42 1.48
N GLN B 156 -25.32 16.35 2.38
CA GLN B 156 -24.25 17.26 1.99
C GLN B 156 -22.90 16.63 1.44
N VAL B 157 -22.00 16.14 2.28
CA VAL B 157 -20.81 15.43 1.81
C VAL B 157 -21.05 14.49 0.56
N GLU B 158 -22.11 13.63 0.52
CA GLU B 158 -22.41 12.69 -0.61
C GLU B 158 -22.38 13.40 -1.91
N ARG B 159 -23.17 14.49 -2.00
CA ARG B 159 -23.20 15.34 -3.20
C ARG B 159 -21.86 15.97 -3.53
N ASP B 160 -21.19 16.62 -2.59
CA ASP B 160 -19.89 17.24 -2.83
C ASP B 160 -18.78 16.25 -3.22
N LYS B 161 -18.84 15.00 -2.70
CA LYS B 161 -17.81 13.97 -3.03
C LYS B 161 -17.90 13.60 -4.51
N LEU B 162 -19.17 13.53 -5.00
CA LEU B 162 -19.44 13.00 -6.33
C LEU B 162 -19.53 14.08 -7.41
N ASN B 163 -19.71 15.30 -6.93
CA ASN B 163 -19.73 16.49 -7.73
C ASN B 163 -21.08 16.60 -8.41
N LYS B 164 -22.10 16.01 -7.84
CA LYS B 164 -23.35 15.92 -8.54
C LYS B 164 -24.39 16.80 -7.85
N TYR B 165 -25.01 17.71 -8.59
CA TYR B 165 -25.98 18.73 -8.06
C TYR B 165 -27.08 19.13 -9.01
N GLY B 166 -28.17 19.60 -8.38
CA GLY B 166 -29.37 20.12 -9.00
C GLY B 166 -30.38 19.09 -9.50
N ARG B 167 -30.15 17.78 -9.36
CA ARG B 167 -31.21 16.79 -9.78
C ARG B 167 -31.30 15.64 -8.79
N PRO B 168 -32.38 14.80 -8.79
CA PRO B 168 -32.46 13.47 -8.13
C PRO B 168 -31.33 12.60 -8.71
N LEU B 169 -30.80 11.72 -7.90
CA LEU B 169 -29.77 10.78 -8.37
C LEU B 169 -30.41 9.58 -9.06
N LEU B 170 -29.63 8.84 -9.87
CA LEU B 170 -30.32 7.76 -10.59
C LEU B 170 -29.70 6.43 -10.43
N GLY B 171 -30.42 5.45 -9.89
CA GLY B 171 -29.88 4.11 -10.00
C GLY B 171 -30.68 3.02 -10.67
N CYS B 172 -30.14 1.82 -10.53
CA CYS B 172 -30.75 0.76 -11.18
C CYS B 172 -30.30 -0.49 -10.53
N THR B 173 -31.27 -1.33 -10.20
CA THR B 173 -31.00 -2.56 -9.47
C THR B 173 -30.84 -3.67 -10.42
N ILE B 174 -29.73 -4.39 -10.38
CA ILE B 174 -29.51 -5.35 -11.45
C ILE B 174 -30.44 -6.56 -11.38
N LYS B 175 -30.95 -6.95 -12.52
CA LYS B 175 -31.74 -8.18 -12.58
C LYS B 175 -31.16 -9.32 -13.40
N PRO B 176 -31.65 -10.58 -13.17
CA PRO B 176 -32.68 -11.04 -12.20
C PRO B 176 -32.06 -11.00 -10.82
N LYS B 177 -32.87 -11.12 -9.74
CA LYS B 177 -32.42 -10.74 -8.38
C LYS B 177 -31.14 -11.45 -8.06
N LEU B 178 -31.19 -12.72 -8.47
CA LEU B 178 -30.26 -13.78 -8.22
C LEU B 178 -30.07 -14.50 -9.49
N GLY B 179 -28.91 -15.18 -9.58
CA GLY B 179 -28.66 -16.16 -10.66
C GLY B 179 -27.77 -15.55 -11.74
N LEU B 180 -27.36 -14.27 -11.61
CA LEU B 180 -26.34 -13.68 -12.52
C LEU B 180 -24.96 -13.96 -11.99
N SER B 181 -24.04 -14.19 -12.91
CA SER B 181 -22.73 -14.69 -12.55
C SER B 181 -21.95 -13.42 -12.53
N ALA B 182 -20.74 -13.44 -11.99
CA ALA B 182 -20.10 -12.20 -11.68
C ALA B 182 -19.79 -11.43 -12.93
N LYS B 183 -19.19 -12.11 -13.89
CA LYS B 183 -18.91 -11.51 -15.19
C LYS B 183 -20.13 -10.87 -15.88
N ASN B 184 -21.33 -11.44 -15.75
CA ASN B 184 -22.52 -10.80 -16.34
C ASN B 184 -23.03 -9.63 -15.53
N TYR B 185 -22.77 -9.69 -14.23
CA TYR B 185 -23.06 -8.58 -13.29
C TYR B 185 -22.42 -7.29 -13.79
N GLY B 186 -21.11 -7.39 -14.12
CA GLY B 186 -20.25 -6.25 -14.49
C GLY B 186 -20.48 -5.74 -15.93
N ARG B 187 -20.61 -6.63 -16.91
CA ARG B 187 -21.05 -6.22 -18.23
C ARG B 187 -22.39 -5.54 -18.01
N ALA B 188 -23.24 -6.03 -17.09
CA ALA B 188 -24.50 -5.28 -16.94
C ALA B 188 -24.41 -3.95 -16.26
N VAL B 189 -23.31 -3.68 -15.58
CA VAL B 189 -23.21 -2.50 -14.76
C VAL B 189 -22.64 -1.53 -15.68
N TYR B 190 -21.59 -1.99 -16.35
CA TYR B 190 -20.97 -1.19 -17.33
C TYR B 190 -22.03 -0.57 -18.27
N GLU B 191 -22.91 -1.38 -18.84
CA GLU B 191 -23.99 -0.99 -19.68
C GLU B 191 -24.92 0.11 -19.17
N CYS B 192 -25.40 -0.03 -17.94
CA CYS B 192 -26.30 0.83 -17.20
C CYS B 192 -25.62 2.10 -16.78
N LEU B 193 -24.40 1.97 -16.25
CA LEU B 193 -23.65 3.15 -15.86
C LEU B 193 -23.30 3.96 -17.06
N ARG B 194 -22.85 3.35 -18.16
CA ARG B 194 -22.45 4.21 -19.30
C ARG B 194 -23.58 5.03 -19.96
N GLY B 195 -24.82 4.51 -19.97
CA GLY B 195 -25.90 5.12 -20.75
C GLY B 195 -26.64 6.20 -19.98
N GLY B 196 -26.31 6.33 -18.72
CA GLY B 196 -26.58 7.56 -18.05
C GLY B 196 -26.76 7.57 -16.58
N LEU B 197 -26.80 6.37 -16.01
CA LEU B 197 -27.07 6.20 -14.58
C LEU B 197 -25.89 6.57 -13.66
N ASP B 198 -26.23 7.27 -12.57
CA ASP B 198 -25.21 7.62 -11.58
C ASP B 198 -24.74 6.47 -10.76
N PHE B 199 -25.70 5.56 -10.56
CA PHE B 199 -25.52 4.43 -9.75
C PHE B 199 -26.08 3.21 -10.42
N THR B 200 -25.39 2.07 -10.33
CA THR B 200 -26.09 0.75 -10.34
C THR B 200 -26.18 0.09 -8.98
N LYS B 201 -26.49 -1.21 -8.94
CA LYS B 201 -26.65 -1.78 -7.64
C LYS B 201 -26.84 -3.34 -7.58
N ASP B 202 -26.37 -3.99 -6.49
CA ASP B 202 -26.78 -5.44 -6.28
C ASP B 202 -28.19 -5.45 -5.71
N ASP B 203 -29.05 -6.41 -6.09
CA ASP B 203 -30.25 -6.68 -5.30
C ASP B 203 -29.93 -6.96 -3.83
N GLU B 204 -30.98 -6.90 -2.99
CA GLU B 204 -30.80 -7.05 -1.55
C GLU B 204 -30.31 -8.48 -1.22
N ASN B 205 -30.80 -9.48 -1.99
CA ASN B 205 -30.52 -10.92 -1.80
C ASN B 205 -29.06 -11.24 -2.22
N VAL B 206 -28.50 -10.39 -3.10
CA VAL B 206 -27.12 -10.54 -3.60
C VAL B 206 -26.05 -10.31 -2.57
N ASN B 207 -25.36 -11.38 -2.19
CA ASN B 207 -24.53 -11.29 -0.98
C ASN B 207 -23.31 -12.16 -1.40
N SER B 208 -23.10 -13.36 -0.91
CA SER B 208 -22.15 -14.26 -1.71
C SER B 208 -22.67 -15.72 -1.84
N GLN B 209 -23.01 -16.22 -3.04
CA GLN B 209 -23.71 -17.56 -3.19
C GLN B 209 -22.99 -18.49 -4.20
N PRO B 210 -23.43 -19.76 -4.37
CA PRO B 210 -22.73 -20.59 -5.42
C PRO B 210 -22.61 -19.99 -6.86
N PHE B 211 -23.71 -19.41 -7.35
CA PHE B 211 -23.81 -18.83 -8.71
C PHE B 211 -22.85 -17.70 -8.96
N MET B 212 -22.22 -17.22 -7.87
CA MET B 212 -21.60 -15.90 -7.83
C MET B 212 -21.12 -15.41 -6.45
N ARG B 213 -19.82 -15.63 -6.29
CA ARG B 213 -19.13 -15.38 -5.01
C ARG B 213 -18.71 -13.95 -5.03
N TRP B 214 -18.83 -13.29 -3.86
CA TRP B 214 -18.75 -11.78 -3.61
C TRP B 214 -17.58 -11.02 -4.20
N ARG B 215 -16.37 -11.52 -3.94
CA ARG B 215 -15.06 -11.00 -4.35
C ARG B 215 -14.83 -10.80 -5.87
N ASP B 216 -14.93 -11.87 -6.67
CA ASP B 216 -15.35 -11.84 -8.10
C ASP B 216 -16.31 -10.69 -8.56
N ARG B 217 -17.58 -10.78 -8.26
CA ARG B 217 -18.47 -9.60 -8.38
C ARG B 217 -17.82 -8.18 -8.11
N PHE B 218 -17.23 -7.99 -6.92
CA PHE B 218 -16.49 -6.76 -6.54
C PHE B 218 -15.44 -6.42 -7.56
N LEU B 219 -14.58 -7.38 -7.98
CA LEU B 219 -13.49 -7.01 -8.89
CA LEU B 219 -13.50 -7.10 -8.93
C LEU B 219 -14.06 -6.60 -10.27
N PHE B 220 -14.97 -7.42 -10.87
CA PHE B 220 -15.51 -7.22 -12.23
C PHE B 220 -16.38 -5.95 -12.28
N CYS B 221 -17.05 -5.71 -11.16
CA CYS B 221 -17.86 -4.55 -10.96
C CYS B 221 -16.94 -3.33 -10.77
N ALA B 222 -15.76 -3.43 -10.16
CA ALA B 222 -14.90 -2.19 -9.98
C ALA B 222 -14.37 -1.67 -11.35
N GLU B 223 -13.89 -2.64 -12.13
CA GLU B 223 -13.51 -2.45 -13.54
C GLU B 223 -14.62 -1.69 -14.25
N ALA B 224 -15.76 -2.33 -14.41
CA ALA B 224 -16.96 -1.68 -15.00
C ALA B 224 -17.28 -0.26 -14.49
N ILE B 225 -17.28 -0.05 -13.17
CA ILE B 225 -17.33 1.34 -12.55
C ILE B 225 -16.43 2.29 -13.29
N TYR B 226 -15.19 1.90 -13.48
CA TYR B 226 -14.16 2.82 -13.85
C TYR B 226 -14.09 3.02 -15.41
N LYS B 227 -14.20 1.92 -16.20
CA LYS B 227 -14.60 1.95 -17.64
C LYS B 227 -15.84 2.87 -17.94
N SER B 228 -16.99 2.71 -17.31
CA SER B 228 -18.09 3.67 -17.57
C SER B 228 -17.68 5.15 -17.21
N GLN B 229 -16.82 5.33 -16.20
CA GLN B 229 -16.56 6.64 -15.68
C GLN B 229 -15.72 7.40 -16.69
N ALA B 230 -14.75 6.70 -17.31
CA ALA B 230 -13.93 7.24 -18.36
C ALA B 230 -14.87 7.52 -19.51
N GLU B 231 -15.62 6.49 -19.94
CA GLU B 231 -16.53 6.62 -21.09
C GLU B 231 -17.44 7.91 -21.16
N THR B 232 -18.10 8.16 -20.05
CA THR B 232 -18.99 9.30 -19.87
C THR B 232 -18.32 10.59 -19.30
N GLY B 233 -17.16 10.55 -18.69
CA GLY B 233 -16.78 11.74 -17.91
C GLY B 233 -17.66 12.03 -16.65
N GLU B 234 -18.65 11.18 -16.40
CA GLU B 234 -19.43 11.42 -15.16
C GLU B 234 -18.95 10.56 -13.98
N ILE B 235 -18.90 11.10 -12.77
CA ILE B 235 -18.64 10.16 -11.59
C ILE B 235 -19.58 9.02 -11.32
N LYS B 236 -19.01 7.79 -11.31
CA LYS B 236 -19.84 6.54 -11.16
C LYS B 236 -19.67 5.65 -9.91
N GLY B 237 -20.81 5.15 -9.47
CA GLY B 237 -20.92 4.38 -8.24
C GLY B 237 -21.79 3.13 -8.26
N HIS B 238 -21.17 1.96 -8.26
CA HIS B 238 -21.98 0.75 -8.15
C HIS B 238 -22.20 0.39 -6.73
N TYR B 239 -23.40 -0.01 -6.28
CA TYR B 239 -23.51 -0.38 -4.81
C TYR B 239 -23.06 -1.76 -4.44
N LEU B 240 -22.06 -1.85 -3.59
CA LEU B 240 -21.57 -3.22 -3.33
C LEU B 240 -22.11 -3.84 -1.98
N ASN B 241 -22.97 -4.87 -2.04
CA ASN B 241 -23.43 -5.57 -0.78
C ASN B 241 -22.35 -6.19 0.18
N ALA B 242 -22.19 -5.58 1.37
CA ALA B 242 -21.33 -6.12 2.46
C ALA B 242 -22.18 -6.92 3.44
N THR B 243 -23.46 -7.03 3.10
CA THR B 243 -24.30 -7.74 3.99
C THR B 243 -23.79 -9.20 4.07
N ALA B 244 -23.56 -9.74 5.28
CA ALA B 244 -23.00 -11.13 5.41
C ALA B 244 -23.39 -11.89 6.73
N GLY B 245 -22.91 -13.11 6.95
CA GLY B 245 -23.53 -13.93 7.98
C GLY B 245 -23.00 -13.43 9.30
N THR B 246 -21.81 -12.82 9.21
CA THR B 246 -20.92 -12.53 10.34
C THR B 246 -20.30 -11.18 10.12
N CYS B 247 -19.96 -10.45 11.21
CA CYS B 247 -19.31 -9.13 10.97
CA CYS B 247 -19.27 -9.18 11.13
C CYS B 247 -17.87 -9.27 10.48
N GLU B 248 -17.26 -10.41 10.65
CA GLU B 248 -16.00 -10.68 9.95
C GLU B 248 -16.16 -10.61 8.49
N GLU B 249 -17.19 -11.28 7.99
CA GLU B 249 -17.46 -11.31 6.61
C GLU B 249 -17.97 -9.92 6.15
N MET B 250 -18.96 -9.32 6.81
CA MET B 250 -19.38 -7.90 6.50
C MET B 250 -18.13 -7.05 6.48
N LEU B 251 -17.22 -7.22 7.44
CA LEU B 251 -16.04 -6.35 7.39
C LEU B 251 -14.99 -6.72 6.35
N LYS B 252 -14.88 -8.01 5.95
CA LYS B 252 -13.93 -8.45 4.92
C LYS B 252 -14.23 -7.70 3.59
N ARG B 253 -15.50 -7.36 3.34
CA ARG B 253 -15.97 -6.91 2.04
C ARG B 253 -15.77 -5.43 1.81
N ALA B 254 -15.98 -4.65 2.88
CA ALA B 254 -15.80 -3.23 2.83
C ALA B 254 -14.35 -2.97 2.79
N VAL B 255 -13.54 -3.87 3.34
CA VAL B 255 -12.05 -3.67 3.33
C VAL B 255 -11.50 -3.69 1.89
N PHE B 256 -12.05 -4.65 1.14
CA PHE B 256 -11.77 -4.89 -0.25
C PHE B 256 -12.39 -3.76 -1.07
N ALA B 257 -13.67 -3.44 -0.87
CA ALA B 257 -14.25 -2.24 -1.42
C ALA B 257 -13.33 -1.08 -1.08
N ARG B 258 -12.88 -1.01 0.17
CA ARG B 258 -11.86 0.00 0.52
C ARG B 258 -10.74 0.04 -0.44
N GLU B 259 -10.11 -1.13 -0.66
CA GLU B 259 -8.87 -1.28 -1.41
C GLU B 259 -9.16 -0.95 -2.86
N LEU B 260 -10.38 -1.31 -3.33
CA LEU B 260 -10.75 -1.07 -4.75
C LEU B 260 -10.99 0.41 -5.08
N GLY B 261 -11.32 1.24 -4.09
CA GLY B 261 -11.22 2.72 -4.19
C GLY B 261 -12.52 3.35 -4.66
N VAL B 262 -13.59 2.54 -4.65
CA VAL B 262 -14.82 2.70 -5.24
C VAL B 262 -15.76 3.33 -4.24
N PRO B 263 -16.74 4.03 -4.73
CA PRO B 263 -17.31 5.06 -3.80
C PRO B 263 -18.38 4.69 -2.76
N ILE B 264 -19.11 3.58 -2.95
CA ILE B 264 -20.36 3.24 -2.18
CA ILE B 264 -20.26 3.25 -2.11
C ILE B 264 -20.42 1.75 -1.88
N VAL B 265 -20.93 1.42 -0.72
CA VAL B 265 -21.27 0.03 -0.45
C VAL B 265 -22.69 -0.04 0.06
N MET B 266 -23.23 -1.24 0.15
CA MET B 266 -24.58 -1.51 0.54
C MET B 266 -24.62 -2.32 1.86
N HIS B 267 -25.65 -2.14 2.67
CA HIS B 267 -25.99 -3.01 3.83
C HIS B 267 -27.49 -3.03 4.02
N ASP B 268 -28.05 -4.25 4.23
CA ASP B 268 -29.45 -4.40 4.63
C ASP B 268 -29.57 -4.32 6.15
N TYR B 269 -30.24 -3.31 6.67
CA TYR B 269 -29.98 -3.08 8.12
C TYR B 269 -30.77 -3.87 9.18
N LEU B 270 -31.83 -4.54 8.70
CA LEU B 270 -32.88 -4.99 9.56
C LEU B 270 -32.63 -6.44 9.63
N THR B 271 -32.37 -7.01 8.48
CA THR B 271 -31.76 -8.33 8.45
C THR B 271 -30.29 -8.24 8.88
N GLY B 272 -29.43 -7.51 8.20
CA GLY B 272 -28.08 -7.34 8.77
C GLY B 272 -28.25 -7.22 10.28
N GLY B 273 -28.82 -6.10 10.71
CA GLY B 273 -29.27 -5.83 12.12
C GLY B 273 -28.44 -4.68 12.60
N PHE B 274 -28.77 -4.07 13.74
CA PHE B 274 -28.33 -2.72 14.15
C PHE B 274 -26.93 -2.65 14.75
N THR B 275 -26.55 -3.71 15.46
CA THR B 275 -25.22 -3.74 16.03
C THR B 275 -24.25 -3.68 14.82
N ALA B 276 -24.53 -4.53 13.86
CA ALA B 276 -23.60 -4.71 12.74
C ALA B 276 -23.63 -3.48 11.85
N ASN B 277 -24.82 -2.93 11.66
CA ASN B 277 -25.00 -1.76 10.84
C ASN B 277 -24.22 -0.50 11.29
N THR B 278 -24.14 -0.23 12.61
CA THR B 278 -23.58 0.95 13.20
C THR B 278 -22.08 0.65 13.28
N THR B 279 -21.69 -0.65 13.16
CA THR B 279 -20.30 -1.09 13.07
C THR B 279 -19.96 -0.72 11.66
N LEU B 280 -20.86 -1.02 10.74
CA LEU B 280 -20.56 -0.72 9.32
C LEU B 280 -20.42 0.77 9.05
N SER B 281 -21.28 1.62 9.61
CA SER B 281 -21.20 3.08 9.45
C SER B 281 -19.94 3.67 10.00
N HIS B 282 -19.40 3.06 11.08
CA HIS B 282 -18.16 3.52 11.72
C HIS B 282 -16.97 3.36 10.84
N TYR B 283 -17.01 2.30 10.02
CA TYR B 283 -15.90 1.95 9.14
C TYR B 283 -16.06 2.72 7.86
N CYS B 284 -17.31 3.12 7.68
CA CYS B 284 -17.67 3.96 6.56
C CYS B 284 -17.24 5.39 6.78
N ARG B 285 -17.31 5.95 7.98
CA ARG B 285 -16.81 7.32 8.19
C ARG B 285 -15.28 7.41 8.48
N ASP B 286 -14.76 6.23 8.75
CA ASP B 286 -13.37 6.10 9.13
C ASP B 286 -12.51 5.88 7.84
N ASN B 287 -13.11 5.34 6.80
CA ASN B 287 -12.43 5.14 5.52
C ASN B 287 -13.19 5.74 4.38
N GLY B 288 -14.08 6.70 4.66
CA GLY B 288 -14.75 7.45 3.60
C GLY B 288 -15.51 6.62 2.57
N LEU B 289 -16.14 5.54 3.02
CA LEU B 289 -17.12 4.87 2.15
C LEU B 289 -18.59 5.35 2.33
N LEU B 290 -19.20 5.78 1.25
CA LEU B 290 -20.60 6.17 1.35
C LEU B 290 -21.38 4.90 1.55
N LEU B 291 -22.52 4.94 2.26
CA LEU B 291 -23.19 3.68 2.56
C LEU B 291 -24.72 3.71 2.31
N HIS B 292 -25.18 2.78 1.46
CA HIS B 292 -26.55 2.72 1.02
C HIS B 292 -27.35 1.86 1.86
N ILE B 293 -28.60 2.27 2.23
CA ILE B 293 -29.40 1.25 2.96
C ILE B 293 -30.65 0.68 2.34
N HIS B 294 -30.80 -0.65 2.45
CA HIS B 294 -32.02 -1.37 2.15
C HIS B 294 -32.79 -1.75 3.42
N ARG B 295 -34.11 -1.84 3.32
CA ARG B 295 -34.99 -1.93 4.51
C ARG B 295 -35.75 -3.21 4.26
N ALA B 296 -35.20 -4.10 3.44
CA ALA B 296 -35.44 -5.55 3.57
C ALA B 296 -36.08 -6.14 4.85
N MET B 297 -37.32 -6.63 4.76
CA MET B 297 -38.04 -7.05 5.99
C MET B 297 -38.89 -5.97 6.75
N HIS B 298 -38.53 -4.71 6.60
CA HIS B 298 -39.34 -3.59 7.14
C HIS B 298 -40.81 -3.84 7.06
N ALA B 299 -41.26 -4.39 5.95
CA ALA B 299 -42.71 -4.51 5.64
C ALA B 299 -43.38 -5.45 6.65
N VAL B 300 -42.58 -6.40 7.19
CA VAL B 300 -43.04 -7.49 8.10
C VAL B 300 -43.65 -6.80 9.34
N ILE B 301 -43.01 -5.70 9.77
CA ILE B 301 -43.18 -4.93 11.03
C ILE B 301 -44.05 -3.62 10.90
N ASP B 302 -43.93 -2.97 9.77
CA ASP B 302 -44.60 -1.68 9.53
C ASP B 302 -45.88 -1.81 8.71
N ARG B 303 -45.99 -2.91 8.03
CA ARG B 303 -47.10 -3.03 7.15
C ARG B 303 -48.50 -2.88 7.73
N GLN B 304 -48.81 -3.39 8.91
CA GLN B 304 -50.20 -3.41 9.25
C GLN B 304 -50.60 -2.24 10.16
N LYS B 305 -51.87 -1.77 10.08
CA LYS B 305 -52.30 -0.52 10.83
C LYS B 305 -52.52 -0.57 12.35
N ASN B 306 -52.89 -1.75 12.79
CA ASN B 306 -53.24 -2.08 14.16
C ASN B 306 -52.07 -2.51 15.11
N HIS B 307 -50.99 -3.10 14.52
CA HIS B 307 -49.89 -3.80 15.19
C HIS B 307 -48.53 -3.83 14.43
N GLY B 308 -47.51 -3.17 14.98
CA GLY B 308 -46.16 -3.39 14.50
C GLY B 308 -45.36 -2.18 14.87
N MET B 309 -44.54 -1.70 13.90
CA MET B 309 -43.84 -0.44 13.99
CA MET B 309 -43.88 -0.44 13.98
C MET B 309 -43.91 0.25 12.59
N HIS B 310 -44.49 1.47 12.56
CA HIS B 310 -44.53 2.33 11.35
C HIS B 310 -43.14 2.49 10.77
N PHE B 311 -43.03 2.71 9.47
CA PHE B 311 -41.72 2.82 8.86
C PHE B 311 -40.94 4.02 9.48
N ARG B 312 -41.67 5.01 10.02
CA ARG B 312 -41.07 6.25 10.58
CA ARG B 312 -41.00 6.22 10.50
C ARG B 312 -40.11 5.93 11.69
N VAL B 313 -40.55 5.03 12.57
CA VAL B 313 -39.77 4.66 13.73
C VAL B 313 -38.45 4.01 13.26
N LEU B 314 -38.56 2.97 12.45
CA LEU B 314 -37.38 2.43 11.77
C LEU B 314 -36.68 3.41 10.84
N ALA B 315 -37.31 4.55 10.51
CA ALA B 315 -36.59 5.57 9.69
C ALA B 315 -35.62 6.36 10.61
N LYS B 316 -36.12 6.79 11.76
CA LYS B 316 -35.27 7.36 12.79
C LYS B 316 -34.13 6.52 13.32
N ALA B 317 -34.22 5.22 13.10
CA ALA B 317 -33.34 4.29 13.79
C ALA B 317 -32.13 4.25 12.89
N LEU B 318 -32.50 4.31 11.61
CA LEU B 318 -31.50 4.35 10.62
C LEU B 318 -30.68 5.62 10.65
N ARG B 319 -31.33 6.80 10.72
CA ARG B 319 -30.60 8.02 10.90
C ARG B 319 -29.52 7.86 11.97
N LEU B 320 -29.96 7.46 13.16
CA LEU B 320 -29.12 7.30 14.32
C LEU B 320 -27.95 6.31 14.10
N SER B 321 -28.24 5.13 13.55
CA SER B 321 -27.23 4.07 13.44
C SER B 321 -26.22 4.45 12.35
N GLY B 322 -26.78 4.88 11.23
CA GLY B 322 -26.00 5.47 10.17
C GLY B 322 -26.35 4.81 8.87
N GLY B 323 -26.28 5.57 7.80
CA GLY B 323 -26.62 5.07 6.50
C GLY B 323 -26.71 6.29 5.61
N ASP B 324 -26.23 6.14 4.39
CA ASP B 324 -26.19 7.26 3.41
C ASP B 324 -27.46 7.44 2.68
N HIS B 325 -28.14 6.34 2.44
CA HIS B 325 -29.26 6.22 1.53
C HIS B 325 -30.10 5.29 2.34
N ILE B 326 -31.43 5.41 2.28
CA ILE B 326 -32.26 4.34 2.86
C ILE B 326 -33.43 4.11 1.93
N HIS B 327 -33.87 2.91 1.69
CA HIS B 327 -35.05 2.87 0.83
C HIS B 327 -36.25 3.59 1.44
N ALA B 328 -37.04 4.29 0.64
CA ALA B 328 -38.19 5.09 1.18
C ALA B 328 -39.53 4.96 0.48
N GLY B 329 -39.72 3.84 -0.22
CA GLY B 329 -41.00 3.56 -0.96
C GLY B 329 -41.11 4.35 -2.28
N THR B 330 -41.93 3.92 -3.23
CA THR B 330 -42.09 4.76 -4.43
C THR B 330 -43.37 5.65 -4.50
N VAL B 331 -44.28 5.58 -3.50
CA VAL B 331 -45.79 5.96 -3.56
C VAL B 331 -46.57 5.27 -4.73
N VAL B 332 -45.94 5.24 -5.91
CA VAL B 332 -46.67 4.95 -7.16
C VAL B 332 -46.44 3.53 -7.45
N GLY B 333 -45.16 3.11 -7.34
CA GLY B 333 -44.70 1.70 -7.65
C GLY B 333 -45.43 0.56 -7.00
N LYS B 334 -44.80 -0.61 -6.86
CA LYS B 334 -45.56 -1.90 -6.76
C LYS B 334 -45.81 -2.33 -5.34
N LEU B 335 -45.04 -1.73 -4.43
CA LEU B 335 -45.15 -2.00 -3.03
C LEU B 335 -45.66 -0.69 -2.36
N GLU B 336 -46.22 -0.88 -1.17
CA GLU B 336 -47.07 0.07 -0.46
C GLU B 336 -46.22 1.18 0.19
N GLY B 337 -46.88 2.25 0.63
CA GLY B 337 -46.34 3.56 1.03
C GLY B 337 -47.19 4.69 0.47
N GLU B 338 -47.71 5.58 1.31
CA GLU B 338 -48.71 6.64 0.84
C GLU B 338 -48.18 8.00 1.16
N ARG B 339 -48.59 8.95 0.32
CA ARG B 339 -47.92 10.16 0.05
C ARG B 339 -47.61 10.98 1.29
N GLU B 340 -48.67 11.30 2.06
CA GLU B 340 -48.62 12.40 2.98
C GLU B 340 -47.69 12.03 4.11
N ILE B 341 -47.96 10.83 4.55
CA ILE B 341 -47.22 10.05 5.48
C ILE B 341 -45.77 9.81 4.96
N THR B 342 -45.70 9.39 3.69
CA THR B 342 -44.43 9.17 2.92
C THR B 342 -43.68 10.53 2.84
N LEU B 343 -44.45 11.64 2.78
CA LEU B 343 -43.96 13.02 2.81
C LEU B 343 -43.33 13.28 4.23
N GLY B 344 -44.01 12.79 5.26
CA GLY B 344 -43.65 13.05 6.65
C GLY B 344 -42.29 12.51 6.96
N PHE B 345 -42.08 11.29 6.51
CA PHE B 345 -40.88 10.53 6.92
C PHE B 345 -39.55 10.88 6.22
N VAL B 346 -39.69 11.37 4.99
CA VAL B 346 -38.63 12.09 4.24
C VAL B 346 -38.14 13.37 4.98
N ASP B 347 -39.01 14.18 5.56
CA ASP B 347 -38.42 15.32 6.17
C ASP B 347 -37.63 14.85 7.43
N LEU B 348 -38.02 13.69 7.95
CA LEU B 348 -37.39 13.22 9.11
C LEU B 348 -36.08 12.58 8.81
N LEU B 349 -35.92 11.93 7.66
CA LEU B 349 -34.62 11.40 7.28
C LEU B 349 -33.73 12.56 6.82
N ARG B 350 -34.37 13.58 6.24
CA ARG B 350 -33.67 14.67 5.59
C ARG B 350 -33.35 15.95 6.40
N ASP B 351 -34.39 16.64 6.94
CA ASP B 351 -34.25 17.91 7.70
C ASP B 351 -33.59 17.95 9.13
N ASP B 352 -33.17 19.13 9.55
CA ASP B 352 -32.74 19.32 10.93
C ASP B 352 -33.95 19.41 11.85
N TYR B 353 -35.08 19.80 11.30
CA TYR B 353 -36.21 20.06 12.19
C TYR B 353 -37.58 19.81 11.58
N ILE B 354 -38.31 18.89 12.20
CA ILE B 354 -39.66 18.61 11.81
C ILE B 354 -40.66 18.84 12.98
N LYS B 355 -41.47 19.87 12.83
CA LYS B 355 -42.55 20.19 13.73
C LYS B 355 -43.59 19.07 13.71
N LYS B 356 -44.27 18.92 14.82
CA LYS B 356 -45.45 18.11 14.85
C LYS B 356 -46.35 18.37 13.70
N ASP B 357 -46.94 17.29 13.19
CA ASP B 357 -47.80 17.36 12.09
C ASP B 357 -48.53 16.04 11.80
N ARG B 358 -49.75 15.98 12.28
CA ARG B 358 -50.44 14.71 12.57
C ARG B 358 -51.15 14.28 11.34
N SER B 359 -51.23 15.27 10.44
CA SER B 359 -51.75 15.03 9.14
C SER B 359 -50.83 14.17 8.32
N ARG B 360 -49.57 14.09 8.79
CA ARG B 360 -48.52 13.45 8.13
C ARG B 360 -48.08 12.24 8.95
N GLY B 361 -48.80 11.96 10.07
CA GLY B 361 -48.40 10.87 10.99
C GLY B 361 -47.13 11.32 11.71
N ILE B 362 -46.96 12.63 11.89
CA ILE B 362 -45.85 13.14 12.67
CA ILE B 362 -45.85 13.14 12.66
C ILE B 362 -46.27 13.48 14.09
N TYR B 363 -46.03 12.50 15.01
CA TYR B 363 -46.46 12.58 16.41
C TYR B 363 -45.72 13.60 17.30
N PHE B 364 -44.40 13.65 17.15
CA PHE B 364 -43.72 14.67 17.90
C PHE B 364 -42.93 15.54 17.05
N THR B 365 -42.48 16.61 17.67
CA THR B 365 -41.45 17.47 17.16
C THR B 365 -40.12 16.78 17.41
N GLN B 366 -39.31 16.86 16.37
CA GLN B 366 -38.05 16.21 16.31
C GLN B 366 -37.01 17.19 15.86
N ASP B 367 -36.06 17.31 16.75
CA ASP B 367 -34.91 18.15 16.52
C ASP B 367 -33.80 17.20 16.35
N TRP B 368 -32.93 17.42 15.36
CA TRP B 368 -31.72 16.59 15.11
C TRP B 368 -30.36 17.19 15.42
N VAL B 369 -30.30 18.47 15.82
CA VAL B 369 -29.06 19.06 16.37
CA VAL B 369 -29.05 19.07 16.32
C VAL B 369 -27.82 18.82 15.42
N SER B 370 -28.04 18.99 14.09
CA SER B 370 -27.06 18.96 13.05
C SER B 370 -26.61 17.60 12.53
N LEU B 371 -27.04 16.54 13.17
CA LEU B 371 -26.96 15.17 12.62
C LEU B 371 -27.25 15.12 11.06
N PRO B 372 -26.39 14.52 10.14
CA PRO B 372 -26.56 14.51 8.63
C PRO B 372 -27.86 13.87 8.24
N GLY B 373 -28.38 14.28 7.09
CA GLY B 373 -29.61 13.74 6.60
C GLY B 373 -29.37 12.51 5.72
N VAL B 374 -30.40 11.68 5.60
CA VAL B 374 -30.33 10.53 4.71
C VAL B 374 -30.99 10.96 3.40
N ILE B 375 -30.46 10.47 2.29
CA ILE B 375 -31.08 10.72 1.00
C ILE B 375 -32.04 9.59 0.83
N PRO B 376 -33.29 9.91 0.64
CA PRO B 376 -34.22 8.86 0.42
C PRO B 376 -34.14 8.22 -0.96
N VAL B 377 -34.42 6.94 -1.00
CA VAL B 377 -34.29 6.21 -2.24
C VAL B 377 -35.68 5.71 -2.61
N ALA B 378 -36.20 6.16 -3.76
CA ALA B 378 -37.46 5.59 -4.30
C ALA B 378 -37.15 4.42 -5.29
N SER B 379 -37.99 3.38 -5.34
CA SER B 379 -37.54 2.12 -5.99
C SER B 379 -38.61 1.02 -5.82
N GLY B 380 -39.19 0.61 -6.94
CA GLY B 380 -40.24 -0.39 -6.86
C GLY B 380 -41.38 -0.23 -7.81
N GLY B 381 -41.28 -1.07 -8.82
CA GLY B 381 -42.10 -1.06 -10.06
C GLY B 381 -42.26 0.29 -10.71
N ILE B 382 -41.26 1.17 -10.55
CA ILE B 382 -41.30 2.42 -11.25
C ILE B 382 -40.80 2.34 -12.72
N HIS B 383 -41.32 3.26 -13.56
CA HIS B 383 -40.79 3.43 -14.96
C HIS B 383 -40.81 4.83 -15.52
N VAL B 384 -40.43 4.90 -16.79
CA VAL B 384 -40.23 6.19 -17.39
C VAL B 384 -41.43 7.19 -17.27
N TRP B 385 -42.62 6.67 -17.06
CA TRP B 385 -43.76 7.53 -16.98
C TRP B 385 -43.90 8.01 -15.53
N HIS B 386 -43.17 7.41 -14.58
CA HIS B 386 -43.39 7.75 -13.15
C HIS B 386 -42.68 8.97 -12.77
N MET B 387 -41.80 9.38 -13.69
CA MET B 387 -40.69 10.24 -13.40
C MET B 387 -41.03 11.60 -12.81
N PRO B 388 -42.26 12.15 -13.05
CA PRO B 388 -42.59 13.51 -12.68
C PRO B 388 -43.41 13.52 -11.41
N ALA B 389 -44.45 12.65 -11.27
CA ALA B 389 -45.00 12.30 -9.94
C ALA B 389 -43.79 12.23 -9.05
N LEU B 390 -42.70 11.56 -9.49
CA LEU B 390 -41.54 11.28 -8.61
C LEU B 390 -40.75 12.47 -8.11
N THR B 391 -40.52 13.41 -9.02
CA THR B 391 -39.66 14.56 -8.92
C THR B 391 -40.44 15.48 -8.04
N GLU B 392 -41.78 15.50 -8.22
CA GLU B 392 -42.71 16.40 -7.45
C GLU B 392 -42.75 15.91 -5.95
N ILE B 393 -42.96 14.60 -5.75
CA ILE B 393 -42.88 13.93 -4.35
C ILE B 393 -41.52 14.16 -3.62
N PHE B 394 -40.39 13.68 -4.21
CA PHE B 394 -39.14 13.59 -3.43
C PHE B 394 -38.29 14.84 -3.59
N GLY B 395 -38.40 15.51 -4.73
CA GLY B 395 -37.49 16.54 -4.91
C GLY B 395 -36.09 15.99 -5.34
N ASP B 396 -35.10 16.79 -5.13
CA ASP B 396 -33.84 16.71 -5.81
C ASP B 396 -32.95 15.90 -4.98
N ASP B 397 -33.12 16.06 -3.67
CA ASP B 397 -32.47 15.26 -2.71
C ASP B 397 -32.99 13.87 -2.62
N SER B 398 -32.87 13.12 -3.70
CA SER B 398 -33.40 11.79 -3.63
C SER B 398 -32.69 11.00 -4.65
N VAL B 399 -32.72 9.67 -4.51
CA VAL B 399 -32.08 8.71 -5.47
C VAL B 399 -33.19 7.93 -6.21
N LEU B 400 -33.39 8.05 -7.52
CA LEU B 400 -34.54 7.38 -8.17
C LEU B 400 -33.99 6.13 -8.89
N GLN B 401 -34.59 4.95 -8.65
CA GLN B 401 -34.03 3.59 -8.88
C GLN B 401 -34.95 2.77 -9.73
N PHE B 402 -34.35 2.34 -10.88
CA PHE B 402 -34.99 1.66 -12.02
C PHE B 402 -34.24 0.38 -12.49
N GLY B 403 -34.58 -0.79 -11.97
CA GLY B 403 -34.05 -2.03 -12.55
C GLY B 403 -34.88 -2.45 -13.72
N GLY B 404 -36.14 -2.68 -13.44
CA GLY B 404 -37.13 -3.00 -14.45
C GLY B 404 -37.06 -1.89 -15.47
N GLY B 405 -36.89 -0.67 -14.93
CA GLY B 405 -37.05 0.59 -15.62
C GLY B 405 -35.98 0.75 -16.66
N THR B 406 -34.98 -0.11 -16.60
CA THR B 406 -33.77 0.03 -17.38
C THR B 406 -33.44 -1.31 -17.95
N LEU B 407 -33.46 -2.35 -17.15
CA LEU B 407 -32.93 -3.60 -17.68
C LEU B 407 -33.97 -4.26 -18.57
N GLY B 408 -35.16 -3.63 -18.59
CA GLY B 408 -36.28 -4.04 -19.43
C GLY B 408 -36.63 -3.15 -20.64
N HIS B 409 -35.84 -2.11 -20.94
CA HIS B 409 -36.05 -1.26 -22.17
C HIS B 409 -35.75 -2.14 -23.34
N PRO B 410 -36.52 -2.00 -24.50
CA PRO B 410 -36.39 -2.87 -25.65
C PRO B 410 -35.02 -2.93 -26.25
N TRP B 411 -34.27 -1.83 -26.10
CA TRP B 411 -32.93 -1.60 -26.66
C TRP B 411 -31.76 -1.98 -25.74
N GLY B 412 -32.09 -2.07 -24.43
CA GLY B 412 -31.13 -2.63 -23.48
C GLY B 412 -30.80 -1.55 -22.52
N ASN B 413 -29.62 -1.80 -21.93
CA ASN B 413 -29.27 -1.30 -20.56
C ASN B 413 -28.77 0.11 -20.78
N ALA B 414 -27.93 0.29 -21.81
CA ALA B 414 -27.34 1.63 -22.09
C ALA B 414 -28.42 2.66 -22.35
N PRO B 415 -29.41 2.29 -23.18
CA PRO B 415 -30.61 3.04 -23.52
C PRO B 415 -31.66 3.27 -22.52
N GLY B 416 -32.05 2.18 -21.84
CA GLY B 416 -32.92 2.20 -20.70
C GLY B 416 -32.39 3.25 -19.78
N ALA B 417 -31.06 3.27 -19.63
CA ALA B 417 -30.38 4.33 -18.87
C ALA B 417 -30.57 5.71 -19.36
N VAL B 418 -30.24 5.87 -20.65
CA VAL B 418 -30.57 7.07 -21.43
C VAL B 418 -32.07 7.42 -21.28
N ALA B 419 -33.05 6.51 -21.51
CA ALA B 419 -34.46 6.85 -21.41
C ALA B 419 -34.70 7.51 -20.07
N ASN B 420 -34.37 6.86 -18.95
CA ASN B 420 -34.63 7.42 -17.64
C ASN B 420 -33.86 8.71 -17.43
N ARG B 421 -32.57 8.74 -17.78
CA ARG B 421 -31.73 9.95 -17.53
C ARG B 421 -32.28 11.26 -18.17
N VAL B 422 -32.70 11.10 -19.42
CA VAL B 422 -33.36 12.18 -20.12
C VAL B 422 -34.71 12.51 -19.46
N ALA B 423 -35.58 11.51 -19.28
CA ALA B 423 -36.94 11.77 -18.71
C ALA B 423 -36.86 12.38 -17.34
N LEU B 424 -35.81 12.05 -16.60
CA LEU B 424 -35.48 12.80 -15.40
C LEU B 424 -35.11 14.28 -15.63
N GLU B 425 -33.96 14.52 -16.16
CA GLU B 425 -33.68 15.83 -16.72
C GLU B 425 -34.81 16.73 -17.35
N ALA B 426 -35.77 16.08 -17.99
CA ALA B 426 -36.76 16.73 -18.83
C ALA B 426 -37.77 17.42 -17.86
N CYS B 427 -38.00 16.71 -16.77
CA CYS B 427 -38.66 17.11 -15.51
C CYS B 427 -38.06 18.26 -14.72
N VAL B 428 -36.81 18.08 -14.30
CA VAL B 428 -35.99 19.12 -13.70
C VAL B 428 -36.24 20.44 -14.44
N GLN B 429 -35.81 20.54 -15.71
CA GLN B 429 -35.79 21.80 -16.41
C GLN B 429 -37.21 22.44 -16.45
N ALA B 430 -38.19 21.62 -16.85
CA ALA B 430 -39.56 22.02 -16.89
C ALA B 430 -40.02 22.59 -15.55
N ARG B 431 -39.78 21.89 -14.44
CA ARG B 431 -40.10 22.47 -13.09
C ARG B 431 -39.40 23.85 -12.87
N ASN B 432 -38.13 23.90 -13.25
CA ASN B 432 -37.33 25.09 -13.06
C ASN B 432 -37.81 26.26 -13.92
N GLU B 433 -38.32 25.94 -15.10
CA GLU B 433 -38.86 26.92 -16.05
C GLU B 433 -40.21 27.44 -15.57
N GLY B 434 -40.76 26.78 -14.56
CA GLY B 434 -42.05 27.16 -14.02
C GLY B 434 -43.25 26.30 -14.41
N ARG B 435 -43.00 25.10 -14.92
CA ARG B 435 -44.13 24.20 -15.24
C ARG B 435 -44.61 23.45 -14.02
N ASP B 436 -45.88 23.05 -14.03
CA ASP B 436 -46.34 22.16 -12.97
C ASP B 436 -46.28 20.69 -13.36
N LEU B 437 -45.44 19.98 -12.62
CA LEU B 437 -45.14 18.59 -12.82
C LEU B 437 -46.29 17.58 -12.66
N ALA B 438 -47.30 17.84 -11.83
CA ALA B 438 -48.37 16.85 -11.67
C ALA B 438 -49.55 17.11 -12.60
N ARG B 439 -49.82 18.38 -12.94
CA ARG B 439 -50.88 18.70 -13.91
C ARG B 439 -50.41 18.51 -15.35
N GLU B 440 -49.19 18.98 -15.66
CA GLU B 440 -48.59 18.86 -16.99
C GLU B 440 -47.49 17.79 -17.09
N GLY B 441 -47.63 16.71 -16.33
CA GLY B 441 -46.56 15.67 -16.25
C GLY B 441 -46.40 14.79 -17.47
N ASN B 442 -47.52 14.16 -17.85
CA ASN B 442 -47.60 13.28 -19.01
C ASN B 442 -47.07 13.94 -20.30
N ALA B 443 -47.03 15.26 -20.35
CA ALA B 443 -46.61 15.96 -21.58
C ALA B 443 -45.10 16.21 -21.67
N ILE B 444 -44.48 16.61 -20.54
CA ILE B 444 -43.09 17.00 -20.54
C ILE B 444 -42.39 15.74 -21.05
N ILE B 445 -43.08 14.63 -20.89
CA ILE B 445 -42.52 13.40 -21.40
C ILE B 445 -42.76 13.25 -22.90
N ARG B 446 -43.94 13.61 -23.44
CA ARG B 446 -44.20 13.39 -24.87
C ARG B 446 -43.29 14.32 -25.69
N GLU B 447 -43.28 15.60 -25.32
CA GLU B 447 -42.27 16.55 -25.78
C GLU B 447 -40.88 16.00 -25.68
N ALA B 448 -40.65 15.10 -24.76
CA ALA B 448 -39.28 14.61 -24.59
C ALA B 448 -39.00 13.33 -25.41
N CYS B 449 -40.07 12.61 -25.70
CA CYS B 449 -40.09 11.47 -26.60
C CYS B 449 -39.64 11.93 -27.99
N LYS B 450 -39.93 13.19 -28.30
CA LYS B 450 -39.59 13.77 -29.61
C LYS B 450 -38.08 13.79 -29.86
N TRP B 451 -37.29 14.08 -28.82
CA TRP B 451 -35.84 14.19 -29.00
C TRP B 451 -35.04 12.96 -28.61
N SER B 452 -35.57 12.14 -27.71
CA SER B 452 -34.87 10.88 -27.36
C SER B 452 -35.55 9.70 -28.01
N PRO B 453 -34.83 8.93 -28.89
CA PRO B 453 -35.49 7.69 -29.33
C PRO B 453 -35.45 6.62 -28.22
N GLU B 454 -34.45 6.75 -27.36
CA GLU B 454 -34.31 5.92 -26.17
C GLU B 454 -35.56 5.98 -25.30
N LEU B 455 -35.89 7.18 -24.79
CA LEU B 455 -37.18 7.41 -24.08
C LEU B 455 -38.48 6.88 -24.72
N ALA B 456 -38.96 7.54 -25.79
CA ALA B 456 -40.13 7.17 -26.60
C ALA B 456 -40.38 5.67 -26.73
N ALA B 457 -39.31 4.90 -26.87
CA ALA B 457 -39.42 3.44 -26.97
C ALA B 457 -39.97 2.85 -25.68
N ALA B 458 -39.47 3.38 -24.57
CA ALA B 458 -39.86 2.85 -23.27
C ALA B 458 -41.30 3.23 -22.88
N CYS B 459 -41.81 4.35 -23.39
CA CYS B 459 -43.18 4.74 -23.11
C CYS B 459 -44.19 3.98 -23.88
N GLU B 460 -43.82 3.46 -25.03
CA GLU B 460 -44.69 2.53 -25.77
C GLU B 460 -44.81 1.17 -25.05
N VAL B 461 -43.72 0.70 -24.42
CA VAL B 461 -43.70 -0.64 -23.78
C VAL B 461 -44.44 -0.66 -22.40
N TRP B 462 -44.37 0.48 -21.69
CA TRP B 462 -44.96 0.65 -20.37
C TRP B 462 -46.06 1.63 -20.42
N LYS B 463 -46.60 1.81 -21.63
CA LYS B 463 -47.90 2.41 -21.90
C LYS B 463 -49.00 1.55 -21.26
N GLU B 464 -49.63 2.11 -20.22
CA GLU B 464 -50.72 1.47 -19.49
C GLU B 464 -50.29 0.35 -18.55
N ILE B 465 -49.25 0.62 -17.76
CA ILE B 465 -48.97 -0.08 -16.51
C ILE B 465 -49.16 0.97 -15.41
N LYS B 466 -50.08 0.71 -14.50
CA LYS B 466 -50.39 1.63 -13.40
C LYS B 466 -50.51 0.76 -12.14
N PHE B 467 -49.75 1.09 -11.08
CA PHE B 467 -49.76 0.31 -9.82
C PHE B 467 -50.65 0.94 -8.79
N GLU B 468 -51.88 0.42 -8.77
CA GLU B 468 -53.01 1.05 -8.13
C GLU B 468 -53.82 -0.03 -7.42
N PHE B 469 -54.06 0.19 -6.13
CA PHE B 469 -54.85 -0.76 -5.32
C PHE B 469 -55.38 -0.11 -4.05
N GLY C 12 19.67 13.31 63.41
CA GLY C 12 18.64 13.61 64.46
C GLY C 12 17.36 14.28 63.93
N PHE C 13 16.36 13.45 63.66
CA PHE C 13 15.04 13.90 63.21
C PHE C 13 14.36 14.60 64.38
N LYS C 14 14.22 15.90 64.29
CA LYS C 14 13.37 16.62 65.23
C LYS C 14 12.09 17.04 64.51
N ALA C 15 11.02 16.34 64.83
CA ALA C 15 9.69 16.63 64.32
C ALA C 15 9.27 18.08 64.45
N GLY C 16 8.88 18.63 63.30
CA GLY C 16 8.12 19.86 63.29
C GLY C 16 8.65 20.97 62.43
N VAL C 17 7.98 22.12 62.60
CA VAL C 17 7.92 23.19 61.62
C VAL C 17 9.02 24.19 61.82
N LYS C 18 9.51 24.72 60.71
CA LYS C 18 10.71 25.52 60.73
C LYS C 18 10.65 26.39 59.48
N ASP C 19 11.51 27.39 59.37
CA ASP C 19 11.55 28.17 58.12
C ASP C 19 12.27 27.40 57.00
N TYR C 20 11.94 27.72 55.74
CA TYR C 20 12.67 27.23 54.59
C TYR C 20 14.00 27.98 54.51
N LYS C 21 13.92 29.31 54.45
CA LYS C 21 15.06 30.27 54.55
C LYS C 21 16.46 29.64 54.66
N LEU C 22 16.53 28.61 55.51
CA LEU C 22 17.77 28.12 56.04
C LEU C 22 18.28 26.85 55.34
N THR C 23 17.38 25.98 54.90
CA THR C 23 17.73 24.81 54.07
C THR C 23 17.61 25.16 52.59
N TYR C 24 16.49 25.78 52.22
CA TYR C 24 16.09 25.89 50.81
C TYR C 24 16.43 27.21 50.12
N TYR C 25 17.47 27.89 50.59
CA TYR C 25 17.91 29.15 50.05
C TYR C 25 19.39 29.27 50.41
N THR C 26 20.24 29.67 49.44
CA THR C 26 21.72 29.45 49.53
C THR C 26 22.59 30.42 48.73
N PRO C 27 22.85 31.62 49.25
CA PRO C 27 23.47 32.61 48.36
C PRO C 27 24.92 32.37 47.94
N ASP C 28 25.60 31.39 48.52
CA ASP C 28 26.97 31.17 48.14
C ASP C 28 27.08 30.14 46.99
N TYR C 29 25.97 29.59 46.52
CA TYR C 29 26.02 28.48 45.56
C TYR C 29 26.52 28.84 44.15
N GLN C 30 27.52 28.09 43.66
CA GLN C 30 27.96 28.21 42.25
C GLN C 30 27.12 27.23 41.39
N THR C 31 26.46 27.69 40.33
CA THR C 31 25.58 26.78 39.60
C THR C 31 26.33 25.67 38.84
N LYS C 32 25.74 24.48 38.75
CA LYS C 32 26.27 23.46 37.87
C LYS C 32 25.86 23.70 36.36
N ASP C 33 26.63 23.14 35.43
CA ASP C 33 26.27 23.35 34.02
C ASP C 33 25.23 22.40 33.70
N THR C 34 24.90 21.57 34.69
CA THR C 34 23.84 20.64 34.50
C THR C 34 22.53 21.13 35.16
N ASP C 35 22.56 22.30 35.77
CA ASP C 35 21.42 22.81 36.53
C ASP C 35 20.36 23.39 35.58
N ILE C 36 19.14 23.01 35.86
CA ILE C 36 18.03 23.68 35.19
C ILE C 36 17.84 24.97 35.96
N LEU C 37 17.94 26.07 35.28
CA LEU C 37 17.68 27.37 35.98
C LEU C 37 16.31 28.10 35.79
N ALA C 38 15.74 28.57 36.90
CA ALA C 38 14.53 29.42 36.84
C ALA C 38 14.62 30.85 37.38
N ALA C 39 13.78 31.72 36.83
CA ALA C 39 13.79 33.14 37.11
C ALA C 39 12.37 33.49 37.43
N PHE C 40 12.03 33.34 38.69
CA PHE C 40 10.72 33.69 39.13
C PHE C 40 10.70 35.16 39.47
N ARG C 41 9.78 35.91 38.82
CA ARG C 41 9.44 37.26 39.30
C ARG C 41 8.40 37.15 40.42
N VAL C 42 8.88 37.40 41.66
CA VAL C 42 8.17 37.13 42.92
C VAL C 42 7.68 38.44 43.53
N THR C 43 6.40 38.46 43.93
CA THR C 43 5.78 39.54 44.70
C THR C 43 5.26 38.83 45.94
N PRO C 44 5.90 39.00 47.12
CA PRO C 44 5.47 38.29 48.31
C PRO C 44 4.29 38.97 49.03
N GLN C 45 3.68 38.26 49.99
CA GLN C 45 2.66 38.83 50.87
C GLN C 45 3.40 39.82 51.73
N PRO C 46 2.70 40.84 52.28
CA PRO C 46 3.39 41.89 53.04
C PRO C 46 3.87 41.34 54.39
N GLY C 47 5.04 41.77 54.84
CA GLY C 47 5.65 41.19 56.06
C GLY C 47 6.23 39.78 55.88
N VAL C 48 6.61 39.43 54.65
CA VAL C 48 7.31 38.17 54.41
C VAL C 48 8.67 38.52 53.79
N PRO C 49 9.76 38.00 54.37
CA PRO C 49 11.04 38.56 53.93
C PRO C 49 11.42 38.05 52.54
N PRO C 50 12.00 38.95 51.71
CA PRO C 50 12.61 38.59 50.44
C PRO C 50 13.20 37.17 50.43
N GLU C 51 14.14 36.88 51.33
CA GLU C 51 14.91 35.62 51.31
C GLU C 51 14.06 34.37 51.51
N GLU C 52 13.30 34.34 52.61
CA GLU C 52 12.40 33.21 52.93
C GLU C 52 11.42 32.90 51.80
N ALA C 53 10.84 33.94 51.19
CA ALA C 53 9.96 33.80 50.01
C ALA C 53 10.61 33.00 48.87
N GLY C 54 11.86 33.35 48.57
CA GLY C 54 12.72 32.62 47.59
C GLY C 54 12.90 31.13 47.82
N ALA C 55 13.48 30.79 48.96
CA ALA C 55 13.54 29.41 49.49
C ALA C 55 12.22 28.67 49.50
N ALA C 56 11.15 29.38 49.83
CA ALA C 56 9.82 28.76 49.85
C ALA C 56 9.54 28.29 48.43
N VAL C 57 9.73 29.22 47.48
CA VAL C 57 9.64 28.99 46.07
C VAL C 57 10.44 27.76 45.69
N ALA C 58 11.74 27.78 46.02
CA ALA C 58 12.67 26.66 45.80
C ALA C 58 12.28 25.32 46.46
N ALA C 59 11.93 25.40 47.74
CA ALA C 59 11.59 24.24 48.53
C ALA C 59 10.46 23.41 47.94
N GLU C 60 9.42 24.09 47.49
CA GLU C 60 8.22 23.39 47.10
C GLU C 60 8.23 23.03 45.61
N SER C 61 8.92 23.81 44.80
CA SER C 61 9.08 23.41 43.42
C SER C 61 10.14 22.31 43.23
N SER C 62 10.61 21.66 44.32
CA SER C 62 11.71 20.65 44.29
C SER C 62 11.60 19.44 45.22
N THR C 63 11.67 19.63 46.54
CA THR C 63 11.78 18.45 47.44
C THR C 63 11.10 18.61 48.80
N GLY C 64 10.94 19.85 49.23
CA GLY C 64 10.52 20.15 50.59
C GLY C 64 9.04 19.96 50.81
N THR C 65 8.64 20.07 52.07
CA THR C 65 7.23 20.30 52.42
C THR C 65 7.20 21.27 53.61
N TRP C 66 6.00 21.56 54.12
CA TRP C 66 5.78 22.60 55.15
C TRP C 66 6.29 22.25 56.52
N THR C 67 6.77 21.01 56.69
CA THR C 67 7.31 20.54 57.98
C THR C 67 8.33 19.41 57.86
N THR C 68 8.91 19.00 58.99
CA THR C 68 9.99 18.01 58.99
CA THR C 68 9.98 18.02 58.98
C THR C 68 9.43 16.60 58.90
N VAL C 69 10.12 15.79 58.13
CA VAL C 69 9.73 14.44 57.91
C VAL C 69 11.09 13.80 57.97
N TRP C 70 11.19 12.61 58.59
CA TRP C 70 12.46 11.89 58.84
C TRP C 70 13.16 11.37 57.60
N THR C 71 12.35 11.00 56.59
CA THR C 71 12.81 10.36 55.35
C THR C 71 13.79 11.22 54.55
N ASP C 72 13.74 12.54 54.80
CA ASP C 72 14.79 13.47 54.36
C ASP C 72 16.14 12.87 54.74
N GLY C 73 16.10 11.93 55.68
CA GLY C 73 17.27 11.28 56.16
C GLY C 73 17.65 10.00 55.45
N LEU C 74 16.71 9.37 54.72
CA LEU C 74 17.05 8.16 53.96
C LEU C 74 17.88 8.53 52.73
N THR C 75 17.62 9.75 52.22
CA THR C 75 18.37 10.37 51.10
C THR C 75 19.27 11.55 51.54
N SER C 76 19.76 12.32 50.56
CA SER C 76 20.74 13.40 50.75
C SER C 76 20.25 14.70 50.11
N LEU C 77 19.85 15.68 50.93
CA LEU C 77 19.22 16.93 50.44
C LEU C 77 20.17 17.83 49.67
N ASP C 78 21.33 18.11 50.24
CA ASP C 78 22.43 18.79 49.53
C ASP C 78 22.56 18.40 48.05
N ARG C 79 22.38 17.12 47.76
CA ARG C 79 22.32 16.68 46.38
C ARG C 79 21.04 17.18 45.61
N TYR C 80 19.84 16.96 46.16
CA TYR C 80 18.53 17.04 45.42
C TYR C 80 17.62 18.30 45.47
N LYS C 81 17.98 19.36 46.17
CA LYS C 81 16.94 20.36 46.43
C LYS C 81 17.04 21.57 45.52
N GLY C 82 15.94 22.24 45.24
CA GLY C 82 15.98 23.48 44.49
C GLY C 82 16.53 24.59 45.36
N ARG C 83 17.48 25.36 44.86
CA ARG C 83 18.14 26.37 45.67
CA ARG C 83 18.17 26.37 45.66
C ARG C 83 17.84 27.75 45.13
N CYS C 84 17.21 28.61 45.93
CA CYS C 84 17.21 30.01 45.58
C CYS C 84 18.65 30.51 45.84
N TYR C 85 19.43 30.66 44.78
CA TYR C 85 20.85 31.04 44.88
C TYR C 85 21.16 32.49 44.73
N GLU C 86 20.13 33.31 44.50
CA GLU C 86 20.34 34.71 44.16
C GLU C 86 18.98 35.43 44.08
N ILE C 87 18.94 36.61 44.69
CA ILE C 87 17.72 37.38 44.89
C ILE C 87 17.90 38.79 44.34
N GLU C 88 17.01 39.22 43.44
CA GLU C 88 17.13 40.53 42.75
C GLU C 88 16.04 41.55 43.12
N PRO C 89 16.42 42.83 43.34
CA PRO C 89 15.45 43.90 43.54
C PRO C 89 14.80 44.45 42.25
N VAL C 90 13.50 44.22 42.06
CA VAL C 90 12.80 44.87 40.94
C VAL C 90 12.29 46.23 41.43
N PRO C 91 12.43 47.29 40.60
CA PRO C 91 11.88 48.57 41.03
C PRO C 91 10.36 48.51 41.25
N GLY C 92 9.84 49.44 42.07
CA GLY C 92 8.41 49.87 42.07
C GLY C 92 7.25 49.16 42.79
N GLU C 93 6.54 48.30 42.03
CA GLU C 93 5.52 47.38 42.58
C GLU C 93 6.18 46.64 43.75
N ASP C 94 5.40 46.48 44.82
CA ASP C 94 5.93 46.48 46.18
C ASP C 94 6.73 45.25 46.56
N ASN C 95 8.04 45.45 46.63
CA ASN C 95 9.00 44.47 47.09
C ASN C 95 9.01 43.24 46.17
N GLN C 96 8.94 43.51 44.87
CA GLN C 96 9.08 42.51 43.86
C GLN C 96 10.56 42.23 43.76
N PHE C 97 10.89 40.98 43.41
CA PHE C 97 12.26 40.60 43.15
C PHE C 97 12.30 39.38 42.28
N ILE C 98 13.47 39.14 41.67
CA ILE C 98 13.72 37.94 40.91
C ILE C 98 14.48 37.01 41.84
N ALA C 99 13.96 35.81 41.98
CA ALA C 99 14.67 34.83 42.71
C ALA C 99 15.12 33.71 41.76
N TYR C 100 16.40 33.48 41.77
CA TYR C 100 17.05 32.51 40.88
C TYR C 100 17.20 31.22 41.60
N VAL C 101 16.64 30.17 40.97
CA VAL C 101 16.44 28.87 41.58
C VAL C 101 17.12 27.85 40.70
N ALA C 102 17.90 27.01 41.36
CA ALA C 102 18.70 26.02 40.65
C ALA C 102 18.12 24.66 40.83
N TYR C 103 17.81 23.97 39.73
CA TYR C 103 17.19 22.64 39.90
C TYR C 103 18.16 21.56 39.38
N PRO C 104 18.56 20.63 40.27
CA PRO C 104 19.49 19.61 39.80
C PRO C 104 18.86 18.65 38.77
N LEU C 105 19.74 18.22 37.85
CA LEU C 105 19.38 17.46 36.65
C LEU C 105 18.52 16.29 37.00
N ASP C 106 18.73 15.80 38.23
CA ASP C 106 18.22 14.51 38.63
C ASP C 106 16.72 14.40 38.83
N LEU C 107 16.12 15.59 38.98
CA LEU C 107 14.73 15.82 39.36
C LEU C 107 13.84 15.55 38.20
N PHE C 108 14.40 15.73 37.00
CA PHE C 108 13.74 15.61 35.67
C PHE C 108 13.78 14.24 34.97
N GLU C 109 12.58 13.89 34.45
CA GLU C 109 12.41 12.77 33.56
C GLU C 109 12.86 13.04 32.13
N GLU C 110 13.81 12.21 31.71
CA GLU C 110 14.29 12.14 30.36
C GLU C 110 13.21 12.41 29.33
N GLY C 111 13.22 13.61 28.77
CA GLY C 111 12.41 13.92 27.56
C GLY C 111 10.97 14.34 27.85
N SER C 112 10.73 14.93 29.00
CA SER C 112 9.34 15.05 29.40
C SER C 112 9.23 16.52 29.70
N VAL C 113 8.37 17.19 28.97
CA VAL C 113 8.28 18.65 29.14
C VAL C 113 7.21 18.84 30.26
N THR C 114 6.18 18.02 30.17
CA THR C 114 5.24 17.71 31.24
C THR C 114 5.84 17.52 32.61
N ASN C 115 6.81 16.58 32.73
CA ASN C 115 7.53 16.47 33.99
C ASN C 115 8.29 17.69 34.51
N MET C 116 9.10 18.36 33.68
CA MET C 116 9.83 19.52 34.11
C MET C 116 8.76 20.54 34.41
N PHE C 117 7.54 20.42 33.91
CA PHE C 117 6.48 21.51 34.10
C PHE C 117 5.76 21.45 35.40
N THR C 118 5.47 20.20 35.71
CA THR C 118 4.91 19.74 36.97
C THR C 118 5.82 20.23 38.06
N SER C 119 7.09 19.94 37.97
CA SER C 119 7.94 20.37 39.05
CA SER C 119 7.94 20.37 39.04
C SER C 119 7.99 21.87 39.17
N ILE C 120 8.45 22.53 38.11
CA ILE C 120 8.90 23.89 38.27
C ILE C 120 7.70 24.87 38.37
N VAL C 121 6.58 24.47 37.79
CA VAL C 121 5.36 25.34 37.83
C VAL C 121 4.17 24.67 38.47
N GLY C 122 4.42 23.52 39.14
CA GLY C 122 3.36 22.72 39.80
C GLY C 122 2.49 23.35 40.91
N ASN C 123 3.10 23.89 41.98
CA ASN C 123 2.33 24.51 43.09
C ASN C 123 2.73 25.92 43.55
N VAL C 124 3.99 26.29 43.41
CA VAL C 124 4.49 27.54 43.94
CA VAL C 124 4.52 27.56 43.91
C VAL C 124 3.66 28.80 43.57
N PHE C 125 2.81 28.70 42.57
CA PHE C 125 2.06 29.89 42.19
C PHE C 125 0.82 30.06 43.11
N GLY C 126 0.59 29.07 44.00
CA GLY C 126 -0.59 29.04 44.90
C GLY C 126 -0.34 29.33 46.40
N PHE C 127 0.92 29.56 46.78
CA PHE C 127 1.28 29.79 48.16
C PHE C 127 0.48 30.97 48.66
N LYS C 128 -0.07 30.83 49.88
CA LYS C 128 -0.79 31.92 50.57
C LYS C 128 0.11 33.09 50.87
N ALA C 129 1.36 32.77 51.18
CA ALA C 129 2.34 33.78 51.52
C ALA C 129 2.77 34.56 50.26
N LEU C 130 2.17 34.25 49.12
CA LEU C 130 2.48 34.98 47.88
C LEU C 130 1.27 35.79 47.36
N ARG C 131 1.53 36.92 46.69
CA ARG C 131 0.50 37.67 45.94
C ARG C 131 0.64 37.44 44.44
N ALA C 132 1.79 36.93 44.00
CA ALA C 132 2.04 36.91 42.54
C ALA C 132 3.48 36.61 42.16
N LEU C 133 3.61 35.62 41.28
CA LEU C 133 4.87 35.03 40.91
C LEU C 133 4.79 34.77 39.43
N ARG C 134 5.84 35.14 38.69
CA ARG C 134 5.91 34.86 37.26
CA ARG C 134 5.91 34.89 37.24
C ARG C 134 7.26 34.23 36.92
N LEU C 135 7.20 33.12 36.15
CA LEU C 135 8.35 32.41 35.66
C LEU C 135 8.77 33.14 34.40
N GLU C 136 9.96 33.71 34.42
CA GLU C 136 10.33 34.55 33.33
C GLU C 136 11.08 33.72 32.29
N ASP C 137 11.98 32.89 32.81
CA ASP C 137 12.89 32.12 31.96
C ASP C 137 13.38 30.80 32.53
N LEU C 138 13.89 29.90 31.69
CA LEU C 138 14.32 28.62 32.19
C LEU C 138 15.65 28.31 31.45
N ARG C 139 16.79 28.23 32.13
CA ARG C 139 18.06 27.74 31.51
C ARG C 139 17.96 26.30 31.25
N ILE C 140 17.97 25.96 29.98
CA ILE C 140 17.84 24.52 29.64
C ILE C 140 19.27 24.00 29.54
N PRO C 141 19.72 23.28 30.55
CA PRO C 141 21.14 22.86 30.50
C PRO C 141 21.28 21.94 29.28
N TYR C 142 22.41 21.90 28.58
CA TYR C 142 22.59 21.07 27.32
C TYR C 142 22.47 19.54 27.45
N ALA C 143 22.89 19.04 28.61
CA ALA C 143 22.75 17.65 29.09
C ALA C 143 21.24 17.15 28.96
N TYR C 144 20.29 18.01 29.38
CA TYR C 144 18.82 17.67 29.30
C TYR C 144 18.28 17.84 27.90
N VAL C 145 18.79 18.84 27.17
CA VAL C 145 18.41 19.05 25.73
C VAL C 145 18.47 17.72 24.99
N LYS C 146 19.64 17.09 25.07
CA LYS C 146 19.85 15.77 24.45
C LYS C 146 18.97 14.59 24.63
N THR C 147 18.02 14.65 25.54
CA THR C 147 17.10 13.51 25.74
C THR C 147 15.89 13.81 24.90
N PHE C 148 16.03 14.85 24.07
CA PHE C 148 14.89 15.24 23.28
C PHE C 148 15.19 15.14 21.80
N GLN C 149 14.14 15.02 21.04
CA GLN C 149 14.21 14.95 19.57
C GLN C 149 13.93 16.39 19.18
N GLY C 150 12.90 16.97 19.76
CA GLY C 150 12.54 18.33 19.39
C GLY C 150 11.81 18.25 18.07
N PRO C 151 12.05 19.27 17.19
CA PRO C 151 11.26 19.46 15.99
C PRO C 151 11.54 18.33 15.05
N PRO C 152 10.49 17.83 14.34
CA PRO C 152 10.70 16.62 13.54
C PRO C 152 11.68 16.84 12.38
N HIS C 153 11.86 18.07 11.93
CA HIS C 153 12.64 18.26 10.75
C HIS C 153 13.38 19.54 10.97
N GLY C 154 12.69 20.58 11.44
CA GLY C 154 13.38 21.88 11.64
C GLY C 154 13.59 22.76 10.40
N ILE C 155 14.24 23.92 10.59
CA ILE C 155 14.20 24.99 9.53
C ILE C 155 14.89 24.53 8.24
N GLN C 156 16.17 24.13 8.40
CA GLN C 156 16.96 23.71 7.25
C GLN C 156 16.19 22.60 6.58
N VAL C 157 15.94 21.54 7.25
CA VAL C 157 15.26 20.45 6.61
C VAL C 157 13.92 20.79 5.96
N GLU C 158 13.01 21.54 6.62
CA GLU C 158 11.73 21.95 5.93
C GLU C 158 12.02 22.56 4.52
N ARG C 159 12.97 23.50 4.56
CA ARG C 159 13.32 24.33 3.42
CA ARG C 159 13.38 24.31 3.42
C ARG C 159 13.84 23.46 2.27
N ASP C 160 14.60 22.44 2.58
CA ASP C 160 15.12 21.54 1.50
C ASP C 160 14.06 20.59 0.95
N LYS C 161 13.09 20.19 1.77
CA LYS C 161 11.95 19.42 1.27
C LYS C 161 11.09 20.25 0.35
N LEU C 162 10.70 21.46 0.84
CA LEU C 162 9.75 22.31 0.11
C LEU C 162 10.43 23.07 -1.05
N ASN C 163 11.76 23.17 -0.95
CA ASN C 163 12.62 23.62 -2.04
C ASN C 163 12.46 25.13 -2.27
N LYS C 164 12.17 25.87 -1.22
CA LYS C 164 12.09 27.32 -1.27
C LYS C 164 13.18 27.99 -0.43
N TYR C 165 13.84 28.99 -0.99
CA TYR C 165 14.89 29.77 -0.31
C TYR C 165 14.64 31.26 -0.43
N GLY C 166 15.43 32.05 0.29
CA GLY C 166 15.55 33.48 0.06
C GLY C 166 14.48 34.45 0.52
N ARG C 167 13.31 33.96 0.87
CA ARG C 167 12.29 34.89 1.33
C ARG C 167 11.62 34.29 2.54
N PRO C 168 10.78 35.07 3.26
CA PRO C 168 9.84 34.46 4.18
C PRO C 168 8.90 33.56 3.43
N LEU C 169 8.29 32.62 4.14
CA LEU C 169 7.16 31.87 3.58
C LEU C 169 5.85 32.65 3.72
N LEU C 170 4.86 32.23 2.95
CA LEU C 170 3.56 32.90 2.97
C LEU C 170 2.42 31.97 3.30
N GLY C 171 1.60 32.37 4.24
CA GLY C 171 0.49 31.54 4.63
C GLY C 171 -0.80 32.31 4.76
N CYS C 172 -1.86 31.58 5.04
CA CYS C 172 -3.11 32.24 5.34
C CYS C 172 -4.03 31.25 5.97
N THR C 173 -4.68 31.67 7.06
CA THR C 173 -5.72 30.84 7.72
C THR C 173 -7.06 30.98 7.07
N ILE C 174 -7.80 29.85 6.87
CA ILE C 174 -9.05 29.83 6.15
C ILE C 174 -10.10 30.54 7.04
N LYS C 175 -10.86 31.46 6.44
CA LYS C 175 -11.84 32.27 7.17
C LYS C 175 -13.17 32.11 6.50
N PRO C 176 -14.25 31.98 7.30
CA PRO C 176 -14.48 32.06 8.76
C PRO C 176 -13.78 30.95 9.57
N LYS C 177 -13.51 31.23 10.85
CA LYS C 177 -12.75 30.35 11.81
C LYS C 177 -13.30 28.93 11.70
N LEU C 178 -14.63 28.83 11.80
CA LEU C 178 -15.39 27.62 11.96
C LEU C 178 -16.60 27.89 11.15
N GLY C 179 -17.36 26.86 10.76
CA GLY C 179 -18.57 27.10 9.99
C GLY C 179 -18.48 26.78 8.50
N LEU C 180 -17.25 26.76 7.94
CA LEU C 180 -17.10 26.31 6.53
C LEU C 180 -17.08 24.75 6.33
N SER C 181 -17.76 24.28 5.23
CA SER C 181 -17.82 22.81 4.87
C SER C 181 -16.59 22.20 4.18
N ALA C 182 -16.51 20.87 4.22
CA ALA C 182 -15.34 20.18 3.64
C ALA C 182 -14.94 20.59 2.16
N LYS C 183 -15.92 20.67 1.26
CA LYS C 183 -15.78 21.28 -0.12
C LYS C 183 -15.29 22.76 -0.20
N ASN C 184 -16.06 23.70 0.39
CA ASN C 184 -15.78 25.15 0.45
C ASN C 184 -14.46 25.48 1.12
N TYR C 185 -14.07 24.64 2.07
CA TYR C 185 -12.71 24.72 2.64
C TYR C 185 -11.68 24.48 1.52
N GLY C 186 -11.88 23.38 0.81
CA GLY C 186 -11.01 22.95 -0.31
C GLY C 186 -11.09 23.83 -1.54
N ARG C 187 -12.26 24.40 -1.80
CA ARG C 187 -12.45 25.39 -2.82
C ARG C 187 -11.58 26.61 -2.41
N ALA C 188 -11.54 27.02 -1.14
CA ALA C 188 -10.76 28.26 -0.81
C ALA C 188 -9.32 28.00 -0.66
N VAL C 189 -9.05 26.79 -0.26
CA VAL C 189 -7.69 26.26 -0.27
C VAL C 189 -7.05 26.21 -1.61
N TYR C 190 -7.75 25.72 -2.64
CA TYR C 190 -7.23 25.89 -4.03
C TYR C 190 -7.07 27.40 -4.47
N GLU C 191 -8.09 28.21 -4.25
CA GLU C 191 -8.03 29.63 -4.73
C GLU C 191 -6.91 30.45 -4.07
N CYS C 192 -6.42 29.94 -2.95
CA CYS C 192 -5.40 30.58 -2.16
C CYS C 192 -3.98 30.23 -2.54
N LEU C 193 -3.75 28.93 -2.68
CA LEU C 193 -2.46 28.39 -3.05
C LEU C 193 -2.03 28.83 -4.43
N ARG C 194 -2.93 28.63 -5.43
CA ARG C 194 -2.69 28.92 -6.85
C ARG C 194 -2.24 30.37 -7.17
N GLY C 195 -2.90 31.32 -6.54
CA GLY C 195 -2.56 32.74 -6.61
C GLY C 195 -1.36 33.16 -5.79
N GLY C 196 -0.82 32.32 -4.94
CA GLY C 196 0.65 32.40 -4.74
C GLY C 196 1.19 32.20 -3.37
N LEU C 197 0.36 31.69 -2.46
CA LEU C 197 0.73 31.27 -1.09
C LEU C 197 1.52 29.97 -1.04
N ASP C 198 2.48 29.89 -0.12
CA ASP C 198 3.22 28.70 0.07
C ASP C 198 2.31 27.85 0.96
N PHE C 199 1.56 28.49 1.87
CA PHE C 199 0.69 27.65 2.69
C PHE C 199 -0.72 28.18 2.79
N THR C 200 -1.72 27.26 2.89
CA THR C 200 -2.93 27.54 3.64
C THR C 200 -2.98 26.69 4.97
N LYS C 201 -4.17 26.54 5.54
CA LYS C 201 -4.18 26.07 6.92
C LYS C 201 -5.54 26.14 7.57
N ASP C 202 -5.84 25.11 8.38
CA ASP C 202 -6.95 25.10 9.29
C ASP C 202 -6.70 26.13 10.39
N ASP C 203 -7.75 26.79 10.88
CA ASP C 203 -7.66 27.71 12.05
C ASP C 203 -7.47 26.82 13.30
N GLU C 204 -6.91 27.36 14.36
CA GLU C 204 -6.76 26.54 15.59
C GLU C 204 -7.97 25.66 15.99
N ASN C 205 -9.23 26.10 15.75
CA ASN C 205 -10.48 25.49 16.32
C ASN C 205 -11.11 24.43 15.46
N VAL C 206 -10.74 24.45 14.16
CA VAL C 206 -11.04 23.42 13.17
C VAL C 206 -10.32 22.12 13.49
N ASN C 207 -11.12 21.06 13.57
CA ASN C 207 -10.76 19.88 14.29
C ASN C 207 -11.65 18.92 13.55
N SER C 208 -12.83 18.60 14.06
CA SER C 208 -13.79 17.82 13.29
C SER C 208 -15.17 18.18 13.79
N GLN C 209 -16.08 18.83 13.05
CA GLN C 209 -17.38 19.14 13.70
C GLN C 209 -18.63 18.84 12.86
N PRO C 210 -19.85 18.93 13.45
CA PRO C 210 -21.08 18.62 12.65
C PRO C 210 -21.21 19.46 11.33
N PHE C 211 -20.57 20.64 11.30
CA PHE C 211 -20.54 21.42 10.01
C PHE C 211 -19.52 20.92 8.99
N MET C 212 -18.48 20.23 9.44
CA MET C 212 -17.40 19.68 8.56
C MET C 212 -16.47 18.74 9.34
N ARG C 213 -16.58 17.44 8.99
CA ARG C 213 -15.82 16.30 9.60
C ARG C 213 -14.48 16.22 8.92
N TRP C 214 -13.52 15.69 9.67
CA TRP C 214 -12.12 16.01 9.36
C TRP C 214 -11.75 15.27 8.09
N ARG C 215 -11.97 13.94 8.11
CA ARG C 215 -11.57 12.97 7.04
C ARG C 215 -12.04 13.59 5.73
N ASP C 216 -13.03 14.49 5.80
CA ASP C 216 -13.60 15.20 4.65
C ASP C 216 -12.82 16.41 4.20
N ARG C 217 -12.41 17.22 5.13
CA ARG C 217 -11.57 18.39 4.90
C ARG C 217 -10.29 17.81 4.25
N PHE C 218 -9.65 16.92 4.98
CA PHE C 218 -8.37 16.32 4.56
C PHE C 218 -8.30 15.87 3.12
N LEU C 219 -9.38 15.26 2.68
CA LEU C 219 -9.54 14.75 1.38
C LEU C 219 -9.82 15.76 0.25
N PHE C 220 -10.66 16.77 0.50
CA PHE C 220 -10.77 17.91 -0.43
C PHE C 220 -9.53 18.80 -0.42
N CYS C 221 -9.03 19.01 0.77
CA CYS C 221 -7.86 19.83 0.82
C CYS C 221 -6.64 19.30 0.11
N ALA C 222 -6.69 18.03 -0.19
CA ALA C 222 -5.58 17.37 -0.86
C ALA C 222 -5.72 17.42 -2.38
N GLU C 223 -6.92 17.19 -2.88
CA GLU C 223 -7.15 17.59 -4.27
C GLU C 223 -6.58 19.00 -4.54
N ALA C 224 -6.89 19.92 -3.65
CA ALA C 224 -6.70 21.35 -3.75
C ALA C 224 -5.18 21.81 -3.63
N ILE C 225 -4.48 21.24 -2.69
CA ILE C 225 -2.97 21.28 -2.70
C ILE C 225 -2.33 20.77 -4.01
N TYR C 226 -2.50 19.51 -4.37
CA TYR C 226 -1.91 19.15 -5.67
C TYR C 226 -2.37 19.80 -6.93
N LYS C 227 -3.58 20.28 -6.92
CA LYS C 227 -4.02 20.93 -8.15
C LYS C 227 -3.37 22.33 -8.32
N SER C 228 -3.42 23.15 -7.31
CA SER C 228 -2.65 24.38 -7.32
C SER C 228 -1.10 24.12 -7.32
N GLN C 229 -0.68 22.89 -7.07
CA GLN C 229 0.74 22.52 -7.35
C GLN C 229 1.14 22.44 -8.87
N ALA C 230 0.42 21.61 -9.69
CA ALA C 230 0.54 21.34 -11.11
C ALA C 230 0.24 22.59 -11.88
N GLU C 231 -0.72 23.36 -11.37
CA GLU C 231 -0.89 24.74 -11.85
C GLU C 231 0.27 25.75 -11.57
N THR C 232 0.78 25.92 -10.34
CA THR C 232 1.88 26.91 -10.16
C THR C 232 3.29 26.37 -10.42
N GLY C 233 3.48 25.04 -10.31
CA GLY C 233 4.84 24.47 -10.36
C GLY C 233 5.67 24.85 -9.14
N GLU C 234 5.06 25.55 -8.15
CA GLU C 234 5.70 25.63 -6.82
C GLU C 234 5.20 24.56 -5.87
N ILE C 235 5.97 24.18 -4.87
CA ILE C 235 5.41 23.16 -3.98
C ILE C 235 4.42 23.79 -3.01
N LYS C 236 3.26 23.12 -2.83
CA LYS C 236 2.32 23.64 -1.88
C LYS C 236 1.98 22.66 -0.76
N GLY C 237 1.45 23.24 0.33
CA GLY C 237 0.96 22.52 1.48
C GLY C 237 -0.23 23.23 2.12
N HIS C 238 -0.79 22.61 3.14
CA HIS C 238 -1.96 23.15 3.89
C HIS C 238 -1.85 22.43 5.20
N TYR C 239 -1.84 23.17 6.29
CA TYR C 239 -1.73 22.59 7.62
C TYR C 239 -3.05 21.90 7.95
N LEU C 240 -3.07 20.54 7.99
CA LEU C 240 -4.25 19.67 8.34
C LEU C 240 -4.30 19.39 9.87
N ASN C 241 -5.37 19.82 10.58
CA ASN C 241 -5.35 19.87 12.03
C ASN C 241 -5.59 18.50 12.58
N ALA C 242 -4.65 18.05 13.34
CA ALA C 242 -4.68 16.64 13.71
C ALA C 242 -5.02 16.70 15.17
N THR C 243 -5.39 17.86 15.63
CA THR C 243 -5.61 18.02 17.12
C THR C 243 -6.94 17.39 17.41
N ALA C 244 -7.15 16.79 18.58
CA ALA C 244 -8.26 15.80 18.71
C ALA C 244 -8.56 15.44 20.16
N GLY C 245 -9.59 14.64 20.40
CA GLY C 245 -10.05 14.60 21.77
C GLY C 245 -9.19 13.66 22.57
N THR C 246 -8.55 12.72 21.84
CA THR C 246 -7.85 11.57 22.45
C THR C 246 -6.69 11.33 21.56
N CYS C 247 -5.66 10.63 22.07
CA CYS C 247 -4.50 10.38 21.27
CA CYS C 247 -4.46 10.30 21.32
C CYS C 247 -4.75 9.49 20.04
N GLU C 248 -5.78 8.66 20.08
CA GLU C 248 -5.94 7.66 19.01
C GLU C 248 -6.53 8.42 17.82
N GLU C 249 -7.13 9.56 18.16
CA GLU C 249 -7.81 10.42 17.20
C GLU C 249 -6.80 11.34 16.55
N MET C 250 -6.00 12.06 17.31
CA MET C 250 -4.84 12.72 16.84
C MET C 250 -4.00 11.86 15.89
N LEU C 251 -3.58 10.68 16.35
CA LEU C 251 -2.96 9.54 15.50
C LEU C 251 -3.67 9.08 14.20
N LYS C 252 -4.92 8.63 14.34
CA LYS C 252 -5.85 8.42 13.19
C LYS C 252 -5.92 9.51 12.09
N ARG C 253 -5.87 10.77 12.49
CA ARG C 253 -5.87 11.89 11.55
C ARG C 253 -4.54 11.88 10.81
N ALA C 254 -3.44 11.99 11.56
CA ALA C 254 -2.13 12.26 10.96
C ALA C 254 -1.64 11.04 10.17
N VAL C 255 -2.15 9.84 10.52
CA VAL C 255 -2.07 8.58 9.71
C VAL C 255 -2.66 8.72 8.27
N PHE C 256 -3.82 9.41 8.19
CA PHE C 256 -4.55 9.55 6.93
C PHE C 256 -3.88 10.59 6.07
N ALA C 257 -3.51 11.72 6.66
CA ALA C 257 -2.70 12.74 6.06
C ALA C 257 -1.47 12.06 5.33
N ARG C 258 -0.63 11.43 6.14
CA ARG C 258 0.51 10.69 5.65
C ARG C 258 0.20 9.84 4.42
N GLU C 259 -0.95 9.18 4.48
CA GLU C 259 -1.40 8.33 3.39
C GLU C 259 -1.82 9.10 2.12
N LEU C 260 -2.47 10.25 2.32
CA LEU C 260 -2.54 11.26 1.30
C LEU C 260 -1.18 11.84 0.81
N GLY C 261 -0.13 11.90 1.64
CA GLY C 261 1.22 12.32 1.14
C GLY C 261 1.60 13.78 1.36
N VAL C 262 0.77 14.40 2.15
CA VAL C 262 0.61 15.80 2.37
C VAL C 262 1.91 16.20 3.09
N PRO C 263 2.43 17.45 2.88
CA PRO C 263 3.63 18.15 3.34
C PRO C 263 3.61 18.44 4.79
N ILE C 264 2.49 18.83 5.36
CA ILE C 264 2.50 19.36 6.74
C ILE C 264 1.28 18.94 7.52
N VAL C 265 1.39 18.91 8.87
CA VAL C 265 0.22 18.66 9.67
C VAL C 265 0.07 19.67 10.85
N MET C 266 -1.04 19.68 11.59
CA MET C 266 -1.07 20.72 12.60
C MET C 266 -1.64 20.20 13.91
N HIS C 267 -1.36 20.95 15.00
CA HIS C 267 -1.73 20.56 16.38
C HIS C 267 -1.74 21.72 17.26
N ASP C 268 -2.60 21.73 18.28
CA ASP C 268 -2.44 22.83 19.22
C ASP C 268 -1.76 22.34 20.48
N TYR C 269 -0.52 22.80 20.71
CA TYR C 269 0.26 22.00 21.56
C TYR C 269 -0.19 22.26 23.02
N LEU C 270 -0.72 23.46 23.25
CA LEU C 270 -1.07 23.88 24.61
C LEU C 270 -2.32 23.35 25.21
N THR C 271 -3.26 23.07 24.33
CA THR C 271 -4.59 22.77 24.79
C THR C 271 -4.77 21.26 24.57
N GLY C 272 -4.09 20.68 23.57
CA GLY C 272 -4.11 19.21 23.50
C GLY C 272 -3.32 18.75 24.68
N GLY C 273 -2.03 19.08 24.62
CA GLY C 273 -1.11 19.22 25.75
C GLY C 273 0.26 18.64 25.37
N PHE C 274 1.23 18.75 26.26
CA PHE C 274 2.61 18.27 25.91
C PHE C 274 2.84 16.77 25.68
N THR C 275 2.26 15.91 26.54
CA THR C 275 2.40 14.43 26.45
C THR C 275 2.04 13.99 25.08
N ALA C 276 0.93 14.55 24.59
CA ALA C 276 0.45 14.32 23.19
C ALA C 276 1.25 15.07 22.14
N ASN C 277 1.82 16.19 22.54
CA ASN C 277 2.53 16.93 21.48
C ASN C 277 3.77 16.15 21.06
N THR C 278 4.31 15.48 22.06
CA THR C 278 5.62 14.81 22.03
C THR C 278 5.38 13.54 21.20
N THR C 279 4.24 12.86 21.47
CA THR C 279 3.63 11.78 20.65
C THR C 279 3.51 12.07 19.15
N LEU C 280 2.83 13.20 18.83
CA LEU C 280 2.76 13.73 17.44
C LEU C 280 4.05 14.08 16.76
N SER C 281 4.95 14.80 17.44
CA SER C 281 6.21 15.30 16.87
C SER C 281 7.13 14.15 16.58
N HIS C 282 7.10 13.12 17.44
CA HIS C 282 7.70 11.80 17.23
C HIS C 282 7.08 11.14 16.04
N TYR C 283 5.79 11.37 15.86
CA TYR C 283 5.10 10.70 14.67
C TYR C 283 5.56 11.34 13.40
N CYS C 284 5.77 12.64 13.51
CA CYS C 284 5.96 13.40 12.28
C CYS C 284 7.35 13.13 11.65
N ARG C 285 8.23 12.50 12.40
CA ARG C 285 9.70 12.36 12.11
C ARG C 285 10.03 10.97 11.63
N ASP C 286 9.33 10.03 12.25
CA ASP C 286 9.35 8.69 11.77
C ASP C 286 8.50 8.73 10.50
N ASN C 287 7.60 9.70 10.37
CA ASN C 287 6.81 9.59 9.15
C ASN C 287 6.98 10.73 8.10
N GLY C 288 7.96 11.60 8.32
CA GLY C 288 8.27 12.69 7.37
C GLY C 288 7.29 13.82 7.08
N LEU C 289 6.46 14.18 8.07
CA LEU C 289 5.48 15.30 7.95
C LEU C 289 5.89 16.54 8.76
N LEU C 290 6.16 17.66 8.12
CA LEU C 290 6.45 18.94 8.86
C LEU C 290 5.37 19.16 9.87
N LEU C 291 5.69 19.79 10.98
CA LEU C 291 4.73 19.97 12.05
C LEU C 291 4.46 21.43 12.42
N HIS C 292 3.18 21.86 12.32
CA HIS C 292 2.73 23.22 12.62
C HIS C 292 2.08 23.40 13.96
N ILE C 293 2.59 24.36 14.73
CA ILE C 293 2.02 24.57 16.03
C ILE C 293 1.32 25.92 16.25
N HIS C 294 -0.02 25.93 16.47
CA HIS C 294 -0.63 27.08 17.24
C HIS C 294 -0.38 27.07 18.72
N ARG C 295 -0.31 28.26 19.31
CA ARG C 295 -0.05 28.44 20.75
C ARG C 295 -1.31 28.92 21.47
N ALA C 296 -2.46 28.46 21.03
CA ALA C 296 -3.74 28.81 21.63
C ALA C 296 -3.80 28.49 23.12
N MET C 297 -4.55 29.30 23.85
CA MET C 297 -4.42 29.39 25.29
C MET C 297 -3.14 30.09 25.76
N HIS C 298 -2.27 30.54 24.88
CA HIS C 298 -0.97 30.95 25.45
C HIS C 298 -1.17 32.24 26.21
N ALA C 299 -2.07 33.12 25.76
CA ALA C 299 -2.31 34.30 26.59
C ALA C 299 -2.85 34.05 28.02
N VAL C 300 -3.41 32.88 28.32
CA VAL C 300 -4.04 32.74 29.66
C VAL C 300 -2.99 32.86 30.78
N ILE C 301 -1.76 32.58 30.33
CA ILE C 301 -0.56 32.22 31.09
C ILE C 301 0.52 33.30 30.96
N ASP C 302 0.71 33.80 29.74
CA ASP C 302 1.80 34.76 29.47
C ASP C 302 1.38 36.25 29.28
N ARG C 303 0.10 36.54 29.32
CA ARG C 303 -0.39 37.89 29.00
C ARG C 303 0.09 38.97 29.93
N GLN C 304 0.04 38.70 31.23
CA GLN C 304 0.24 39.73 32.24
C GLN C 304 1.67 39.63 32.71
N LYS C 305 2.22 40.76 33.18
CA LYS C 305 3.65 40.86 33.47
C LYS C 305 4.10 40.51 34.89
N ASN C 306 3.13 40.13 35.70
CA ASN C 306 3.33 39.93 37.15
C ASN C 306 2.93 38.55 37.67
N HIS C 307 2.18 37.80 36.85
CA HIS C 307 1.85 36.49 37.32
C HIS C 307 1.40 35.59 36.24
N GLY C 308 2.35 34.81 35.75
CA GLY C 308 2.18 33.60 34.95
C GLY C 308 3.58 33.03 34.60
N MET C 309 3.72 32.51 33.39
CA MET C 309 5.01 32.15 32.84
CA MET C 309 5.01 32.14 32.83
C MET C 309 5.22 33.02 31.59
N HIS C 310 6.46 33.32 31.21
CA HIS C 310 6.59 34.15 29.98
C HIS C 310 6.68 33.31 28.75
N PHE C 311 6.12 33.81 27.67
CA PHE C 311 6.00 33.02 26.43
C PHE C 311 7.29 32.33 26.01
N ARG C 312 8.40 32.84 26.50
CA ARG C 312 9.69 32.33 26.04
C ARG C 312 9.93 30.94 26.68
N VAL C 313 9.54 30.85 27.95
CA VAL C 313 9.42 29.60 28.66
C VAL C 313 8.56 28.57 27.91
N LEU C 314 7.36 28.95 27.50
CA LEU C 314 6.51 27.98 26.78
C LEU C 314 7.03 27.64 25.33
N ALA C 315 7.91 28.51 24.84
CA ALA C 315 8.44 28.52 23.46
C ALA C 315 9.61 27.57 23.37
N LYS C 316 10.38 27.62 24.43
CA LYS C 316 11.51 26.75 24.46
C LYS C 316 10.93 25.36 24.66
N ALA C 317 9.87 25.30 25.45
CA ALA C 317 9.29 24.05 25.84
C ALA C 317 8.74 23.33 24.64
N LEU C 318 8.33 24.08 23.65
CA LEU C 318 7.78 23.46 22.44
C LEU C 318 8.85 22.94 21.49
N ARG C 319 9.82 23.83 21.24
CA ARG C 319 11.12 23.55 20.60
C ARG C 319 11.49 22.17 21.21
N LEU C 320 11.67 22.10 22.54
CA LEU C 320 11.87 20.79 23.24
C LEU C 320 11.02 19.59 22.82
N SER C 321 9.72 19.69 23.14
CA SER C 321 8.65 18.72 22.76
C SER C 321 8.66 18.32 21.29
N GLY C 322 8.69 19.30 20.37
CA GLY C 322 8.68 19.02 18.89
C GLY C 322 7.74 19.86 18.09
N GLY C 323 8.30 20.56 17.11
CA GLY C 323 7.55 21.31 16.12
C GLY C 323 8.39 22.03 15.08
N ASP C 324 7.82 22.13 13.91
CA ASP C 324 8.45 22.79 12.79
C ASP C 324 8.07 24.21 12.80
N HIS C 325 6.80 24.45 13.12
CA HIS C 325 6.28 25.84 13.02
C HIS C 325 5.68 26.24 14.34
N ILE C 326 5.84 27.52 14.74
CA ILE C 326 5.36 27.95 16.02
C ILE C 326 4.91 29.39 15.89
N HIS C 327 3.70 29.76 16.36
CA HIS C 327 3.34 31.19 16.23
C HIS C 327 4.08 31.97 17.18
N ALA C 328 4.25 33.22 16.83
CA ALA C 328 5.24 34.00 17.45
C ALA C 328 4.98 35.47 17.43
N GLY C 329 3.74 35.89 17.21
CA GLY C 329 3.46 37.29 17.32
C GLY C 329 3.77 37.98 16.02
N THR C 330 3.48 39.27 15.99
CA THR C 330 3.59 40.05 14.80
C THR C 330 4.15 41.41 15.11
N VAL C 331 4.29 41.78 16.38
CA VAL C 331 4.60 43.19 16.78
C VAL C 331 3.46 44.16 16.47
N VAL C 332 2.98 44.10 15.25
CA VAL C 332 2.34 45.21 14.63
C VAL C 332 0.90 44.78 14.43
N GLY C 333 0.51 43.77 15.19
CA GLY C 333 -0.68 43.01 14.85
C GLY C 333 -1.85 43.31 15.74
N LYS C 334 -2.87 42.48 15.64
CA LYS C 334 -4.03 42.69 16.45
C LYS C 334 -3.89 42.00 17.84
N LEU C 335 -2.81 41.23 18.04
CA LEU C 335 -2.51 40.51 19.31
C LEU C 335 -1.19 41.05 19.93
N GLU C 336 -0.85 40.63 21.14
CA GLU C 336 0.21 41.33 21.92
C GLU C 336 1.62 40.79 21.67
N GLY C 337 2.56 41.65 21.25
CA GLY C 337 4.01 41.33 21.24
C GLY C 337 4.89 42.56 21.26
N GLU C 338 5.69 42.73 22.33
CA GLU C 338 6.63 43.88 22.35
C GLU C 338 7.84 43.51 21.49
N ARG C 339 8.30 44.49 20.69
CA ARG C 339 9.33 44.26 19.66
CA ARG C 339 9.32 44.26 19.66
C ARG C 339 10.64 43.67 20.20
N GLU C 340 11.34 44.42 21.07
CA GLU C 340 12.64 43.94 21.59
C GLU C 340 12.45 42.54 22.15
N ILE C 341 11.31 42.42 22.83
CA ILE C 341 10.87 41.26 23.58
C ILE C 341 10.59 40.10 22.62
N THR C 342 9.88 40.41 21.53
CA THR C 342 9.56 39.41 20.55
C THR C 342 10.83 38.95 19.84
N LEU C 343 11.81 39.85 19.73
CA LEU C 343 13.02 39.57 18.97
C LEU C 343 13.84 38.57 19.73
N GLY C 344 13.80 38.68 21.05
CA GLY C 344 14.54 37.76 21.89
C GLY C 344 14.12 36.32 21.70
N PHE C 345 12.83 36.09 21.71
CA PHE C 345 12.37 34.72 21.74
C PHE C 345 12.29 34.08 20.37
N VAL C 346 12.35 34.87 19.30
CA VAL C 346 12.65 34.35 17.97
C VAL C 346 14.08 33.74 17.83
N ASP C 347 15.05 34.35 18.53
CA ASP C 347 16.39 33.85 18.53
C ASP C 347 16.46 32.59 19.32
N LEU C 348 15.91 32.66 20.54
CA LEU C 348 15.65 31.49 21.38
C LEU C 348 14.97 30.36 20.60
N LEU C 349 14.23 30.73 19.55
CA LEU C 349 13.46 29.77 18.80
C LEU C 349 14.24 29.21 17.64
N ARG C 350 15.06 30.05 17.01
CA ARG C 350 15.79 29.70 15.80
C ARG C 350 17.19 29.23 16.11
N ASP C 351 17.76 29.83 17.15
CA ASP C 351 19.19 29.87 17.30
C ASP C 351 19.74 28.69 18.08
N ASP C 352 21.01 28.46 17.85
CA ASP C 352 21.65 27.34 18.41
C ASP C 352 22.29 27.85 19.65
N TYR C 353 22.62 29.14 19.66
CA TYR C 353 23.34 29.73 20.76
C TYR C 353 22.94 31.18 21.02
N ILE C 354 22.46 31.47 22.23
CA ILE C 354 21.85 32.79 22.52
C ILE C 354 22.31 33.30 23.86
N LYS C 355 23.18 34.32 23.81
CA LYS C 355 23.70 34.95 25.00
C LYS C 355 22.67 35.77 25.74
N LYS C 356 22.86 35.85 27.06
CA LYS C 356 22.08 36.72 27.97
C LYS C 356 21.81 38.12 27.41
N ASP C 357 20.65 38.64 27.76
CA ASP C 357 20.22 39.92 27.18
C ASP C 357 18.90 40.37 27.80
N ARG C 358 19.06 41.12 28.85
CA ARG C 358 17.98 41.66 29.62
C ARG C 358 17.20 42.73 28.93
N SER C 359 17.84 43.39 27.95
CA SER C 359 17.17 44.36 27.10
C SER C 359 16.22 43.67 26.12
N ARG C 360 16.50 42.38 25.82
CA ARG C 360 15.59 41.52 25.06
C ARG C 360 14.86 40.49 25.98
N GLY C 361 15.13 40.55 27.27
CA GLY C 361 14.51 39.62 28.24
C GLY C 361 15.13 38.24 28.47
N ILE C 362 16.07 37.85 27.63
CA ILE C 362 16.87 36.64 27.82
C ILE C 362 17.59 36.65 29.19
N TYR C 363 17.11 35.88 30.20
CA TYR C 363 17.71 35.94 31.58
C TYR C 363 19.00 35.11 31.76
N PHE C 364 19.10 34.01 31.05
CA PHE C 364 20.25 33.12 31.09
C PHE C 364 20.68 32.84 29.66
N THR C 365 21.96 32.58 29.46
CA THR C 365 22.52 32.03 28.22
CA THR C 365 22.49 32.06 28.18
C THR C 365 21.84 30.73 27.79
N GLN C 366 21.58 30.56 26.50
CA GLN C 366 20.94 29.37 25.94
C GLN C 366 21.66 28.68 24.76
N ASP C 367 21.92 27.38 24.93
CA ASP C 367 22.77 26.52 24.02
C ASP C 367 21.88 25.38 23.73
N TRP C 368 21.55 25.13 22.44
CA TRP C 368 20.59 24.11 22.06
C TRP C 368 21.39 22.90 21.61
N VAL C 369 22.68 22.82 21.97
CA VAL C 369 23.58 21.79 21.39
C VAL C 369 23.06 21.12 20.13
N SER C 370 22.81 21.96 19.11
CA SER C 370 22.59 21.46 17.76
CA SER C 370 22.50 21.61 17.70
C SER C 370 21.15 20.88 17.52
N LEU C 371 20.21 21.05 18.45
CA LEU C 371 18.84 20.52 18.19
C LEU C 371 18.26 21.42 17.12
N PRO C 372 17.40 20.94 16.17
CA PRO C 372 16.98 21.83 15.11
C PRO C 372 16.26 23.13 15.56
N GLY C 373 16.11 24.09 14.65
CA GLY C 373 15.58 25.42 14.96
C GLY C 373 14.08 25.44 14.73
N VAL C 374 13.26 26.36 15.30
CA VAL C 374 11.84 26.49 14.87
C VAL C 374 11.66 27.70 13.94
N ILE C 375 10.83 27.65 12.88
CA ILE C 375 10.56 28.77 12.06
C ILE C 375 9.51 29.60 12.86
N PRO C 376 9.85 30.83 13.21
CA PRO C 376 8.69 31.47 13.86
C PRO C 376 7.53 31.70 12.88
N VAL C 377 6.34 31.38 13.32
CA VAL C 377 5.23 31.79 12.47
C VAL C 377 4.69 33.13 13.00
N ALA C 378 4.70 34.13 12.12
CA ALA C 378 4.10 35.38 12.48
C ALA C 378 2.70 35.38 11.90
N SER C 379 1.77 36.20 12.42
CA SER C 379 0.34 36.07 12.03
C SER C 379 -0.64 36.70 13.03
N GLY C 380 -1.77 37.17 12.54
CA GLY C 380 -2.81 37.78 13.41
C GLY C 380 -3.14 39.24 13.18
N GLY C 381 -3.93 39.50 12.16
CA GLY C 381 -4.47 40.83 11.93
C GLY C 381 -3.50 41.72 11.18
N ILE C 382 -2.67 41.12 10.35
CA ILE C 382 -1.65 41.89 9.68
C ILE C 382 -2.08 41.98 8.26
N HIS C 383 -1.36 42.74 7.45
CA HIS C 383 -1.62 42.83 6.00
C HIS C 383 -0.52 43.48 5.16
N VAL C 384 -0.96 44.07 4.06
CA VAL C 384 -0.08 44.41 2.96
C VAL C 384 0.94 45.52 3.31
N TRP C 385 0.49 46.55 4.05
CA TRP C 385 1.38 47.61 4.55
C TRP C 385 2.38 47.17 5.59
N HIS C 386 2.14 46.01 6.22
CA HIS C 386 2.98 45.55 7.34
C HIS C 386 4.21 44.89 6.83
N MET C 387 4.11 44.44 5.58
CA MET C 387 5.12 43.57 4.92
C MET C 387 6.55 44.09 4.89
N PRO C 388 6.76 45.43 4.99
CA PRO C 388 8.10 45.98 5.26
C PRO C 388 8.56 45.88 6.75
N ALA C 389 7.66 46.09 7.71
CA ALA C 389 8.05 45.82 9.11
C ALA C 389 8.34 44.32 9.33
N LEU C 390 7.35 43.45 9.07
CA LEU C 390 7.49 41.98 9.22
C LEU C 390 8.72 41.24 8.63
N THR C 391 9.05 41.52 7.39
CA THR C 391 10.29 41.07 6.79
C THR C 391 11.46 41.62 7.63
N GLU C 392 11.38 42.90 7.97
CA GLU C 392 12.50 43.63 8.60
C GLU C 392 12.81 43.12 9.98
N ILE C 393 11.77 42.71 10.69
CA ILE C 393 11.85 42.21 12.07
C ILE C 393 12.39 40.76 12.08
N PHE C 394 11.55 39.82 11.64
CA PHE C 394 11.80 38.36 11.54
C PHE C 394 12.89 37.89 10.57
N GLY C 395 12.96 38.51 9.39
CA GLY C 395 13.86 38.03 8.35
C GLY C 395 13.29 36.81 7.64
N ASP C 396 14.14 36.07 6.91
CA ASP C 396 13.63 35.09 5.93
C ASP C 396 13.07 33.84 6.53
N ASP C 397 13.53 33.51 7.74
CA ASP C 397 13.17 32.26 8.36
C ASP C 397 11.98 32.54 9.26
N SER C 398 10.86 32.69 8.56
CA SER C 398 9.58 32.97 9.16
C SER C 398 8.59 32.58 8.14
N VAL C 399 7.39 32.31 8.61
CA VAL C 399 6.26 32.15 7.77
C VAL C 399 5.41 33.35 8.09
N LEU C 400 5.06 34.16 7.10
CA LEU C 400 4.17 35.32 7.38
C LEU C 400 2.79 34.96 6.92
N GLN C 401 1.75 35.26 7.71
CA GLN C 401 0.44 34.63 7.45
C GLN C 401 -0.79 35.58 7.40
N PHE C 402 -1.63 35.39 6.37
CA PHE C 402 -2.63 36.37 5.95
C PHE C 402 -4.03 35.76 5.78
N GLY C 403 -4.81 35.82 6.84
CA GLY C 403 -6.07 35.13 6.85
C GLY C 403 -7.10 36.04 6.27
N GLY C 404 -7.76 36.79 7.15
CA GLY C 404 -8.63 37.88 6.72
C GLY C 404 -7.90 38.71 5.67
N GLY C 405 -6.59 38.91 5.86
CA GLY C 405 -5.76 39.61 4.85
C GLY C 405 -5.65 38.95 3.48
N THR C 406 -6.13 37.73 3.36
CA THR C 406 -6.20 37.11 2.06
C THR C 406 -7.64 36.92 1.62
N LEU C 407 -8.43 36.18 2.41
CA LEU C 407 -9.84 36.03 2.11
C LEU C 407 -10.55 37.41 2.19
N GLY C 408 -9.82 38.41 2.65
CA GLY C 408 -10.35 39.78 2.70
C GLY C 408 -10.10 40.65 1.46
N HIS C 409 -9.33 40.11 0.49
CA HIS C 409 -9.25 40.71 -0.86
C HIS C 409 -10.60 40.96 -1.47
N PRO C 410 -10.85 42.18 -1.92
CA PRO C 410 -12.00 42.61 -2.71
C PRO C 410 -12.32 41.74 -3.92
N TRP C 411 -11.27 41.33 -4.64
CA TRP C 411 -11.41 40.41 -5.78
C TRP C 411 -11.28 38.93 -5.51
N GLY C 412 -11.08 38.49 -4.26
CA GLY C 412 -11.21 37.02 -3.97
C GLY C 412 -9.99 36.36 -3.34
N ASN C 413 -9.87 35.04 -3.41
CA ASN C 413 -8.69 34.35 -2.82
C ASN C 413 -7.35 34.45 -3.61
N ALA C 414 -7.39 34.04 -4.87
CA ALA C 414 -6.24 34.17 -5.78
C ALA C 414 -5.64 35.56 -5.84
N PRO C 415 -6.49 36.61 -6.02
CA PRO C 415 -6.04 38.01 -6.09
C PRO C 415 -5.41 38.55 -4.80
N GLY C 416 -5.91 38.05 -3.66
CA GLY C 416 -5.35 38.38 -2.33
C GLY C 416 -4.04 37.65 -2.06
N ALA C 417 -3.96 36.41 -2.54
CA ALA C 417 -2.73 35.64 -2.52
C ALA C 417 -1.63 36.32 -3.33
N VAL C 418 -1.96 36.79 -4.53
CA VAL C 418 -1.04 37.54 -5.42
C VAL C 418 -0.48 38.86 -4.83
N ALA C 419 -1.40 39.75 -4.50
CA ALA C 419 -1.10 40.94 -3.73
C ALA C 419 -0.04 40.69 -2.66
N ASN C 420 -0.35 39.78 -1.73
CA ASN C 420 0.56 39.40 -0.65
C ASN C 420 1.90 38.87 -1.15
N ARG C 421 1.87 38.00 -2.15
CA ARG C 421 3.13 37.43 -2.68
C ARG C 421 3.98 38.54 -3.34
N VAL C 422 3.32 39.54 -3.92
CA VAL C 422 4.03 40.61 -4.66
C VAL C 422 4.74 41.60 -3.70
N ALA C 423 3.93 42.23 -2.85
CA ALA C 423 4.41 42.94 -1.65
C ALA C 423 5.53 42.23 -0.82
N LEU C 424 5.50 40.90 -0.69
CA LEU C 424 6.64 40.20 -0.03
C LEU C 424 7.89 40.24 -0.90
N GLU C 425 7.75 39.73 -2.12
CA GLU C 425 8.81 39.72 -3.13
C GLU C 425 9.35 41.12 -3.37
N ALA C 426 8.43 42.08 -3.37
CA ALA C 426 8.74 43.51 -3.45
C ALA C 426 9.54 44.00 -2.24
N CYS C 427 9.16 43.57 -1.05
CA CYS C 427 9.97 43.83 0.15
C CYS C 427 11.33 43.06 0.20
N VAL C 428 11.34 41.83 -0.29
CA VAL C 428 12.59 41.05 -0.48
C VAL C 428 13.58 41.68 -1.47
N GLN C 429 13.08 42.15 -2.61
CA GLN C 429 13.98 42.65 -3.64
C GLN C 429 14.66 43.95 -3.20
N ALA C 430 13.88 44.89 -2.68
CA ALA C 430 14.41 46.10 -2.10
C ALA C 430 15.53 45.89 -1.08
N ARG C 431 15.32 45.03 -0.06
CA ARG C 431 16.34 44.78 0.98
C ARG C 431 17.61 44.27 0.33
N ASN C 432 17.42 43.32 -0.56
CA ASN C 432 18.50 42.75 -1.31
C ASN C 432 19.17 43.82 -2.16
N GLU C 433 18.40 44.82 -2.57
CA GLU C 433 19.00 45.98 -3.25
C GLU C 433 19.54 47.08 -2.29
N GLY C 434 19.57 46.85 -0.97
CA GLY C 434 20.21 47.80 -0.06
C GLY C 434 19.31 48.87 0.55
N ARG C 435 18.07 48.92 0.09
CA ARG C 435 17.00 49.78 0.65
C ARG C 435 16.70 49.45 2.10
N ASP C 436 16.83 50.44 2.98
CA ASP C 436 16.42 50.21 4.35
C ASP C 436 14.93 50.00 4.29
N LEU C 437 14.47 48.96 4.99
CA LEU C 437 13.06 48.67 5.12
C LEU C 437 12.45 49.53 6.23
N ALA C 438 13.23 49.76 7.29
CA ALA C 438 12.84 50.62 8.43
C ALA C 438 12.59 52.07 8.01
N ARG C 439 12.91 52.35 6.75
CA ARG C 439 12.68 53.67 6.17
C ARG C 439 11.97 53.68 4.79
N GLU C 440 12.57 53.04 3.77
CA GLU C 440 12.03 53.04 2.38
C GLU C 440 10.69 52.29 2.18
N GLY C 441 10.17 51.72 3.28
CA GLY C 441 9.04 50.80 3.31
C GLY C 441 7.70 51.17 2.70
N ASN C 442 7.06 52.24 3.19
CA ASN C 442 5.79 52.78 2.60
C ASN C 442 5.96 53.16 1.11
N ALA C 443 7.14 53.71 0.81
CA ALA C 443 7.60 53.98 -0.54
C ALA C 443 7.81 52.68 -1.36
N ILE C 444 8.31 51.64 -0.69
CA ILE C 444 8.52 50.34 -1.34
C ILE C 444 7.23 49.75 -1.94
N ILE C 445 6.15 49.76 -1.14
CA ILE C 445 4.89 49.17 -1.54
C ILE C 445 4.31 49.91 -2.72
N ARG C 446 4.38 51.25 -2.64
CA ARG C 446 3.76 52.10 -3.65
C ARG C 446 4.31 51.77 -5.00
N GLU C 447 5.63 51.59 -5.08
CA GLU C 447 6.32 51.33 -6.34
C GLU C 447 5.81 50.07 -7.05
N ALA C 448 5.37 49.08 -6.28
CA ALA C 448 4.90 47.83 -6.86
C ALA C 448 3.44 47.95 -7.23
N CYS C 449 2.77 48.91 -6.59
CA CYS C 449 1.38 49.23 -6.82
C CYS C 449 1.08 49.74 -8.22
N LYS C 450 2.00 50.51 -8.81
CA LYS C 450 1.99 50.90 -10.24
C LYS C 450 1.88 49.72 -11.21
N TRP C 451 2.78 48.75 -11.07
CA TRP C 451 2.78 47.58 -11.97
C TRP C 451 1.85 46.41 -11.53
N SER C 452 1.60 46.27 -10.23
CA SER C 452 0.69 45.19 -9.73
C SER C 452 -0.64 45.72 -9.17
N PRO C 453 -1.76 45.31 -9.81
CA PRO C 453 -3.11 45.81 -9.56
C PRO C 453 -3.71 45.13 -8.35
N GLU C 454 -3.36 43.86 -8.19
CA GLU C 454 -3.84 43.10 -7.06
C GLU C 454 -3.39 43.82 -5.75
N LEU C 455 -2.10 44.15 -5.68
CA LEU C 455 -1.54 44.87 -4.53
C LEU C 455 -2.29 46.14 -4.18
N ALA C 456 -2.46 47.03 -5.15
CA ALA C 456 -3.07 48.32 -4.89
C ALA C 456 -4.48 48.12 -4.41
N ALA C 457 -5.13 47.05 -4.84
CA ALA C 457 -6.53 46.88 -4.52
C ALA C 457 -6.71 46.50 -3.05
N ALA C 458 -5.82 45.61 -2.56
CA ALA C 458 -5.61 45.45 -1.12
C ALA C 458 -5.06 46.73 -0.43
N CYS C 459 -4.23 47.50 -1.15
CA CYS C 459 -3.67 48.73 -0.60
C CYS C 459 -4.66 49.89 -0.39
N GLU C 460 -5.73 49.92 -1.20
CA GLU C 460 -6.82 50.89 -1.03
C GLU C 460 -7.68 50.57 0.19
N VAL C 461 -7.96 49.27 0.38
CA VAL C 461 -8.99 48.78 1.35
C VAL C 461 -8.54 48.83 2.84
N TRP C 462 -7.32 48.43 3.15
CA TRP C 462 -6.86 48.50 4.54
CA TRP C 462 -6.82 48.45 4.53
C TRP C 462 -5.76 49.49 4.78
N LYS C 463 -5.65 50.45 3.85
CA LYS C 463 -4.72 51.60 3.97
C LYS C 463 -4.33 52.07 5.36
N GLU C 464 -5.28 52.71 6.05
CA GLU C 464 -5.05 53.28 7.38
C GLU C 464 -5.84 52.54 8.47
N ILE C 465 -5.61 51.22 8.50
CA ILE C 465 -5.95 50.36 9.63
C ILE C 465 -4.69 49.99 10.40
N LYS C 466 -4.86 50.05 11.72
CA LYS C 466 -3.74 50.15 12.65
C LYS C 466 -4.07 49.50 14.00
N PHE C 467 -3.06 48.88 14.62
CA PHE C 467 -3.23 48.27 15.92
C PHE C 467 -2.19 48.78 16.91
N GLU C 468 -2.49 49.96 17.46
CA GLU C 468 -1.59 50.67 18.36
C GLU C 468 -2.38 50.98 19.63
N PHE C 469 -1.96 50.38 20.73
CA PHE C 469 -2.67 50.52 22.02
C PHE C 469 -1.75 50.74 23.22
N GLY D 12 36.78 -43.17 38.14
CA GLY D 12 35.73 -42.34 38.82
C GLY D 12 36.20 -41.01 39.37
N PHE D 13 35.25 -40.08 39.58
CA PHE D 13 35.57 -38.72 40.00
C PHE D 13 36.58 -38.62 41.16
N LYS D 14 37.56 -37.71 41.04
CA LYS D 14 38.47 -37.35 42.12
C LYS D 14 38.68 -35.85 42.06
N ALA D 15 38.39 -35.17 43.16
CA ALA D 15 38.52 -33.71 43.20
C ALA D 15 39.99 -33.23 43.10
N GLY D 16 40.18 -32.07 42.46
CA GLY D 16 41.46 -31.35 42.43
C GLY D 16 41.94 -30.94 41.05
N VAL D 17 42.97 -30.09 41.01
CA VAL D 17 43.54 -29.65 39.72
C VAL D 17 44.34 -30.73 38.93
N LYS D 18 44.03 -30.91 37.66
CA LYS D 18 44.82 -31.76 36.77
C LYS D 18 45.28 -30.97 35.55
N ASP D 19 46.40 -31.41 34.94
CA ASP D 19 46.89 -30.74 33.73
C ASP D 19 45.91 -30.94 32.56
N TYR D 20 45.78 -29.89 31.74
CA TYR D 20 44.89 -29.93 30.58
C TYR D 20 45.28 -31.07 29.62
N LYS D 21 46.59 -31.34 29.56
CA LYS D 21 47.24 -32.39 28.69
C LYS D 21 46.41 -33.63 28.36
N LEU D 22 45.74 -34.22 29.32
CA LEU D 22 45.38 -35.59 29.09
C LEU D 22 44.09 -35.70 28.29
N THR D 23 43.11 -34.88 28.63
CA THR D 23 41.78 -35.04 28.02
C THR D 23 41.68 -34.22 26.74
N TYR D 24 42.54 -33.21 26.67
CA TYR D 24 42.49 -32.14 25.67
C TYR D 24 43.59 -32.15 24.60
N TYR D 25 44.82 -32.52 24.96
CA TYR D 25 45.78 -32.76 23.88
C TYR D 25 45.44 -34.14 23.34
N THR D 26 45.03 -34.26 22.09
CA THR D 26 44.97 -35.63 21.55
C THR D 26 45.71 -35.72 20.25
N PRO D 27 47.02 -35.87 20.33
CA PRO D 27 47.89 -35.90 19.15
C PRO D 27 47.55 -37.03 18.11
N ASP D 28 46.69 -38.00 18.44
CA ASP D 28 46.20 -39.03 17.51
C ASP D 28 44.78 -38.82 16.97
N TYR D 29 44.22 -37.64 17.19
CA TYR D 29 42.85 -37.41 16.78
C TYR D 29 42.71 -37.36 15.26
N GLN D 30 41.73 -38.10 14.76
CA GLN D 30 41.41 -38.14 13.36
C GLN D 30 40.10 -37.37 13.12
N THR D 31 40.19 -36.29 12.32
CA THR D 31 39.21 -35.20 12.31
C THR D 31 37.96 -35.64 11.60
N LYS D 32 36.74 -35.28 12.08
CA LYS D 32 35.49 -35.74 11.44
C LYS D 32 35.27 -34.77 10.29
N ASP D 33 34.62 -35.13 9.20
CA ASP D 33 34.27 -34.02 8.24
C ASP D 33 33.20 -32.99 8.88
N THR D 34 32.66 -33.25 10.09
CA THR D 34 31.50 -32.44 10.62
C THR D 34 31.95 -31.40 11.66
N ASP D 35 33.25 -31.33 11.74
CA ASP D 35 33.99 -30.55 12.72
C ASP D 35 34.20 -29.15 12.32
N ILE D 36 34.25 -28.33 13.32
CA ILE D 36 34.82 -26.99 13.15
C ILE D 36 36.26 -27.08 13.62
N LEU D 37 37.18 -26.59 12.79
CA LEU D 37 38.62 -26.76 13.06
C LEU D 37 39.27 -25.39 13.25
N ALA D 38 40.29 -25.30 14.04
CA ALA D 38 40.80 -23.97 14.25
C ALA D 38 42.28 -24.05 14.15
N ALA D 39 42.95 -22.97 13.85
CA ALA D 39 44.40 -22.98 13.96
C ALA D 39 44.69 -21.68 14.71
N PHE D 40 45.11 -21.78 15.97
CA PHE D 40 45.56 -20.63 16.76
C PHE D 40 47.04 -20.66 16.67
N ARG D 41 47.67 -19.51 16.58
CA ARG D 41 49.02 -19.26 16.74
C ARG D 41 49.17 -18.84 18.17
N VAL D 42 49.44 -19.80 19.06
CA VAL D 42 49.86 -19.56 20.45
C VAL D 42 51.33 -19.16 20.65
N THR D 43 51.52 -18.26 21.62
CA THR D 43 52.78 -17.69 22.03
C THR D 43 52.68 -17.77 23.54
N PRO D 44 53.39 -18.73 24.13
CA PRO D 44 53.12 -19.10 25.51
C PRO D 44 54.08 -18.41 26.53
N GLN D 45 53.66 -18.38 27.79
CA GLN D 45 54.45 -17.79 28.86
C GLN D 45 55.70 -18.63 28.95
N PRO D 46 56.83 -18.04 29.36
CA PRO D 46 58.07 -18.77 29.63
C PRO D 46 57.84 -20.07 30.42
N GLY D 47 58.06 -21.19 29.75
CA GLY D 47 58.00 -22.47 30.41
C GLY D 47 56.60 -23.03 30.57
N VAL D 48 55.67 -22.54 29.76
CA VAL D 48 54.40 -23.24 29.59
C VAL D 48 54.58 -24.11 28.35
N PRO D 49 54.40 -25.43 28.54
CA PRO D 49 54.35 -26.43 27.48
C PRO D 49 53.38 -26.04 26.38
N PRO D 50 53.83 -26.16 25.14
CA PRO D 50 53.00 -25.91 23.97
C PRO D 50 51.77 -26.82 24.07
N GLU D 51 52.02 -28.12 24.22
CA GLU D 51 50.96 -29.13 24.20
C GLU D 51 49.93 -28.78 25.25
N GLU D 52 50.45 -28.24 26.35
CA GLU D 52 49.67 -27.94 27.54
C GLU D 52 48.87 -26.64 27.34
N ALA D 53 49.57 -25.53 27.10
CA ALA D 53 48.94 -24.22 26.82
C ALA D 53 48.06 -24.33 25.60
N GLY D 54 48.60 -25.05 24.61
CA GLY D 54 47.84 -25.50 23.46
C GLY D 54 46.56 -26.16 23.84
N ALA D 55 46.64 -27.15 24.73
CA ALA D 55 45.42 -27.88 25.10
C ALA D 55 44.55 -27.08 26.10
N ALA D 56 45.11 -26.04 26.73
CA ALA D 56 44.30 -25.13 27.59
C ALA D 56 43.22 -24.48 26.70
N VAL D 57 43.68 -23.74 25.72
CA VAL D 57 42.86 -23.18 24.67
C VAL D 57 41.75 -24.11 24.25
N ALA D 58 42.10 -25.35 23.84
CA ALA D 58 41.07 -26.37 23.53
C ALA D 58 40.04 -26.67 24.63
N ALA D 59 40.50 -26.76 25.87
CA ALA D 59 39.61 -27.01 26.99
C ALA D 59 38.75 -25.77 27.25
N GLU D 60 39.37 -24.60 27.40
CA GLU D 60 38.53 -23.45 27.83
C GLU D 60 37.63 -22.90 26.71
N SER D 61 37.51 -23.62 25.58
CA SER D 61 36.66 -23.13 24.46
C SER D 61 35.57 -24.10 24.07
N SER D 62 35.32 -25.07 24.96
CA SER D 62 34.43 -26.16 24.64
C SER D 62 33.68 -26.59 25.87
N THR D 63 34.37 -27.37 26.67
CA THR D 63 33.78 -28.03 27.79
C THR D 63 34.66 -27.82 29.05
N GLY D 64 35.97 -27.62 28.88
CA GLY D 64 36.91 -27.61 30.02
C GLY D 64 36.80 -26.54 31.10
N THR D 65 37.29 -26.84 32.30
CA THR D 65 37.51 -25.81 33.33
C THR D 65 38.88 -26.05 33.97
N TRP D 66 39.15 -25.38 35.09
CA TRP D 66 40.48 -25.31 35.72
C TRP D 66 40.69 -26.39 36.72
N THR D 67 39.62 -26.88 37.31
CA THR D 67 39.69 -27.96 38.25
C THR D 67 38.71 -29.05 37.83
N THR D 68 38.86 -30.25 38.37
CA THR D 68 38.04 -31.40 37.98
C THR D 68 36.63 -31.24 38.45
N VAL D 69 35.70 -31.25 37.50
CA VAL D 69 34.31 -31.21 37.88
C VAL D 69 33.68 -32.58 37.82
N TRP D 70 32.80 -32.84 38.79
CA TRP D 70 32.12 -34.11 38.95
C TRP D 70 31.12 -34.41 37.90
N THR D 71 30.49 -33.34 37.43
CA THR D 71 29.47 -33.43 36.42
C THR D 71 29.88 -33.94 35.07
N ASP D 72 31.20 -33.94 34.80
CA ASP D 72 31.80 -34.38 33.50
C ASP D 72 31.33 -35.75 33.13
N GLY D 73 31.13 -36.54 34.18
CA GLY D 73 31.02 -37.98 34.01
C GLY D 73 29.60 -38.33 33.74
N LEU D 74 28.71 -37.33 33.86
CA LEU D 74 27.31 -37.54 33.59
C LEU D 74 27.03 -37.81 32.11
N THR D 75 27.83 -37.14 31.28
CA THR D 75 27.71 -37.11 29.85
C THR D 75 29.04 -37.69 29.32
N SER D 76 29.28 -37.53 28.03
CA SER D 76 30.49 -38.07 27.43
C SER D 76 31.50 -37.00 26.99
N LEU D 77 32.61 -36.84 27.71
CA LEU D 77 33.62 -35.92 27.22
C LEU D 77 34.14 -36.38 25.83
N ASP D 78 34.08 -37.68 25.51
CA ASP D 78 34.57 -38.14 24.19
C ASP D 78 33.71 -37.57 23.09
N ARG D 79 32.40 -37.51 23.32
CA ARG D 79 31.51 -36.86 22.35
C ARG D 79 31.75 -35.35 22.17
N TYR D 80 31.82 -34.57 23.25
CA TYR D 80 31.71 -33.09 23.14
C TYR D 80 32.95 -32.23 23.23
N LYS D 81 34.03 -32.74 23.76
CA LYS D 81 35.17 -31.88 24.08
C LYS D 81 35.80 -31.39 22.80
N GLY D 82 36.33 -30.19 22.83
CA GLY D 82 37.16 -29.70 21.72
C GLY D 82 38.53 -30.28 22.01
N ARG D 83 39.36 -30.50 21.00
CA ARG D 83 40.66 -31.15 21.24
C ARG D 83 41.82 -30.50 20.49
N CYS D 84 43.01 -30.53 21.08
CA CYS D 84 44.20 -30.17 20.30
C CYS D 84 44.70 -31.43 19.56
N TYR D 85 44.61 -31.40 18.23
CA TYR D 85 44.92 -32.60 17.50
C TYR D 85 46.28 -32.44 16.82
N GLU D 86 46.87 -31.23 16.90
CA GLU D 86 48.17 -30.89 16.25
C GLU D 86 48.81 -29.53 16.66
N ILE D 87 50.13 -29.57 16.85
CA ILE D 87 50.99 -28.45 17.23
C ILE D 87 51.95 -28.18 16.07
N GLU D 88 51.98 -26.92 15.62
CA GLU D 88 52.85 -26.48 14.53
C GLU D 88 53.75 -25.31 14.95
N PRO D 89 55.01 -25.60 15.34
CA PRO D 89 55.77 -24.48 15.82
C PRO D 89 56.09 -23.53 14.70
N VAL D 90 56.15 -22.25 15.07
CA VAL D 90 56.52 -21.14 14.19
C VAL D 90 58.01 -20.83 14.48
N PRO D 91 58.84 -20.73 13.42
CA PRO D 91 60.19 -20.15 13.52
C PRO D 91 60.24 -18.82 14.30
N GLY D 92 61.37 -18.49 14.92
CA GLY D 92 61.40 -17.46 15.98
C GLY D 92 61.33 -18.06 17.39
N GLU D 93 62.01 -17.44 18.36
CA GLU D 93 62.11 -18.06 19.74
C GLU D 93 61.27 -17.40 20.84
N ASP D 94 59.98 -17.29 20.59
CA ASP D 94 59.06 -16.97 21.62
C ASP D 94 58.33 -18.24 21.97
N ASN D 95 58.56 -19.28 21.19
CA ASN D 95 57.90 -20.57 21.37
C ASN D 95 56.45 -20.35 20.95
N GLN D 96 56.28 -19.51 19.92
CA GLN D 96 55.08 -19.48 19.12
C GLN D 96 54.91 -20.83 18.38
N PHE D 97 53.65 -21.19 18.11
CA PHE D 97 53.34 -22.35 17.31
C PHE D 97 51.86 -22.29 16.97
N ILE D 98 51.47 -23.04 15.94
CA ILE D 98 50.06 -23.09 15.55
CA ILE D 98 50.06 -23.14 15.50
C ILE D 98 49.36 -24.31 16.17
N ALA D 99 48.15 -24.09 16.70
CA ALA D 99 47.45 -25.17 17.40
C ALA D 99 46.14 -25.44 16.76
N TYR D 100 46.03 -26.66 16.24
CA TYR D 100 44.94 -27.05 15.43
C TYR D 100 43.97 -27.59 16.44
N VAL D 101 42.80 -26.95 16.57
CA VAL D 101 41.78 -27.46 17.47
C VAL D 101 40.62 -28.08 16.68
N ALA D 102 40.08 -29.20 17.11
CA ALA D 102 38.83 -29.74 16.48
C ALA D 102 37.61 -29.57 17.42
N TYR D 103 36.48 -29.23 16.84
CA TYR D 103 35.26 -28.93 17.68
C TYR D 103 33.98 -29.71 17.21
N PRO D 104 33.50 -30.65 18.02
CA PRO D 104 32.26 -31.24 17.47
C PRO D 104 31.13 -30.26 17.13
N LEU D 105 30.26 -30.63 16.18
CA LEU D 105 29.17 -29.75 15.66
C LEU D 105 28.19 -29.46 16.74
N ASP D 106 27.92 -30.54 17.48
CA ASP D 106 27.16 -30.48 18.73
C ASP D 106 27.41 -29.25 19.62
N LEU D 107 28.58 -28.62 19.47
CA LEU D 107 28.95 -27.42 20.27
C LEU D 107 28.25 -26.14 19.81
N PHE D 108 27.72 -26.24 18.59
CA PHE D 108 27.41 -25.03 17.89
C PHE D 108 25.91 -24.98 17.65
N GLU D 109 25.29 -23.84 17.96
CA GLU D 109 23.90 -23.53 17.63
C GLU D 109 23.82 -23.22 16.17
N GLU D 110 23.05 -23.98 15.43
CA GLU D 110 22.78 -23.77 14.06
C GLU D 110 22.28 -22.38 13.77
N GLY D 111 22.93 -21.78 12.77
CA GLY D 111 22.62 -20.45 12.26
C GLY D 111 23.15 -19.29 13.09
N SER D 112 24.18 -19.54 13.91
CA SER D 112 24.62 -18.53 14.86
CA SER D 112 24.61 -18.56 14.88
C SER D 112 26.14 -18.25 14.97
N VAL D 113 26.66 -17.46 14.01
CA VAL D 113 28.10 -17.05 14.02
C VAL D 113 28.38 -16.67 15.48
N THR D 114 27.47 -15.87 16.08
CA THR D 114 27.57 -15.39 17.48
C THR D 114 28.02 -16.46 18.46
N ASN D 115 27.33 -17.60 18.41
CA ASN D 115 27.54 -18.72 19.33
C ASN D 115 28.90 -19.30 19.05
N MET D 116 29.15 -19.47 17.74
CA MET D 116 30.41 -19.84 17.18
C MET D 116 31.57 -19.08 17.71
N PHE D 117 31.36 -17.76 17.87
CA PHE D 117 32.41 -16.87 18.32
C PHE D 117 32.60 -16.91 19.80
N THR D 118 31.53 -17.18 20.55
CA THR D 118 31.61 -17.30 21.98
C THR D 118 32.45 -18.52 22.36
N SER D 119 32.11 -19.72 21.96
CA SER D 119 32.93 -20.89 22.34
CA SER D 119 32.92 -20.85 22.37
C SER D 119 34.35 -20.67 21.95
N ILE D 120 34.56 -20.52 20.64
CA ILE D 120 35.92 -20.51 20.03
C ILE D 120 36.80 -19.31 20.39
N VAL D 121 36.18 -18.14 20.48
CA VAL D 121 36.97 -16.96 20.77
C VAL D 121 36.79 -16.55 22.17
N GLY D 122 35.73 -17.08 22.80
CA GLY D 122 35.06 -16.38 24.00
C GLY D 122 35.97 -15.95 25.14
N ASN D 123 36.89 -16.85 25.57
CA ASN D 123 37.78 -16.68 26.77
C ASN D 123 39.33 -16.76 26.59
N VAL D 124 39.76 -17.89 26.03
CA VAL D 124 41.19 -18.21 25.80
C VAL D 124 42.14 -17.12 25.36
N PHE D 125 41.68 -16.10 24.66
CA PHE D 125 42.71 -15.08 24.48
C PHE D 125 43.10 -14.31 25.83
N GLY D 126 42.36 -14.51 26.93
CA GLY D 126 42.73 -13.76 28.16
C GLY D 126 43.71 -14.53 29.09
N PHE D 127 43.88 -15.83 28.84
CA PHE D 127 44.63 -16.70 29.84
C PHE D 127 46.05 -16.21 30.28
N LYS D 128 46.37 -16.31 31.57
CA LYS D 128 47.69 -15.82 32.06
C LYS D 128 48.89 -16.70 31.63
N ALA D 129 48.67 -17.97 31.17
CA ALA D 129 49.75 -18.96 30.73
C ALA D 129 50.17 -18.78 29.30
N LEU D 130 49.53 -17.80 28.69
CA LEU D 130 49.89 -17.38 27.38
C LEU D 130 50.43 -15.97 27.45
N ARG D 131 51.34 -15.55 26.56
CA ARG D 131 51.52 -14.11 26.40
C ARG D 131 50.67 -13.50 25.26
N ALA D 132 50.27 -14.28 24.23
CA ALA D 132 49.66 -13.64 23.02
C ALA D 132 49.07 -14.81 22.26
N LEU D 133 47.76 -14.73 21.90
CA LEU D 133 47.00 -15.64 21.01
C LEU D 133 46.30 -15.04 19.82
N ARG D 134 46.43 -15.70 18.67
CA ARG D 134 45.75 -15.23 17.46
CA ARG D 134 45.74 -15.24 17.46
C ARG D 134 45.22 -16.40 16.66
N LEU D 135 43.96 -16.28 16.22
CA LEU D 135 43.33 -17.30 15.35
C LEU D 135 43.52 -16.88 13.88
N GLU D 136 44.33 -17.61 13.11
CA GLU D 136 44.51 -17.30 11.72
C GLU D 136 43.34 -17.82 10.89
N ASP D 137 42.72 -18.94 11.24
CA ASP D 137 41.70 -19.52 10.37
C ASP D 137 40.72 -20.44 11.07
N LEU D 138 39.59 -20.66 10.40
CA LEU D 138 38.49 -21.42 10.90
C LEU D 138 37.90 -22.24 9.75
N ARG D 139 37.63 -23.52 9.97
CA ARG D 139 37.07 -24.34 8.93
C ARG D 139 35.69 -24.61 9.39
N ILE D 140 34.68 -24.24 8.62
CA ILE D 140 33.29 -24.58 9.04
C ILE D 140 33.00 -25.82 8.21
N PRO D 141 32.67 -26.96 8.83
CA PRO D 141 32.38 -28.10 7.98
C PRO D 141 31.06 -27.81 7.29
N TYR D 142 30.71 -28.48 6.19
CA TYR D 142 29.42 -28.15 5.44
C TYR D 142 28.03 -28.47 5.96
N ALA D 143 27.89 -29.45 6.85
CA ALA D 143 26.76 -29.65 7.75
C ALA D 143 26.39 -28.37 8.57
N TYR D 144 27.39 -27.70 9.13
CA TYR D 144 27.19 -26.33 9.68
C TYR D 144 26.88 -25.23 8.66
N VAL D 145 27.58 -25.26 7.51
CA VAL D 145 27.32 -24.32 6.41
C VAL D 145 25.85 -24.39 6.11
N LYS D 146 25.34 -25.58 5.85
CA LYS D 146 23.94 -25.73 5.56
C LYS D 146 22.90 -25.18 6.57
N THR D 147 23.33 -24.87 7.80
CA THR D 147 22.42 -24.15 8.75
C THR D 147 22.18 -22.61 8.65
N PHE D 148 22.92 -21.93 7.75
CA PHE D 148 22.82 -20.49 7.49
C PHE D 148 22.22 -20.18 6.13
N GLN D 149 21.62 -18.97 6.04
CA GLN D 149 20.89 -18.51 4.87
C GLN D 149 22.00 -17.86 4.11
N GLY D 150 22.77 -17.07 4.86
CA GLY D 150 23.91 -16.37 4.35
C GLY D 150 23.50 -15.11 3.65
N PRO D 151 24.31 -14.70 2.64
CA PRO D 151 23.93 -13.46 2.06
C PRO D 151 22.54 -13.61 1.40
N PRO D 152 21.76 -12.53 1.43
CA PRO D 152 20.41 -12.58 0.96
C PRO D 152 20.25 -12.75 -0.53
N HIS D 153 21.27 -12.38 -1.28
CA HIS D 153 21.33 -12.75 -2.67
C HIS D 153 22.70 -13.35 -3.20
N GLY D 154 23.86 -12.71 -2.99
CA GLY D 154 25.10 -13.20 -3.61
C GLY D 154 25.45 -12.51 -4.95
N ILE D 155 26.44 -13.05 -5.66
CA ILE D 155 26.95 -12.47 -6.90
C ILE D 155 26.06 -12.62 -8.12
N GLN D 156 25.55 -13.82 -8.33
CA GLN D 156 24.92 -14.10 -9.61
C GLN D 156 23.62 -13.29 -9.56
N VAL D 157 22.92 -13.39 -8.42
CA VAL D 157 21.57 -12.75 -8.30
C VAL D 157 21.65 -11.22 -8.43
N GLU D 158 22.52 -10.63 -7.63
CA GLU D 158 22.82 -9.20 -7.62
C GLU D 158 23.11 -8.64 -8.97
N ARG D 159 24.09 -9.21 -9.70
CA ARG D 159 24.25 -8.96 -11.11
C ARG D 159 22.92 -9.01 -11.89
N ASP D 160 22.06 -10.00 -11.64
CA ASP D 160 20.86 -10.24 -12.49
C ASP D 160 19.68 -9.38 -12.04
N LYS D 161 19.71 -9.00 -10.76
CA LYS D 161 18.81 -7.94 -10.32
C LYS D 161 19.33 -6.68 -10.95
N LEU D 162 20.64 -6.61 -11.13
CA LEU D 162 21.22 -5.35 -11.62
C LEU D 162 21.38 -5.20 -13.16
N ASN D 163 21.34 -6.33 -13.89
CA ASN D 163 21.47 -6.41 -15.36
C ASN D 163 22.79 -5.83 -15.86
N LYS D 164 23.75 -5.85 -14.92
CA LYS D 164 25.13 -5.37 -15.05
C LYS D 164 26.00 -6.59 -15.17
N TYR D 165 26.65 -6.68 -16.32
CA TYR D 165 27.60 -7.74 -16.61
C TYR D 165 28.92 -7.22 -17.19
N GLY D 166 29.96 -8.05 -17.08
CA GLY D 166 31.20 -7.90 -17.86
C GLY D 166 32.34 -7.11 -17.24
N ARG D 167 32.07 -6.38 -16.15
CA ARG D 167 33.09 -5.47 -15.57
C ARG D 167 33.01 -5.30 -14.06
N PRO D 168 34.13 -4.86 -13.41
CA PRO D 168 34.05 -4.52 -11.96
C PRO D 168 33.05 -3.38 -11.72
N LEU D 169 32.35 -3.36 -10.59
CA LEU D 169 31.34 -2.30 -10.34
C LEU D 169 31.88 -1.03 -9.70
N LEU D 170 31.19 0.08 -9.89
CA LEU D 170 31.75 1.33 -9.37
C LEU D 170 30.99 2.00 -8.26
N GLY D 171 31.74 2.58 -7.35
CA GLY D 171 31.09 3.31 -6.30
C GLY D 171 31.91 4.46 -5.87
N CYS D 172 31.34 5.25 -4.98
CA CYS D 172 31.97 6.39 -4.34
C CYS D 172 31.45 6.48 -2.89
N THR D 173 32.29 6.81 -1.92
CA THR D 173 31.75 6.98 -0.57
C THR D 173 31.64 8.46 -0.41
N ILE D 174 30.51 8.98 0.09
CA ILE D 174 30.35 10.43 0.17
C ILE D 174 31.27 11.07 1.25
N LYS D 175 31.77 12.26 0.95
CA LYS D 175 32.81 12.95 1.73
C LYS D 175 32.37 14.37 1.90
N PRO D 176 32.86 15.06 2.96
CA PRO D 176 33.57 14.56 4.14
C PRO D 176 32.66 13.55 4.86
N LYS D 177 33.27 12.63 5.67
CA LYS D 177 32.57 11.52 6.41
C LYS D 177 31.19 11.91 7.01
N LEU D 178 31.25 12.87 7.93
CA LEU D 178 30.05 13.42 8.55
C LEU D 178 30.06 14.93 8.34
N GLY D 179 28.99 15.62 8.78
CA GLY D 179 28.94 17.07 8.63
C GLY D 179 28.06 17.60 7.53
N LEU D 180 27.64 16.76 6.59
CA LEU D 180 26.82 17.24 5.46
C LEU D 180 25.31 17.09 5.65
N SER D 181 24.56 17.84 4.85
CA SER D 181 23.10 17.92 4.95
C SER D 181 22.41 16.85 4.13
N ALA D 182 21.15 16.56 4.46
CA ALA D 182 20.42 15.50 3.77
C ALA D 182 20.28 15.86 2.30
N LYS D 183 19.91 17.12 2.01
CA LYS D 183 19.81 17.59 0.62
C LYS D 183 21.14 17.62 -0.14
N ASN D 184 22.17 18.23 0.46
CA ASN D 184 23.54 18.18 -0.08
C ASN D 184 24.12 16.79 -0.22
N TYR D 185 23.81 15.90 0.72
CA TYR D 185 24.13 14.48 0.58
C TYR D 185 23.54 14.01 -0.75
N GLY D 186 22.28 14.44 -1.04
CA GLY D 186 21.48 13.90 -2.17
C GLY D 186 21.92 14.54 -3.47
N ARG D 187 22.36 15.79 -3.33
CA ARG D 187 22.95 16.53 -4.42
C ARG D 187 24.31 15.88 -4.86
N ALA D 188 25.17 15.55 -3.88
CA ALA D 188 26.45 14.87 -4.12
C ALA D 188 26.30 13.47 -4.66
N VAL D 189 25.15 12.85 -4.36
CA VAL D 189 24.79 11.49 -4.84
C VAL D 189 24.39 11.50 -6.31
N TYR D 190 23.41 12.34 -6.70
CA TYR D 190 23.00 12.46 -8.11
C TYR D 190 24.14 12.92 -9.02
N GLU D 191 24.95 13.89 -8.57
CA GLU D 191 26.18 14.23 -9.32
C GLU D 191 27.15 13.05 -9.57
N CYS D 192 27.28 12.17 -8.58
CA CYS D 192 28.09 10.98 -8.63
C CYS D 192 27.54 9.85 -9.52
N LEU D 193 26.24 9.58 -9.41
CA LEU D 193 25.62 8.53 -10.25
C LEU D 193 25.60 8.91 -11.75
N ARG D 194 24.98 10.03 -12.08
CA ARG D 194 24.80 10.42 -13.49
C ARG D 194 26.11 10.37 -14.32
N GLY D 195 27.22 10.42 -13.62
CA GLY D 195 28.52 10.58 -14.24
C GLY D 195 29.13 9.26 -14.66
N GLY D 196 28.75 8.17 -14.00
CA GLY D 196 29.40 6.94 -14.38
C GLY D 196 29.18 5.80 -13.44
N LEU D 197 29.04 6.12 -12.16
CA LEU D 197 29.05 5.09 -11.12
C LEU D 197 27.74 4.31 -11.11
N ASP D 198 27.86 3.09 -10.57
CA ASP D 198 26.75 2.20 -10.32
C ASP D 198 26.22 2.56 -8.89
N PHE D 199 27.17 2.79 -7.97
CA PHE D 199 26.83 2.94 -6.58
C PHE D 199 27.43 4.24 -6.01
N THR D 200 26.70 4.77 -5.06
CA THR D 200 27.16 5.76 -4.11
C THR D 200 26.99 5.22 -2.67
N LYS D 201 27.47 5.92 -1.65
CA LYS D 201 27.31 5.36 -0.32
C LYS D 201 27.48 6.35 0.80
N ASP D 202 26.75 6.07 1.88
CA ASP D 202 26.96 6.72 3.15
C ASP D 202 28.30 6.27 3.73
N ASP D 203 29.04 7.15 4.39
CA ASP D 203 30.15 6.65 5.19
C ASP D 203 29.69 5.78 6.37
N GLU D 204 30.43 4.68 6.67
CA GLU D 204 30.09 3.79 7.79
C GLU D 204 29.62 4.62 9.01
N ASN D 205 30.12 5.84 9.06
CA ASN D 205 29.86 6.88 10.04
C ASN D 205 28.48 7.52 10.03
N VAL D 206 27.84 7.54 8.86
CA VAL D 206 26.51 8.08 8.68
C VAL D 206 25.46 7.11 9.21
N ASN D 207 24.70 7.63 10.15
CA ASN D 207 23.73 6.83 10.80
C ASN D 207 22.49 7.73 10.77
N SER D 208 22.28 8.44 11.87
CA SER D 208 21.37 9.55 11.95
C SER D 208 22.00 10.52 12.99
N GLN D 209 22.43 11.72 12.58
CA GLN D 209 23.02 12.68 13.53
C GLN D 209 22.23 14.02 13.60
N PRO D 210 22.65 14.98 14.46
CA PRO D 210 22.01 16.31 14.43
C PRO D 210 22.20 17.09 13.11
N PHE D 211 23.31 16.91 12.44
CA PHE D 211 23.53 17.68 11.21
C PHE D 211 22.76 17.11 10.02
N MET D 212 22.17 15.91 10.19
CA MET D 212 21.29 15.33 9.19
C MET D 212 20.72 14.03 9.73
N ARG D 213 19.41 13.87 9.59
CA ARG D 213 18.72 12.69 10.08
C ARG D 213 18.61 11.59 9.00
N TRP D 214 18.22 10.42 9.42
CA TRP D 214 18.38 9.30 8.51
C TRP D 214 17.26 9.36 7.50
N ARG D 215 16.02 9.37 7.97
CA ARG D 215 14.87 9.24 7.09
C ARG D 215 14.89 10.40 6.07
N ASP D 216 15.55 11.49 6.49
CA ASP D 216 15.85 12.59 5.59
C ASP D 216 16.76 12.17 4.46
N ARG D 217 17.94 11.69 4.82
CA ARG D 217 18.90 11.29 3.83
C ARG D 217 18.29 10.33 2.85
N PHE D 218 17.60 9.32 3.34
CA PHE D 218 17.04 8.27 2.48
C PHE D 218 16.17 8.89 1.42
N LEU D 219 15.33 9.87 1.84
CA LEU D 219 14.38 10.51 0.96
C LEU D 219 15.13 11.20 -0.18
N PHE D 220 16.11 12.03 0.19
CA PHE D 220 16.88 12.81 -0.78
C PHE D 220 17.81 11.97 -1.61
N CYS D 221 18.43 10.96 -0.98
CA CYS D 221 19.31 10.00 -1.68
C CYS D 221 18.50 9.24 -2.71
N ALA D 222 17.24 8.96 -2.38
CA ALA D 222 16.39 8.14 -3.25
C ALA D 222 16.02 8.92 -4.52
N GLU D 223 15.62 10.18 -4.33
CA GLU D 223 15.44 11.13 -5.41
C GLU D 223 16.62 11.04 -6.40
N ALA D 224 17.82 11.37 -5.93
CA ALA D 224 19.04 11.27 -6.73
C ALA D 224 19.21 9.95 -7.49
N ILE D 225 18.95 8.83 -6.82
CA ILE D 225 18.98 7.50 -7.47
C ILE D 225 18.15 7.57 -8.73
N TYR D 226 16.91 8.02 -8.54
CA TYR D 226 15.90 8.01 -9.58
C TYR D 226 16.13 9.03 -10.63
N LYS D 227 16.61 10.20 -10.23
CA LYS D 227 16.92 11.26 -11.18
C LYS D 227 18.09 10.84 -12.07
N SER D 228 19.18 10.35 -11.48
CA SER D 228 20.31 9.78 -12.21
C SER D 228 20.05 8.45 -12.90
N GLN D 229 19.07 7.67 -12.43
CA GLN D 229 18.73 6.47 -13.20
C GLN D 229 17.99 6.78 -14.49
N ALA D 230 17.02 7.66 -14.38
CA ALA D 230 16.25 8.18 -15.51
C ALA D 230 17.11 8.94 -16.52
N GLU D 231 17.93 9.87 -16.04
CA GLU D 231 18.88 10.60 -16.87
C GLU D 231 19.87 9.73 -17.72
N THR D 232 20.53 8.74 -17.12
CA THR D 232 21.59 7.98 -17.85
C THR D 232 21.00 6.78 -18.55
N GLY D 233 19.93 6.21 -18.01
CA GLY D 233 19.40 5.01 -18.58
C GLY D 233 19.76 3.70 -17.89
N GLU D 234 20.70 3.75 -16.95
CA GLU D 234 21.06 2.54 -16.21
C GLU D 234 20.67 2.60 -14.71
N ILE D 235 20.31 1.42 -14.23
CA ILE D 235 20.12 1.09 -12.82
C ILE D 235 21.21 1.55 -11.85
N LYS D 236 20.78 2.45 -10.94
CA LYS D 236 21.64 3.04 -9.92
C LYS D 236 21.32 2.58 -8.48
N GLY D 237 22.29 2.71 -7.59
CA GLY D 237 21.96 2.61 -6.17
C GLY D 237 22.63 3.64 -5.30
N HIS D 238 22.27 3.57 -4.02
CA HIS D 238 23.00 4.15 -2.94
C HIS D 238 22.74 3.27 -1.76
N TYR D 239 23.88 2.81 -1.17
CA TYR D 239 23.98 2.01 0.05
C TYR D 239 23.45 2.90 1.12
N LEU D 240 22.25 2.64 1.59
CA LEU D 240 21.73 3.44 2.71
C LEU D 240 22.05 2.78 4.04
N ASN D 241 22.79 3.41 4.92
CA ASN D 241 23.06 2.80 6.27
C ASN D 241 21.84 2.69 7.21
N ALA D 242 21.53 1.45 7.57
CA ALA D 242 20.60 1.15 8.71
C ALA D 242 21.34 0.75 10.02
N THR D 243 22.62 1.09 10.20
CA THR D 243 23.31 0.79 11.47
C THR D 243 22.69 1.75 12.43
N ALA D 244 22.37 1.24 13.62
CA ALA D 244 21.44 1.83 14.62
C ALA D 244 21.92 1.38 15.98
N GLY D 245 21.60 2.18 17.00
CA GLY D 245 21.75 1.85 18.45
C GLY D 245 21.01 0.59 18.81
N THR D 246 19.79 0.44 18.29
CA THR D 246 18.83 -0.63 18.67
C THR D 246 18.34 -1.48 17.50
N CYS D 247 17.85 -2.68 17.73
CA CYS D 247 17.39 -3.52 16.64
CA CYS D 247 17.36 -3.54 16.67
C CYS D 247 16.08 -2.91 16.19
N GLU D 248 15.45 -2.08 17.05
CA GLU D 248 14.14 -1.47 16.71
C GLU D 248 14.34 -0.36 15.67
N GLU D 249 15.31 0.54 15.93
CA GLU D 249 15.76 1.42 14.89
C GLU D 249 16.33 0.77 13.63
N MET D 250 17.01 -0.37 13.72
CA MET D 250 17.79 -0.86 12.61
C MET D 250 16.79 -1.35 11.69
N LEU D 251 15.84 -2.12 12.15
CA LEU D 251 14.85 -2.58 11.16
C LEU D 251 13.95 -1.51 10.60
N LYS D 252 13.83 -0.39 11.32
CA LYS D 252 12.91 0.68 10.90
C LYS D 252 13.48 1.30 9.66
N ARG D 253 14.83 1.39 9.68
CA ARG D 253 15.70 1.90 8.61
C ARG D 253 15.74 1.03 7.37
N ALA D 254 15.88 -0.24 7.57
CA ALA D 254 15.50 -1.10 6.46
C ALA D 254 14.05 -0.81 5.94
N VAL D 255 13.05 -0.67 6.80
CA VAL D 255 11.64 -0.78 6.34
C VAL D 255 11.31 0.32 5.33
N PHE D 256 11.81 1.51 5.59
CA PHE D 256 11.50 2.62 4.75
C PHE D 256 12.34 2.46 3.43
N ALA D 257 13.64 2.10 3.55
CA ALA D 257 14.41 1.69 2.36
C ALA D 257 13.47 0.77 1.60
N ARG D 258 13.23 -0.43 2.06
CA ARG D 258 12.16 -1.29 1.46
C ARG D 258 11.02 -0.53 0.77
N GLU D 259 10.22 0.15 1.58
CA GLU D 259 9.15 1.03 1.13
C GLU D 259 9.48 1.98 -0.07
N LEU D 260 10.72 2.49 -0.12
CA LEU D 260 11.21 3.40 -1.15
C LEU D 260 11.75 2.66 -2.40
N GLY D 261 11.56 1.35 -2.48
CA GLY D 261 11.79 0.58 -3.67
C GLY D 261 13.27 0.45 -3.97
N VAL D 262 14.08 0.66 -2.94
CA VAL D 262 15.44 1.06 -3.15
C VAL D 262 16.32 -0.22 -3.25
N PRO D 263 17.26 -0.29 -4.23
CA PRO D 263 17.90 -1.59 -4.52
C PRO D 263 18.75 -2.11 -3.41
N ILE D 264 19.34 -1.19 -2.64
CA ILE D 264 20.48 -1.55 -1.83
C ILE D 264 20.49 -0.71 -0.50
N VAL D 265 20.58 -1.38 0.67
CA VAL D 265 20.98 -0.82 2.03
C VAL D 265 22.31 -1.29 2.66
N MET D 266 22.70 -0.70 3.79
CA MET D 266 24.09 -0.79 4.24
C MET D 266 24.17 -1.07 5.79
N HIS D 267 25.01 -2.03 6.17
CA HIS D 267 25.19 -2.49 7.56
C HIS D 267 26.62 -2.74 7.92
N ASP D 268 27.11 -1.98 8.90
CA ASP D 268 28.45 -2.18 9.42
C ASP D 268 28.51 -3.46 10.31
N TYR D 269 29.11 -4.64 9.91
CA TYR D 269 28.87 -5.96 10.71
C TYR D 269 29.39 -6.18 12.10
N LEU D 270 30.60 -5.70 12.33
CA LEU D 270 31.22 -5.81 13.66
C LEU D 270 30.78 -4.75 14.63
N THR D 271 30.66 -3.49 14.29
CA THR D 271 30.24 -2.57 15.39
C THR D 271 28.70 -2.69 15.78
N GLY D 272 27.86 -3.12 14.86
CA GLY D 272 26.41 -3.26 15.12
C GLY D 272 26.20 -4.59 15.78
N GLY D 273 27.01 -5.53 15.28
CA GLY D 273 27.19 -6.92 15.70
C GLY D 273 26.39 -7.93 14.92
N PHE D 274 26.83 -9.20 15.03
CA PHE D 274 26.32 -10.34 14.19
C PHE D 274 24.82 -10.75 14.37
N THR D 275 24.37 -10.87 15.63
CA THR D 275 22.95 -10.96 16.03
C THR D 275 22.13 -9.92 15.27
N ALA D 276 22.41 -8.61 15.45
CA ALA D 276 21.74 -7.48 14.66
C ALA D 276 21.79 -7.76 13.17
N ASN D 277 23.02 -8.05 12.74
CA ASN D 277 23.36 -8.28 11.32
C ASN D 277 22.67 -9.47 10.70
N THR D 278 22.56 -10.57 11.45
CA THR D 278 21.81 -11.77 11.01
C THR D 278 20.34 -11.50 10.89
N THR D 279 19.81 -10.67 11.81
CA THR D 279 18.44 -10.18 11.68
C THR D 279 18.01 -9.35 10.43
N LEU D 280 18.83 -8.38 10.03
CA LEU D 280 18.76 -7.59 8.80
C LEU D 280 18.98 -8.47 7.56
N SER D 281 19.92 -9.42 7.67
CA SER D 281 20.07 -10.51 6.59
C SER D 281 18.92 -11.35 6.24
N HIS D 282 18.18 -11.78 7.24
CA HIS D 282 16.83 -12.32 7.04
C HIS D 282 15.81 -11.43 6.41
N TYR D 283 15.75 -10.14 6.80
CA TYR D 283 14.77 -9.15 6.28
C TYR D 283 15.03 -8.80 4.81
N CYS D 284 16.25 -8.38 4.48
CA CYS D 284 16.72 -8.18 3.09
C CYS D 284 16.41 -9.32 2.16
N ARG D 285 16.44 -10.55 2.65
CA ARG D 285 16.21 -11.67 1.82
C ARG D 285 14.70 -11.82 1.64
N ASP D 286 14.00 -11.45 2.70
CA ASP D 286 12.56 -11.58 2.67
C ASP D 286 11.93 -10.50 1.86
N ASN D 287 12.70 -9.42 1.76
CA ASN D 287 12.36 -8.12 1.14
C ASN D 287 13.03 -7.67 -0.15
N GLY D 288 13.88 -8.55 -0.70
CA GLY D 288 14.52 -8.29 -2.00
C GLY D 288 15.57 -7.23 -1.92
N LEU D 289 16.18 -7.08 -0.76
CA LEU D 289 17.12 -5.97 -0.62
C LEU D 289 18.55 -6.44 -0.66
N LEU D 290 19.32 -5.79 -1.51
CA LEU D 290 20.74 -6.03 -1.50
C LEU D 290 21.29 -5.50 -0.23
N LEU D 291 22.37 -6.13 0.22
CA LEU D 291 22.94 -5.73 1.53
C LEU D 291 24.43 -5.58 1.55
N HIS D 292 24.92 -4.41 1.88
CA HIS D 292 26.29 -4.05 1.79
C HIS D 292 26.88 -3.92 3.10
N ILE D 293 28.05 -4.54 3.26
CA ILE D 293 28.65 -4.61 4.55
C ILE D 293 29.99 -3.95 4.66
N HIS D 294 30.09 -3.06 5.65
CA HIS D 294 31.29 -2.55 6.24
C HIS D 294 31.95 -3.36 7.43
N ARG D 295 33.20 -3.05 7.80
CA ARG D 295 34.10 -3.88 8.67
C ARG D 295 34.77 -2.89 9.66
N ALA D 296 34.12 -1.73 9.72
CA ALA D 296 34.33 -0.80 10.82
C ALA D 296 34.65 -1.65 12.00
N MET D 297 35.90 -1.52 12.42
CA MET D 297 36.48 -2.17 13.60
C MET D 297 37.38 -3.35 13.26
N HIS D 298 37.45 -3.81 12.01
CA HIS D 298 38.29 -4.99 11.74
C HIS D 298 39.70 -4.78 12.20
N ALA D 299 40.30 -3.56 12.05
CA ALA D 299 41.75 -3.33 12.42
C ALA D 299 42.22 -3.58 13.81
N VAL D 300 41.42 -3.18 14.79
CA VAL D 300 41.74 -3.33 16.22
C VAL D 300 41.99 -4.77 16.56
N ILE D 301 41.12 -5.62 16.02
CA ILE D 301 41.18 -7.07 16.08
C ILE D 301 42.19 -7.75 15.11
N ASP D 302 42.42 -7.22 13.91
CA ASP D 302 42.99 -8.10 12.88
C ASP D 302 44.26 -7.56 12.16
N ARG D 303 44.99 -6.69 12.87
CA ARG D 303 46.21 -6.07 12.39
C ARG D 303 47.42 -6.93 12.72
N GLN D 304 47.60 -7.34 13.97
CA GLN D 304 48.93 -7.81 14.30
C GLN D 304 49.01 -9.32 14.32
N LYS D 305 50.16 -9.87 13.92
CA LYS D 305 50.35 -11.35 13.81
C LYS D 305 50.50 -12.16 15.09
N ASN D 306 50.97 -11.54 16.17
N ASN D 306 50.91 -11.53 16.19
CA ASN D 306 50.86 -12.18 17.51
CA ASN D 306 50.86 -12.21 17.51
C ASN D 306 49.48 -12.33 18.16
C ASN D 306 49.47 -12.34 18.15
N HIS D 307 48.49 -11.51 17.79
CA HIS D 307 47.19 -11.43 18.56
C HIS D 307 45.97 -10.70 18.01
N GLY D 308 44.98 -11.48 17.60
CA GLY D 308 43.59 -11.12 17.51
C GLY D 308 42.95 -12.25 16.71
N MET D 309 42.28 -11.90 15.63
CA MET D 309 41.81 -12.83 14.64
CA MET D 309 41.86 -12.82 14.64
C MET D 309 42.18 -12.11 13.34
N HIS D 310 42.94 -12.76 12.47
CA HIS D 310 43.07 -12.36 11.07
C HIS D 310 41.73 -12.10 10.40
N PHE D 311 41.73 -11.28 9.32
CA PHE D 311 40.45 -10.83 8.74
C PHE D 311 39.65 -12.00 8.16
N ARG D 312 40.39 -12.99 7.70
CA ARG D 312 39.86 -14.10 6.98
C ARG D 312 38.80 -14.87 7.66
N VAL D 313 39.03 -15.10 8.97
CA VAL D 313 38.00 -15.55 9.90
C VAL D 313 36.76 -14.59 9.97
N LEU D 314 37.05 -13.29 10.09
CA LEU D 314 35.99 -12.27 10.06
C LEU D 314 35.19 -12.21 8.71
N ALA D 315 35.85 -12.65 7.65
CA ALA D 315 35.28 -12.73 6.27
C ALA D 315 34.31 -13.85 6.12
N LYS D 316 34.81 -14.96 6.57
CA LYS D 316 34.07 -16.15 6.61
C LYS D 316 32.88 -15.92 7.46
N ALA D 317 33.04 -15.23 8.57
CA ALA D 317 31.91 -15.07 9.52
C ALA D 317 30.75 -14.25 8.91
N LEU D 318 31.13 -13.24 8.13
CA LEU D 318 30.20 -12.46 7.34
C LEU D 318 29.38 -13.25 6.30
N ARG D 319 29.99 -14.25 5.65
N ARG D 319 30.00 -14.25 5.66
CA ARG D 319 29.29 -14.97 4.58
CA ARG D 319 29.30 -14.96 4.59
C ARG D 319 28.24 -15.87 5.15
C ARG D 319 28.24 -15.81 5.18
N LEU D 320 28.56 -16.39 6.33
CA LEU D 320 27.64 -17.17 7.04
C LEU D 320 26.56 -16.25 7.56
N SER D 321 26.94 -15.19 8.26
CA SER D 321 25.92 -14.32 8.76
C SER D 321 25.06 -13.85 7.61
N GLY D 322 25.64 -13.18 6.64
CA GLY D 322 24.82 -12.67 5.54
C GLY D 322 25.19 -11.25 5.17
N GLY D 323 25.45 -11.05 3.87
CA GLY D 323 26.03 -9.84 3.25
C GLY D 323 26.28 -9.95 1.76
N ASP D 324 25.81 -8.99 0.97
CA ASP D 324 25.97 -9.17 -0.44
C ASP D 324 27.30 -8.64 -0.91
N HIS D 325 27.84 -7.66 -0.19
CA HIS D 325 29.18 -7.14 -0.44
C HIS D 325 29.91 -7.05 0.85
N ILE D 326 31.20 -6.93 0.79
CA ILE D 326 31.80 -6.67 2.08
C ILE D 326 33.10 -6.06 1.78
N HIS D 327 33.55 -5.09 2.54
CA HIS D 327 34.85 -4.51 2.24
C HIS D 327 35.97 -5.49 2.42
N ALA D 328 37.04 -5.29 1.65
CA ALA D 328 38.10 -6.31 1.50
C ALA D 328 39.58 -5.84 1.50
N GLY D 329 39.80 -4.57 1.84
CA GLY D 329 41.00 -3.73 1.65
C GLY D 329 41.29 -3.29 0.22
N THR D 330 42.32 -2.43 0.00
CA THR D 330 42.75 -2.07 -1.40
C THR D 330 43.98 -2.67 -2.11
N VAL D 331 44.75 -3.52 -1.43
CA VAL D 331 46.21 -3.70 -1.69
C VAL D 331 47.06 -2.39 -1.63
N VAL D 332 46.93 -1.50 -2.63
CA VAL D 332 47.73 -0.24 -2.63
C VAL D 332 47.00 1.07 -2.20
N GLY D 333 46.08 1.01 -1.24
CA GLY D 333 45.40 2.22 -0.71
C GLY D 333 46.05 2.70 0.60
N LYS D 334 45.44 3.68 1.31
CA LYS D 334 45.99 4.25 2.60
C LYS D 334 45.85 3.25 3.77
N LEU D 335 45.05 2.22 3.50
CA LEU D 335 44.65 1.24 4.48
C LEU D 335 45.27 -0.12 4.17
N GLU D 336 45.90 -0.72 5.19
CA GLU D 336 46.78 -1.88 4.97
C GLU D 336 46.07 -3.22 4.66
N GLY D 337 46.81 -4.16 4.09
CA GLY D 337 46.28 -5.46 3.59
C GLY D 337 47.13 -5.95 2.40
N GLU D 338 47.89 -7.04 2.58
CA GLU D 338 48.86 -7.45 1.55
C GLU D 338 48.39 -8.53 0.53
N ARG D 339 48.91 -8.44 -0.70
CA ARG D 339 48.38 -9.12 -1.89
C ARG D 339 47.95 -10.58 -1.77
N GLU D 340 48.93 -11.46 -1.62
CA GLU D 340 48.73 -12.88 -1.72
C GLU D 340 47.61 -13.26 -0.71
N ILE D 341 47.73 -12.68 0.46
CA ILE D 341 46.82 -12.88 1.57
C ILE D 341 45.39 -12.39 1.27
N THR D 342 45.23 -11.32 0.52
CA THR D 342 43.95 -10.77 0.01
C THR D 342 43.43 -11.67 -1.07
N LEU D 343 44.32 -12.23 -1.92
CA LEU D 343 43.93 -13.30 -2.89
C LEU D 343 43.30 -14.61 -2.29
N GLY D 344 43.92 -15.22 -1.28
CA GLY D 344 43.19 -16.12 -0.33
C GLY D 344 41.78 -15.73 0.11
N PHE D 345 41.61 -14.61 0.84
CA PHE D 345 40.27 -14.39 1.35
C PHE D 345 39.14 -13.99 0.40
N VAL D 346 39.40 -13.74 -0.89
CA VAL D 346 38.41 -13.07 -1.78
C VAL D 346 37.77 -14.26 -2.43
N ASP D 347 38.67 -15.21 -2.63
CA ASP D 347 38.34 -16.52 -3.03
C ASP D 347 37.42 -17.12 -2.00
N LEU D 348 37.71 -16.92 -0.70
CA LEU D 348 36.85 -17.50 0.34
C LEU D 348 35.47 -16.84 0.38
N LEU D 349 35.40 -15.51 0.19
CA LEU D 349 34.06 -14.85 0.05
C LEU D 349 33.38 -15.18 -1.25
N ARG D 350 34.16 -15.48 -2.29
CA ARG D 350 33.61 -15.70 -3.63
C ARG D 350 33.25 -17.15 -4.07
N ASP D 351 34.23 -18.06 -4.08
CA ASP D 351 34.10 -19.37 -4.79
C ASP D 351 33.39 -20.46 -3.92
N ASP D 352 33.04 -21.59 -4.50
CA ASP D 352 32.44 -22.70 -3.75
C ASP D 352 33.43 -23.49 -2.96
N TYR D 353 34.70 -23.36 -3.30
CA TYR D 353 35.63 -24.27 -2.70
C TYR D 353 37.04 -23.68 -2.78
N ILE D 354 37.64 -23.42 -1.63
CA ILE D 354 39.01 -22.92 -1.69
C ILE D 354 39.77 -24.14 -1.18
N LYS D 355 40.69 -24.74 -1.92
CA LYS D 355 41.61 -25.75 -1.27
C LYS D 355 42.47 -25.06 -0.26
N LYS D 356 42.84 -25.83 0.75
CA LYS D 356 44.07 -25.52 1.49
C LYS D 356 45.18 -24.88 0.59
N ASP D 357 45.76 -23.73 1.03
CA ASP D 357 46.89 -23.04 0.39
C ASP D 357 47.43 -21.93 1.35
N ARG D 358 48.49 -22.34 2.03
CA ARG D 358 49.33 -21.69 3.07
C ARG D 358 50.09 -20.48 2.61
N SER D 359 50.21 -20.23 1.31
CA SER D 359 51.20 -19.27 0.90
C SER D 359 50.38 -18.02 0.73
N ARG D 360 49.08 -18.29 0.66
CA ARG D 360 48.04 -17.26 0.79
CA ARG D 360 48.06 -17.25 0.78
C ARG D 360 47.36 -17.24 2.19
N GLY D 361 47.86 -18.08 3.12
CA GLY D 361 47.36 -18.22 4.51
C GLY D 361 46.01 -18.95 4.61
N ILE D 362 45.78 -19.97 3.74
CA ILE D 362 44.54 -20.77 3.81
C ILE D 362 44.90 -22.03 4.56
N TYR D 363 44.52 -22.09 5.87
CA TYR D 363 45.04 -23.12 6.76
C TYR D 363 44.34 -24.46 6.40
N PHE D 364 43.16 -24.34 5.75
CA PHE D 364 42.16 -25.35 5.56
C PHE D 364 41.44 -25.15 4.31
N THR D 365 41.20 -26.32 3.76
CA THR D 365 40.33 -26.52 2.64
C THR D 365 38.89 -26.30 3.03
N GLN D 366 38.31 -25.17 2.60
CA GLN D 366 36.90 -24.75 2.84
C GLN D 366 35.84 -25.12 1.71
N ASP D 367 34.83 -25.92 2.08
CA ASP D 367 33.66 -26.11 1.19
C ASP D 367 32.49 -25.29 1.74
N TRP D 368 31.61 -24.82 0.86
CA TRP D 368 30.62 -23.77 1.22
C TRP D 368 29.30 -24.26 0.70
N VAL D 369 29.39 -25.38 0.05
CA VAL D 369 28.22 -26.11 -0.51
C VAL D 369 27.07 -25.16 -1.02
N SER D 370 27.30 -24.36 -2.07
CA SER D 370 26.28 -23.50 -2.72
C SER D 370 25.59 -22.37 -1.89
N LEU D 371 26.06 -22.07 -0.70
CA LEU D 371 25.91 -20.72 -0.26
C LEU D 371 26.40 -19.74 -1.35
N PRO D 372 25.64 -18.62 -1.55
CA PRO D 372 25.93 -17.59 -2.52
C PRO D 372 27.31 -17.06 -2.12
N GLY D 373 28.04 -16.45 -3.05
CA GLY D 373 29.30 -15.71 -2.73
C GLY D 373 28.99 -14.24 -2.44
N VAL D 374 30.00 -13.51 -1.97
CA VAL D 374 29.84 -12.16 -1.44
C VAL D 374 30.72 -11.32 -2.35
N ILE D 375 30.23 -10.18 -2.84
CA ILE D 375 31.08 -9.30 -3.67
C ILE D 375 32.05 -8.51 -2.75
N PRO D 376 33.36 -8.71 -2.92
CA PRO D 376 34.40 -7.87 -2.25
C PRO D 376 34.34 -6.35 -2.62
N VAL D 377 34.66 -5.47 -1.70
CA VAL D 377 34.72 -4.02 -1.98
C VAL D 377 36.08 -3.57 -1.65
N ALA D 378 36.67 -2.93 -2.70
CA ALA D 378 38.01 -2.33 -2.58
C ALA D 378 37.75 -0.83 -2.54
N SER D 379 38.37 -0.14 -1.59
CA SER D 379 38.03 1.20 -1.20
C SER D 379 39.11 1.62 -0.19
N GLY D 380 39.73 2.81 -0.34
CA GLY D 380 40.62 3.31 0.70
C GLY D 380 41.78 4.11 0.16
N GLY D 381 41.56 5.38 -0.06
CA GLY D 381 42.66 6.12 -0.72
C GLY D 381 43.04 5.72 -2.15
N ILE D 382 42.29 4.85 -2.85
CA ILE D 382 42.64 4.58 -4.29
C ILE D 382 42.26 5.66 -5.37
N HIS D 383 43.12 5.85 -6.38
CA HIS D 383 42.76 6.72 -7.51
C HIS D 383 42.76 6.12 -8.91
N VAL D 384 42.60 7.00 -9.89
CA VAL D 384 42.53 6.62 -11.29
C VAL D 384 43.76 5.84 -11.81
N TRP D 385 44.97 6.19 -11.38
CA TRP D 385 46.19 5.49 -11.77
C TRP D 385 46.27 4.06 -11.25
N HIS D 386 45.34 3.71 -10.37
CA HIS D 386 45.33 2.40 -9.73
C HIS D 386 44.40 1.46 -10.46
N MET D 387 43.84 1.93 -11.56
CA MET D 387 42.75 1.17 -12.17
C MET D 387 43.07 -0.11 -12.97
N PRO D 388 44.30 -0.24 -13.53
CA PRO D 388 44.71 -1.54 -14.07
C PRO D 388 45.11 -2.56 -13.02
N ALA D 389 45.67 -2.07 -11.90
CA ALA D 389 46.05 -2.93 -10.78
C ALA D 389 44.77 -3.64 -10.34
N LEU D 390 43.76 -2.81 -10.06
CA LEU D 390 42.55 -3.24 -9.42
C LEU D 390 41.77 -4.20 -10.30
N THR D 391 41.81 -3.99 -11.61
CA THR D 391 41.09 -4.91 -12.49
C THR D 391 41.84 -6.28 -12.60
N GLU D 392 43.13 -6.27 -12.34
CA GLU D 392 43.93 -7.46 -12.49
C GLU D 392 43.84 -8.26 -11.19
N ILE D 393 43.94 -7.56 -10.05
CA ILE D 393 43.90 -8.26 -8.77
C ILE D 393 42.56 -8.92 -8.45
N PHE D 394 41.47 -8.14 -8.53
CA PHE D 394 40.10 -8.63 -8.25
C PHE D 394 39.33 -9.22 -9.44
N GLY D 395 39.40 -8.56 -10.58
CA GLY D 395 38.66 -9.07 -11.71
C GLY D 395 37.32 -8.43 -11.58
N ASP D 396 36.35 -9.00 -12.24
CA ASP D 396 35.15 -8.24 -12.51
C ASP D 396 34.16 -8.24 -11.39
N ASP D 397 34.27 -9.29 -10.59
CA ASP D 397 33.44 -9.51 -9.41
C ASP D 397 34.02 -8.86 -8.16
N SER D 398 34.02 -7.54 -8.23
CA SER D 398 34.47 -6.69 -7.18
C SER D 398 33.79 -5.32 -7.42
N VAL D 399 33.80 -4.47 -6.41
CA VAL D 399 33.30 -3.15 -6.56
C VAL D 399 34.55 -2.34 -6.31
N LEU D 400 34.90 -1.47 -7.25
CA LEU D 400 36.00 -0.54 -7.03
C LEU D 400 35.37 0.80 -6.63
N GLN D 401 35.50 1.16 -5.35
CA GLN D 401 34.93 2.37 -4.76
C GLN D 401 35.89 3.57 -4.64
N PHE D 402 35.57 4.68 -5.33
CA PHE D 402 36.33 5.93 -5.15
C PHE D 402 35.61 7.08 -4.48
N GLY D 403 35.96 7.19 -3.19
CA GLY D 403 35.63 8.32 -2.37
C GLY D 403 36.41 9.58 -2.68
N GLY D 404 37.72 9.60 -2.45
CA GLY D 404 38.54 10.78 -2.81
C GLY D 404 38.53 10.99 -4.32
N GLY D 405 38.89 9.92 -5.02
CA GLY D 405 39.03 9.90 -6.47
C GLY D 405 37.84 10.36 -7.30
N THR D 406 36.73 10.68 -6.65
CA THR D 406 35.52 11.15 -7.32
C THR D 406 35.07 12.56 -6.89
N LEU D 407 35.08 12.86 -5.57
CA LEU D 407 34.78 14.23 -5.08
C LEU D 407 35.96 15.20 -5.05
N GLY D 408 37.17 14.66 -5.19
CA GLY D 408 38.40 15.47 -5.34
C GLY D 408 38.84 15.71 -6.78
N HIS D 409 38.09 15.22 -7.75
CA HIS D 409 38.28 15.58 -9.15
C HIS D 409 37.96 17.06 -9.26
N PRO D 410 38.75 17.81 -10.08
CA PRO D 410 38.67 19.27 -10.06
C PRO D 410 37.39 19.85 -10.64
N TRP D 411 36.77 19.15 -11.60
CA TRP D 411 35.49 19.59 -12.15
C TRP D 411 34.32 18.91 -11.48
N GLY D 412 34.62 18.25 -10.35
CA GLY D 412 33.59 17.78 -9.42
C GLY D 412 33.14 16.38 -9.74
N ASN D 413 31.93 16.09 -9.32
CA ASN D 413 31.38 14.72 -9.29
C ASN D 413 31.02 13.96 -10.58
N ALA D 414 30.00 14.38 -11.31
CA ALA D 414 29.74 13.79 -12.66
C ALA D 414 31.02 13.57 -13.49
N PRO D 415 31.96 14.54 -13.44
CA PRO D 415 33.21 14.36 -14.18
C PRO D 415 34.19 13.45 -13.46
N GLY D 416 34.06 13.40 -12.13
CA GLY D 416 34.78 12.43 -11.32
C GLY D 416 34.29 11.04 -11.68
N ALA D 417 32.97 10.87 -11.63
CA ALA D 417 32.31 9.63 -12.03
C ALA D 417 32.70 9.09 -13.41
N VAL D 418 32.73 9.97 -14.41
CA VAL D 418 33.03 9.58 -15.81
C VAL D 418 34.49 9.16 -15.99
N ALA D 419 35.39 10.04 -15.59
CA ALA D 419 36.79 9.77 -15.42
C ALA D 419 37.01 8.36 -14.96
N ASN D 420 36.45 8.06 -13.79
CA ASN D 420 36.57 6.77 -13.18
C ASN D 420 36.03 5.66 -14.00
N ARG D 421 34.86 5.87 -14.61
CA ARG D 421 34.25 4.81 -15.41
C ARG D 421 35.03 4.54 -16.71
N VAL D 422 35.50 5.60 -17.38
CA VAL D 422 36.19 5.45 -18.66
C VAL D 422 37.50 4.64 -18.52
N ALA D 423 38.38 5.02 -17.58
CA ALA D 423 39.63 4.28 -17.30
C ALA D 423 39.43 2.77 -17.02
N LEU D 424 38.42 2.47 -16.19
CA LEU D 424 38.06 1.09 -15.86
C LEU D 424 37.61 0.39 -17.12
N GLU D 425 36.79 1.06 -17.92
CA GLU D 425 36.40 0.48 -19.19
C GLU D 425 37.59 0.26 -20.10
N ALA D 426 38.60 1.12 -19.92
CA ALA D 426 39.81 1.14 -20.74
C ALA D 426 40.63 -0.09 -20.45
N CYS D 427 40.63 -0.45 -19.17
CA CYS D 427 41.30 -1.64 -18.71
C CYS D 427 40.60 -2.91 -19.17
N VAL D 428 39.27 -2.84 -19.21
CA VAL D 428 38.44 -3.98 -19.65
C VAL D 428 38.58 -4.20 -21.15
N GLN D 429 38.60 -3.13 -21.93
CA GLN D 429 38.78 -3.28 -23.37
C GLN D 429 40.19 -3.79 -23.62
N ALA D 430 41.19 -3.19 -22.98
CA ALA D 430 42.58 -3.64 -23.05
C ALA D 430 42.78 -5.14 -22.71
N ARG D 431 42.32 -5.54 -21.51
CA ARG D 431 42.41 -6.90 -20.99
C ARG D 431 41.75 -7.88 -21.92
N ASN D 432 40.52 -7.55 -22.30
CA ASN D 432 39.64 -8.34 -23.19
C ASN D 432 40.33 -8.56 -24.50
N GLU D 433 40.89 -7.47 -25.02
CA GLU D 433 41.66 -7.48 -26.27
C GLU D 433 42.98 -8.22 -26.07
N GLY D 434 43.32 -8.46 -24.80
CA GLY D 434 44.42 -9.37 -24.44
C GLY D 434 45.72 -8.71 -24.02
N ARG D 435 45.66 -7.42 -23.73
CA ARG D 435 46.81 -6.73 -23.21
C ARG D 435 47.03 -7.07 -21.74
N ASP D 436 48.30 -7.16 -21.36
CA ASP D 436 48.61 -7.54 -20.00
C ASP D 436 48.51 -6.32 -19.10
N LEU D 437 47.57 -6.41 -18.17
CA LEU D 437 47.10 -5.31 -17.37
C LEU D 437 48.12 -4.92 -16.30
N ALA D 438 48.92 -5.88 -15.88
CA ALA D 438 49.90 -5.71 -14.80
C ALA D 438 51.14 -4.90 -15.18
N ARG D 439 51.41 -4.72 -16.48
CA ARG D 439 52.64 -4.07 -16.99
C ARG D 439 52.42 -2.88 -17.96
N GLU D 440 51.32 -2.91 -18.71
CA GLU D 440 50.97 -1.89 -19.69
C GLU D 440 50.13 -0.80 -18.99
N GLY D 441 49.96 -0.95 -17.70
CA GLY D 441 49.06 -0.10 -16.91
C GLY D 441 49.29 1.40 -17.06
N ASN D 442 50.56 1.80 -17.17
CA ASN D 442 50.95 3.19 -17.35
C ASN D 442 50.50 3.71 -18.72
N ALA D 443 50.58 2.84 -19.73
CA ALA D 443 50.26 3.19 -21.13
C ALA D 443 48.77 3.29 -21.45
N ILE D 444 47.96 2.38 -20.87
CA ILE D 444 46.54 2.22 -21.23
C ILE D 444 45.75 3.51 -21.00
N ILE D 445 45.87 4.06 -19.79
CA ILE D 445 45.21 5.28 -19.35
C ILE D 445 45.55 6.47 -20.27
N ARG D 446 46.84 6.69 -20.51
CA ARG D 446 47.28 7.78 -21.43
C ARG D 446 46.50 7.65 -22.73
N GLU D 447 46.26 6.42 -23.16
CA GLU D 447 45.45 6.19 -24.35
C GLU D 447 43.99 6.63 -24.24
N ALA D 448 43.39 6.47 -23.06
CA ALA D 448 42.02 6.90 -22.85
C ALA D 448 41.97 8.36 -22.41
N CYS D 449 43.05 8.82 -21.79
CA CYS D 449 43.33 10.24 -21.55
C CYS D 449 43.17 11.10 -22.82
N LYS D 450 43.40 10.48 -23.98
CA LYS D 450 43.37 11.28 -25.19
C LYS D 450 41.94 11.51 -25.63
N TRP D 451 41.11 10.47 -25.50
CA TRP D 451 39.67 10.53 -25.79
C TRP D 451 38.86 11.07 -24.64
N SER D 452 39.28 10.79 -23.40
CA SER D 452 38.57 11.33 -22.25
C SER D 452 39.34 12.46 -21.58
N PRO D 453 38.83 13.68 -21.72
CA PRO D 453 39.40 14.86 -21.06
C PRO D 453 39.17 14.89 -19.54
N GLU D 454 38.01 14.38 -19.10
CA GLU D 454 37.72 14.21 -17.66
C GLU D 454 38.86 13.39 -17.06
N LEU D 455 39.04 12.19 -17.60
CA LEU D 455 40.15 11.33 -17.25
C LEU D 455 41.44 12.09 -16.94
N ALA D 456 41.83 12.98 -17.86
CA ALA D 456 43.15 13.58 -17.80
C ALA D 456 43.29 14.53 -16.64
N ALA D 457 42.21 15.25 -16.29
CA ALA D 457 42.28 16.24 -15.24
C ALA D 457 42.53 15.54 -13.91
N ALA D 458 41.92 14.36 -13.80
CA ALA D 458 42.21 13.44 -12.68
C ALA D 458 43.60 12.83 -12.82
N CYS D 459 44.08 12.63 -14.05
CA CYS D 459 45.41 12.08 -14.19
C CYS D 459 46.47 13.12 -13.87
N GLU D 460 46.03 14.38 -13.78
CA GLU D 460 46.94 15.51 -13.59
C GLU D 460 47.25 15.70 -12.11
N VAL D 461 46.20 15.61 -11.30
CA VAL D 461 46.32 15.92 -9.88
C VAL D 461 46.83 14.71 -9.08
N TRP D 462 46.36 13.52 -9.47
CA TRP D 462 46.73 12.26 -8.80
C TRP D 462 48.11 11.77 -9.16
N LYS D 463 48.81 12.49 -10.04
CA LYS D 463 50.11 12.10 -10.61
C LYS D 463 51.01 11.25 -9.70
N GLU D 464 51.49 11.87 -8.64
CA GLU D 464 52.66 11.44 -7.86
C GLU D 464 52.42 10.56 -6.63
N ILE D 465 51.18 10.50 -6.15
CA ILE D 465 50.78 9.82 -4.88
C ILE D 465 50.78 8.26 -4.90
N LYS D 466 51.56 7.67 -3.99
CA LYS D 466 51.50 6.22 -3.66
C LYS D 466 51.24 6.04 -2.16
N PHE D 467 50.84 4.84 -1.73
CA PHE D 467 50.69 4.59 -0.29
C PHE D 467 51.60 3.45 0.23
N GLU D 468 52.91 3.67 0.16
CA GLU D 468 53.91 2.62 0.46
C GLU D 468 54.57 2.64 1.85
N PHE D 469 54.18 1.65 2.65
CA PHE D 469 54.77 1.40 3.97
C PHE D 469 54.79 -0.11 4.21
N MET E 1 16.47 -21.53 -38.97
CA MET E 1 15.91 -21.12 -37.65
C MET E 1 15.31 -19.73 -37.79
N GLN E 2 14.02 -19.62 -37.48
CA GLN E 2 13.29 -18.38 -37.74
C GLN E 2 12.98 -17.64 -36.45
N VAL E 3 12.87 -16.31 -36.54
CA VAL E 3 12.62 -15.52 -35.35
C VAL E 3 11.19 -15.09 -35.38
N TRP E 4 10.47 -15.38 -34.31
CA TRP E 4 9.14 -14.87 -34.14
C TRP E 4 9.27 -13.43 -33.72
N PRO E 5 8.75 -12.47 -34.52
CA PRO E 5 8.77 -11.00 -34.22
C PRO E 5 8.29 -10.53 -32.84
N PRO E 6 9.06 -9.64 -32.19
CA PRO E 6 8.75 -9.06 -30.87
C PRO E 6 7.88 -7.80 -30.95
N ILE E 7 7.51 -7.41 -32.15
CA ILE E 7 6.53 -6.34 -32.25
C ILE E 7 5.49 -6.78 -33.27
N GLY E 8 4.43 -5.99 -33.43
CA GLY E 8 3.54 -6.17 -34.60
C GLY E 8 2.80 -7.49 -34.68
N LYS E 9 2.81 -8.25 -33.57
CA LYS E 9 2.12 -9.56 -33.46
C LYS E 9 0.92 -9.58 -32.41
N LYS E 10 0.31 -8.43 -32.19
CA LYS E 10 -0.87 -8.29 -31.31
C LYS E 10 -2.00 -9.29 -31.58
N LYS E 11 -2.40 -10.04 -30.56
CA LYS E 11 -3.37 -11.16 -30.78
C LYS E 11 -4.79 -10.99 -30.13
N PHE E 12 -5.73 -11.90 -30.39
CA PHE E 12 -7.15 -11.63 -30.03
C PHE E 12 -7.91 -12.82 -29.49
N GLU E 13 -7.16 -13.70 -28.83
CA GLU E 13 -7.66 -14.98 -28.36
C GLU E 13 -8.13 -15.91 -29.49
N THR E 14 -9.16 -16.70 -29.22
CA THR E 14 -9.30 -17.92 -30.00
C THR E 14 -9.30 -17.61 -31.48
N LEU E 15 -8.40 -18.30 -32.20
CA LEU E 15 -8.36 -18.36 -33.67
C LEU E 15 -7.31 -17.44 -34.23
N SER E 16 -7.08 -16.30 -33.56
CA SER E 16 -6.08 -15.27 -33.89
C SER E 16 -4.69 -15.70 -34.36
N TYR E 17 -4.36 -16.98 -34.30
CA TYR E 17 -3.05 -17.46 -34.80
C TYR E 17 -3.18 -18.14 -36.14
N LEU E 18 -4.42 -18.36 -36.53
CA LEU E 18 -4.80 -18.94 -37.81
C LEU E 18 -4.87 -17.88 -38.90
N PRO E 19 -4.88 -18.30 -40.19
CA PRO E 19 -5.16 -17.24 -41.18
C PRO E 19 -6.59 -16.63 -41.04
N PRO E 20 -6.79 -15.33 -41.44
CA PRO E 20 -8.11 -14.76 -41.20
C PRO E 20 -9.10 -15.63 -41.91
N LEU E 21 -10.25 -15.88 -41.29
CA LEU E 21 -11.22 -16.77 -41.89
C LEU E 21 -12.08 -15.98 -42.90
N THR E 22 -12.45 -16.68 -43.98
CA THR E 22 -13.40 -16.21 -44.97
C THR E 22 -14.78 -16.30 -44.35
N ARG E 23 -15.76 -15.67 -44.99
CA ARG E 23 -17.14 -15.53 -44.47
C ARG E 23 -17.84 -16.88 -44.35
N ASP E 24 -17.53 -17.73 -45.34
CA ASP E 24 -17.70 -19.18 -45.33
C ASP E 24 -17.23 -19.85 -44.04
N GLN E 25 -16.10 -19.41 -43.51
CA GLN E 25 -15.66 -19.93 -42.20
C GLN E 25 -16.34 -19.18 -41.04
N LEU E 26 -16.55 -17.86 -41.21
CA LEU E 26 -17.18 -16.98 -40.21
C LEU E 26 -18.62 -17.46 -39.99
N LEU E 27 -19.36 -17.68 -41.07
CA LEU E 27 -20.68 -18.33 -40.93
C LEU E 27 -20.56 -19.73 -40.35
N LYS E 28 -19.42 -20.43 -40.60
CA LYS E 28 -19.24 -21.78 -40.09
C LYS E 28 -19.08 -21.85 -38.54
N GLU E 29 -18.27 -20.96 -37.96
CA GLU E 29 -18.23 -20.72 -36.51
C GLU E 29 -19.58 -20.35 -35.87
N VAL E 30 -20.34 -19.41 -36.45
CA VAL E 30 -21.72 -19.19 -36.05
C VAL E 30 -22.63 -20.44 -36.05
N GLU E 31 -22.61 -21.19 -37.15
CA GLU E 31 -23.36 -22.43 -37.23
C GLU E 31 -23.01 -23.38 -36.07
N TYR E 32 -21.72 -23.49 -35.71
CA TYR E 32 -21.33 -24.39 -34.62
C TYR E 32 -21.94 -23.88 -33.33
N LEU E 33 -21.78 -22.58 -33.11
CA LEU E 33 -22.31 -21.87 -31.98
C LEU E 33 -23.82 -22.12 -31.84
N LEU E 34 -24.59 -21.98 -32.92
CA LEU E 34 -26.05 -22.21 -32.84
C LEU E 34 -26.41 -23.67 -32.70
N ARG E 35 -25.57 -24.53 -33.27
CA ARG E 35 -25.83 -25.97 -33.30
C ARG E 35 -25.72 -26.59 -31.90
N LYS E 36 -24.99 -25.94 -31.01
CA LYS E 36 -24.85 -26.45 -29.64
C LYS E 36 -25.67 -25.64 -28.66
N GLY E 37 -26.67 -24.94 -29.20
CA GLY E 37 -27.68 -24.25 -28.39
C GLY E 37 -27.24 -23.01 -27.63
N TRP E 38 -26.01 -22.56 -27.89
CA TRP E 38 -25.53 -21.25 -27.44
C TRP E 38 -26.20 -20.09 -28.14
N VAL E 39 -25.93 -18.86 -27.69
CA VAL E 39 -26.68 -17.67 -28.11
C VAL E 39 -25.71 -16.56 -28.42
N PRO E 40 -25.72 -16.10 -29.69
CA PRO E 40 -24.70 -15.21 -30.23
C PRO E 40 -24.92 -13.74 -29.85
N CYS E 41 -23.84 -12.99 -29.65
CA CYS E 41 -23.92 -11.56 -29.33
C CYS E 41 -22.64 -10.92 -29.82
N LEU E 42 -22.74 -9.67 -30.27
CA LEU E 42 -21.59 -8.96 -30.79
CA LEU E 42 -21.59 -8.95 -30.80
C LEU E 42 -21.17 -7.84 -29.88
N GLU E 43 -19.86 -7.77 -29.64
CA GLU E 43 -19.21 -6.77 -28.79
C GLU E 43 -18.25 -6.02 -29.67
N PHE E 44 -17.79 -4.86 -29.23
CA PHE E 44 -16.89 -3.94 -30.01
C PHE E 44 -16.28 -2.88 -29.14
N GLU E 45 -15.23 -2.22 -29.62
CA GLU E 45 -14.38 -1.33 -28.83
C GLU E 45 -13.63 -0.41 -29.79
N LEU E 46 -13.32 0.80 -29.32
CA LEU E 46 -12.89 1.90 -30.16
CA LEU E 46 -12.80 1.83 -30.20
C LEU E 46 -11.63 2.59 -29.64
N LYS E 47 -11.35 2.45 -28.36
CA LYS E 47 -10.25 3.21 -27.75
C LYS E 47 -8.98 2.38 -27.55
N LYS E 48 -9.17 1.10 -27.22
CA LYS E 48 -8.34 0.36 -26.27
C LYS E 48 -8.72 -1.09 -26.44
N GLY E 49 -8.34 -1.70 -27.55
CA GLY E 49 -8.71 -3.08 -27.87
C GLY E 49 -7.67 -4.08 -27.39
N PHE E 50 -6.85 -3.64 -26.43
CA PHE E 50 -6.12 -4.56 -25.54
C PHE E 50 -6.22 -4.30 -24.04
N VAL E 51 -5.91 -5.37 -23.26
CA VAL E 51 -5.88 -5.32 -21.81
C VAL E 51 -4.70 -4.52 -21.28
N TYR E 52 -4.95 -3.66 -20.28
CA TYR E 52 -3.85 -2.97 -19.56
C TYR E 52 -4.33 -3.04 -18.08
N ARG E 53 -3.61 -2.34 -17.21
CA ARG E 53 -4.12 -2.07 -15.89
C ARG E 53 -3.84 -0.70 -15.37
N GLU E 54 -4.87 0.16 -15.45
CA GLU E 54 -4.87 1.52 -14.85
C GLU E 54 -5.52 1.81 -13.50
N HIS E 55 -6.65 1.19 -13.23
CA HIS E 55 -7.55 1.64 -12.12
C HIS E 55 -7.43 0.78 -10.87
N ASN E 56 -6.72 -0.35 -10.96
CA ASN E 56 -6.17 -1.05 -9.79
C ASN E 56 -5.28 -2.14 -10.38
N LYS E 57 -4.65 -2.96 -9.55
CA LYS E 57 -3.58 -3.81 -10.11
C LYS E 57 -3.53 -5.16 -9.34
N SER E 58 -4.49 -5.43 -8.51
CA SER E 58 -4.35 -6.57 -7.63
C SER E 58 -4.62 -7.85 -8.40
N PRO E 59 -4.17 -9.02 -7.85
CA PRO E 59 -4.36 -10.30 -8.48
C PRO E 59 -5.71 -10.40 -9.06
N GLY E 60 -5.80 -10.57 -10.37
CA GLY E 60 -7.04 -11.11 -10.87
C GLY E 60 -7.72 -9.94 -11.53
N TYR E 61 -7.14 -8.75 -11.32
CA TYR E 61 -7.74 -7.53 -11.86
C TYR E 61 -7.02 -7.05 -13.12
N TYR E 62 -7.82 -6.79 -14.16
CA TYR E 62 -7.39 -6.18 -15.44
C TYR E 62 -8.45 -5.20 -16.03
N ASP E 63 -8.01 -4.21 -16.78
CA ASP E 63 -9.00 -3.34 -17.46
C ASP E 63 -8.96 -3.75 -18.94
N GLY E 64 -10.03 -3.50 -19.70
CA GLY E 64 -10.10 -3.78 -21.13
C GLY E 64 -10.74 -5.01 -21.59
N ARG E 65 -11.42 -5.61 -20.63
CA ARG E 65 -11.82 -7.02 -20.72
C ARG E 65 -13.26 -6.92 -21.29
N TYR E 66 -14.01 -5.92 -20.78
CA TYR E 66 -15.35 -5.56 -21.27
C TYR E 66 -15.27 -4.71 -22.53
N TRP E 67 -16.03 -5.07 -23.55
CA TRP E 67 -16.16 -4.10 -24.60
C TRP E 67 -17.58 -3.61 -24.48
N THR E 68 -18.01 -2.97 -25.54
CA THR E 68 -19.32 -2.44 -25.53
C THR E 68 -20.26 -3.49 -26.18
N MET E 69 -21.52 -3.48 -25.77
CA MET E 69 -22.49 -4.44 -26.23
C MET E 69 -23.13 -3.92 -27.49
N TRP E 70 -23.23 -4.81 -28.48
CA TRP E 70 -23.90 -4.46 -29.69
C TRP E 70 -25.26 -4.97 -29.50
N LYS E 71 -26.19 -4.06 -29.19
CA LYS E 71 -27.63 -4.34 -29.01
C LYS E 71 -27.97 -5.31 -27.88
N LEU E 72 -28.10 -6.57 -28.23
CA LEU E 72 -28.55 -7.54 -27.28
C LEU E 72 -28.12 -8.91 -27.79
N PRO E 73 -27.86 -9.82 -26.86
CA PRO E 73 -27.67 -11.19 -27.31
C PRO E 73 -28.87 -11.59 -28.18
N MET E 74 -28.61 -12.37 -29.24
CA MET E 74 -29.69 -12.79 -30.18
C MET E 74 -30.48 -14.03 -29.74
N PHE E 75 -31.24 -13.92 -28.65
CA PHE E 75 -32.23 -14.93 -28.25
C PHE E 75 -33.24 -15.25 -29.39
N GLY E 76 -33.59 -16.52 -29.56
CA GLY E 76 -34.48 -16.91 -30.67
C GLY E 76 -33.95 -16.82 -32.11
N THR E 77 -32.67 -16.50 -32.31
CA THR E 77 -32.02 -16.70 -33.62
C THR E 77 -31.87 -18.19 -33.99
N THR E 78 -32.15 -18.55 -35.26
CA THR E 78 -32.01 -19.96 -35.72
C THR E 78 -31.08 -20.12 -36.94
N ASP E 79 -30.98 -19.07 -37.76
CA ASP E 79 -30.33 -19.13 -39.09
C ASP E 79 -29.11 -18.21 -39.15
N PRO E 80 -27.89 -18.80 -39.17
CA PRO E 80 -26.56 -18.16 -38.97
C PRO E 80 -26.28 -16.89 -39.81
N ALA E 81 -26.94 -16.81 -40.97
CA ALA E 81 -27.34 -15.56 -41.66
C ALA E 81 -27.41 -14.36 -40.74
N GLN E 82 -28.38 -14.40 -39.82
CA GLN E 82 -28.79 -13.25 -38.98
C GLN E 82 -27.67 -12.62 -38.12
N VAL E 83 -26.69 -13.45 -37.77
CA VAL E 83 -25.44 -13.02 -37.10
C VAL E 83 -24.57 -12.09 -37.98
N LEU E 84 -24.43 -12.44 -39.24
CA LEU E 84 -23.58 -11.70 -40.16
C LEU E 84 -24.14 -10.34 -40.48
N LYS E 85 -25.47 -10.30 -40.62
CA LYS E 85 -26.29 -9.12 -40.83
C LYS E 85 -25.95 -8.00 -39.83
N GLU E 86 -26.00 -8.35 -38.54
CA GLU E 86 -25.59 -7.52 -37.45
C GLU E 86 -24.10 -7.22 -37.46
N LEU E 87 -23.27 -8.18 -37.88
CA LEU E 87 -21.81 -7.98 -37.95
C LEU E 87 -21.43 -6.92 -38.95
N ASP E 88 -22.06 -7.00 -40.12
CA ASP E 88 -21.78 -6.04 -41.23
C ASP E 88 -22.14 -4.66 -40.74
N GLU E 89 -23.19 -4.64 -39.93
CA GLU E 89 -23.91 -3.47 -39.50
C GLU E 89 -23.06 -2.61 -38.59
N VAL E 90 -22.43 -3.24 -37.60
CA VAL E 90 -21.51 -2.58 -36.66
C VAL E 90 -20.34 -2.04 -37.45
N LYS E 91 -19.89 -2.80 -38.45
CA LYS E 91 -18.81 -2.35 -39.37
C LYS E 91 -19.13 -1.02 -40.08
N LYS E 92 -20.39 -0.87 -40.51
CA LYS E 92 -20.87 0.39 -41.12
C LYS E 92 -21.00 1.54 -40.10
N GLU E 93 -21.27 1.23 -38.85
CA GLU E 93 -21.39 2.32 -37.89
C GLU E 93 -20.01 2.77 -37.39
N TYR E 94 -19.08 1.81 -37.42
CA TYR E 94 -17.77 1.96 -36.84
C TYR E 94 -16.79 1.10 -37.64
N PRO E 95 -16.41 1.55 -38.83
CA PRO E 95 -15.40 0.81 -39.62
C PRO E 95 -14.10 0.58 -38.86
N ARG E 96 -13.77 1.53 -38.01
CA ARG E 96 -12.53 1.48 -37.27
C ARG E 96 -12.67 1.02 -35.79
N ALA E 97 -13.62 0.13 -35.56
CA ALA E 97 -13.77 -0.59 -34.29
C ALA E 97 -13.21 -2.00 -34.40
N PHE E 98 -12.98 -2.61 -33.23
CA PHE E 98 -12.70 -4.05 -33.07
C PHE E 98 -14.03 -4.70 -32.72
N VAL E 99 -14.37 -5.80 -33.38
CA VAL E 99 -15.66 -6.52 -33.20
C VAL E 99 -15.45 -8.05 -32.95
N ARG E 100 -16.07 -8.58 -31.86
CA ARG E 100 -16.04 -10.02 -31.44
C ARG E 100 -17.43 -10.69 -31.61
N VAL E 101 -17.49 -11.92 -32.15
CA VAL E 101 -18.71 -12.75 -32.07
C VAL E 101 -18.69 -13.83 -30.93
N ILE E 102 -19.57 -13.67 -29.94
CA ILE E 102 -19.46 -14.33 -28.65
C ILE E 102 -20.72 -15.17 -28.47
N GLY E 103 -20.59 -16.41 -28.00
CA GLY E 103 -21.76 -17.26 -27.82
C GLY E 103 -22.03 -17.64 -26.37
N PHE E 104 -23.20 -17.26 -25.88
CA PHE E 104 -23.64 -17.54 -24.49
C PHE E 104 -24.22 -18.93 -24.29
N ASN E 105 -23.68 -19.65 -23.29
CA ASN E 105 -24.31 -20.80 -22.70
C ASN E 105 -25.15 -20.23 -21.54
N ASN E 106 -26.35 -20.74 -21.30
CA ASN E 106 -27.14 -20.07 -20.24
C ASN E 106 -27.17 -20.89 -18.94
N VAL E 107 -26.98 -22.21 -19.10
CA VAL E 107 -26.89 -23.20 -18.01
C VAL E 107 -25.55 -23.06 -17.27
N ARG E 108 -24.43 -23.32 -17.96
CA ARG E 108 -23.11 -23.06 -17.38
C ARG E 108 -22.88 -21.55 -17.08
N GLN E 109 -23.66 -20.71 -17.76
CA GLN E 109 -23.52 -19.25 -17.74
C GLN E 109 -22.07 -18.71 -17.90
N VAL E 110 -21.28 -19.32 -18.80
CA VAL E 110 -20.03 -18.70 -19.31
C VAL E 110 -20.04 -18.66 -20.85
N GLN E 111 -19.22 -17.80 -21.46
CA GLN E 111 -19.06 -17.71 -22.93
C GLN E 111 -18.31 -18.93 -23.46
N CYS E 112 -18.98 -19.70 -24.30
CA CYS E 112 -18.52 -21.01 -24.77
C CYS E 112 -17.63 -20.93 -26.03
N ILE E 113 -17.52 -19.72 -26.57
CA ILE E 113 -16.78 -19.38 -27.79
C ILE E 113 -16.75 -17.83 -27.88
N SER E 114 -15.71 -17.30 -28.51
CA SER E 114 -15.38 -15.85 -28.60
C SER E 114 -14.21 -15.68 -29.58
N PHE E 115 -14.51 -15.24 -30.81
CA PHE E 115 -13.51 -15.04 -31.86
C PHE E 115 -13.74 -13.72 -32.58
N ILE E 116 -12.64 -13.03 -32.86
CA ILE E 116 -12.62 -11.67 -33.42
C ILE E 116 -13.20 -11.66 -34.85
N ALA E 117 -13.95 -10.63 -35.22
CA ALA E 117 -14.67 -10.71 -36.50
C ALA E 117 -14.37 -9.53 -37.44
N HIS E 118 -13.63 -8.53 -36.93
CA HIS E 118 -13.23 -7.33 -37.67
C HIS E 118 -12.18 -6.54 -36.89
N THR E 119 -11.15 -6.08 -37.59
CA THR E 119 -10.16 -5.12 -37.04
C THR E 119 -10.37 -3.81 -37.78
N PRO E 120 -9.85 -2.69 -37.25
CA PRO E 120 -9.87 -1.48 -38.06
C PRO E 120 -8.95 -1.58 -39.30
N GLU E 121 -7.72 -1.08 -39.17
CA GLU E 121 -6.73 -1.03 -40.26
C GLU E 121 -5.33 -0.79 -39.69
N SER E 122 -5.19 0.26 -38.87
CA SER E 122 -3.88 0.74 -38.43
C SER E 122 -3.67 0.80 -36.89
N TYR E 123 -2.43 0.63 -36.42
CA TYR E 123 -2.09 0.62 -34.96
C TYR E 123 -0.61 0.78 -34.46
N MET F 1 -33.70 -0.67 -33.22
CA MET F 1 -32.78 -0.81 -32.06
C MET F 1 -31.50 0.04 -32.12
N GLN F 2 -31.47 1.21 -31.45
CA GLN F 2 -30.31 2.14 -31.57
C GLN F 2 -29.14 1.94 -30.61
N VAL F 3 -27.99 1.61 -31.18
CA VAL F 3 -26.73 1.55 -30.40
C VAL F 3 -26.27 2.94 -30.06
N TRP F 4 -26.11 3.09 -28.76
CA TRP F 4 -25.67 4.30 -28.12
C TRP F 4 -24.21 4.28 -28.31
N PRO F 5 -23.64 5.45 -28.68
CA PRO F 5 -22.21 5.67 -28.85
C PRO F 5 -21.43 5.43 -27.55
N PRO F 6 -20.22 4.81 -27.65
CA PRO F 6 -19.32 4.66 -26.54
C PRO F 6 -18.21 5.71 -26.55
N ILE F 7 -18.07 6.48 -27.65
CA ILE F 7 -17.33 7.77 -27.63
C ILE F 7 -18.09 8.99 -28.24
N GLY F 8 -17.51 10.15 -28.08
CA GLY F 8 -18.13 11.36 -28.54
C GLY F 8 -19.35 11.75 -27.73
N LYS F 9 -19.57 11.10 -26.58
CA LYS F 9 -20.81 11.36 -25.82
C LYS F 9 -20.50 11.68 -24.35
N LYS F 10 -19.43 12.44 -24.12
CA LYS F 10 -19.05 12.83 -22.79
C LYS F 10 -20.12 13.78 -22.22
N LYS F 11 -20.33 13.71 -20.90
CA LYS F 11 -21.43 14.42 -20.29
C LYS F 11 -21.02 15.43 -19.20
N PHE F 12 -21.96 16.24 -18.74
CA PHE F 12 -21.59 17.31 -17.80
C PHE F 12 -22.44 17.43 -16.58
N GLU F 13 -23.14 16.32 -16.28
CA GLU F 13 -24.04 16.26 -15.14
C GLU F 13 -25.34 17.00 -15.48
N THR F 14 -26.08 17.47 -14.48
CA THR F 14 -27.51 17.94 -14.60
C THR F 14 -27.83 18.85 -15.78
N LEU F 15 -28.50 18.29 -16.78
CA LEU F 15 -29.04 18.97 -18.01
C LEU F 15 -28.34 18.56 -19.32
N SER F 16 -27.20 17.90 -19.20
CA SER F 16 -26.44 17.56 -20.38
C SER F 16 -27.02 16.39 -21.16
N TYR F 17 -28.19 15.86 -20.79
CA TYR F 17 -28.76 14.80 -21.63
C TYR F 17 -29.82 15.29 -22.59
N LEU F 18 -30.24 16.56 -22.36
CA LEU F 18 -31.18 17.32 -23.23
C LEU F 18 -30.42 18.04 -24.36
N PRO F 19 -31.13 18.68 -25.32
CA PRO F 19 -30.31 19.52 -26.24
C PRO F 19 -29.64 20.71 -25.53
N PRO F 20 -28.51 21.23 -26.09
CA PRO F 20 -27.85 22.29 -25.35
C PRO F 20 -28.78 23.47 -25.11
N LEU F 21 -28.45 24.18 -24.05
CA LEU F 21 -29.42 25.07 -23.48
C LEU F 21 -29.28 26.34 -24.26
N THR F 22 -30.44 26.81 -24.71
CA THR F 22 -30.58 28.10 -25.40
C THR F 22 -30.50 29.22 -24.38
N ARG F 23 -30.44 30.45 -24.87
CA ARG F 23 -30.20 31.60 -24.01
C ARG F 23 -31.48 31.94 -23.24
N ASP F 24 -32.64 31.57 -23.78
CA ASP F 24 -33.94 31.61 -23.06
C ASP F 24 -33.96 30.62 -21.89
N GLN F 25 -33.36 29.44 -22.10
CA GLN F 25 -33.15 28.43 -21.09
C GLN F 25 -31.98 28.74 -20.14
N LEU F 26 -30.84 29.19 -20.63
CA LEU F 26 -29.75 29.53 -19.67
C LEU F 26 -30.17 30.66 -18.76
N LEU F 27 -31.07 31.54 -19.24
CA LEU F 27 -31.77 32.55 -18.42
C LEU F 27 -32.72 31.88 -17.43
N LYS F 28 -33.58 30.99 -17.94
CA LYS F 28 -34.65 30.41 -17.11
C LYS F 28 -34.15 29.59 -15.89
N GLU F 29 -33.00 28.95 -16.03
CA GLU F 29 -32.34 28.27 -14.91
C GLU F 29 -31.83 29.27 -13.88
N VAL F 30 -31.16 30.33 -14.38
CA VAL F 30 -30.67 31.43 -13.54
C VAL F 30 -31.80 32.07 -12.69
N GLU F 31 -32.98 32.30 -13.30
CA GLU F 31 -34.15 32.81 -12.56
C GLU F 31 -34.57 31.91 -11.39
N TYR F 32 -34.71 30.62 -11.67
CA TYR F 32 -35.04 29.62 -10.66
C TYR F 32 -34.12 29.67 -9.45
N LEU F 33 -32.80 29.63 -9.69
CA LEU F 33 -31.76 29.82 -8.68
C LEU F 33 -32.03 31.02 -7.76
N LEU F 34 -32.22 32.17 -8.38
CA LEU F 34 -32.64 33.43 -7.75
C LEU F 34 -34.04 33.38 -7.12
N ARG F 35 -35.04 32.77 -7.78
CA ARG F 35 -36.39 32.57 -7.21
C ARG F 35 -36.38 31.67 -5.94
N LYS F 36 -35.45 30.72 -5.92
CA LYS F 36 -35.25 29.84 -4.76
C LYS F 36 -34.43 30.46 -3.64
N GLY F 37 -33.67 31.51 -3.94
CA GLY F 37 -32.78 32.13 -2.92
C GLY F 37 -31.33 31.67 -2.87
N TRP F 38 -30.90 31.02 -3.94
CA TRP F 38 -29.54 30.63 -3.97
C TRP F 38 -28.71 31.84 -4.38
N VAL F 39 -27.39 31.77 -4.17
CA VAL F 39 -26.43 32.74 -4.74
C VAL F 39 -25.75 32.14 -6.00
N PRO F 40 -25.68 32.90 -7.11
CA PRO F 40 -25.14 32.21 -8.29
C PRO F 40 -23.62 32.37 -8.33
N CYS F 41 -22.89 31.36 -8.78
CA CYS F 41 -21.43 31.47 -8.93
C CYS F 41 -20.96 30.76 -10.24
N LEU F 42 -20.14 31.42 -11.05
CA LEU F 42 -19.55 30.89 -12.27
C LEU F 42 -18.10 30.37 -12.08
N GLU F 43 -17.80 29.24 -12.69
CA GLU F 43 -16.51 28.60 -12.53
C GLU F 43 -16.02 28.20 -13.91
N PHE F 44 -14.72 27.98 -14.08
CA PHE F 44 -14.23 27.51 -15.39
C PHE F 44 -12.99 26.66 -15.39
N GLU F 45 -12.89 25.82 -16.42
CA GLU F 45 -11.71 24.97 -16.68
C GLU F 45 -11.17 25.06 -18.15
N LEU F 46 -9.87 25.37 -18.27
CA LEU F 46 -9.09 25.28 -19.51
C LEU F 46 -8.31 23.93 -19.84
N LYS F 47 -8.22 22.94 -18.94
CA LYS F 47 -7.31 21.73 -19.14
C LYS F 47 -7.95 20.34 -19.35
N LYS F 48 -8.25 19.67 -18.23
CA LYS F 48 -8.93 18.37 -18.22
C LYS F 48 -10.36 18.62 -17.83
N GLY F 49 -11.29 18.34 -18.73
CA GLY F 49 -12.67 18.85 -18.56
C GLY F 49 -13.55 17.89 -17.83
N PHE F 50 -13.07 16.64 -17.72
CA PHE F 50 -13.76 15.61 -16.93
C PHE F 50 -12.88 15.13 -15.72
N VAL F 51 -13.42 14.13 -15.01
CA VAL F 51 -12.86 13.64 -13.75
CA VAL F 51 -12.84 13.65 -13.75
C VAL F 51 -11.72 12.63 -14.01
N TYR F 52 -10.65 12.74 -13.24
CA TYR F 52 -9.58 11.75 -13.26
C TYR F 52 -8.98 11.60 -11.83
N ARG F 53 -8.09 10.65 -11.70
CA ARG F 53 -7.37 10.48 -10.44
C ARG F 53 -5.85 10.31 -10.71
N GLU F 54 -5.10 11.41 -10.53
CA GLU F 54 -3.66 11.45 -10.79
C GLU F 54 -2.98 11.23 -9.43
N HIS F 55 -3.28 12.10 -8.47
CA HIS F 55 -2.53 12.12 -7.16
C HIS F 55 -2.85 11.23 -5.99
N ASN F 56 -4.01 10.63 -5.99
CA ASN F 56 -4.28 9.69 -4.95
C ASN F 56 -5.30 8.85 -5.62
N LYS F 57 -5.78 7.77 -5.00
CA LYS F 57 -6.96 7.03 -5.53
C LYS F 57 -7.90 6.37 -4.46
N SER F 58 -7.80 6.79 -3.21
CA SER F 58 -8.59 6.08 -2.16
C SER F 58 -10.12 6.44 -2.34
N PRO F 59 -11.04 5.78 -1.58
CA PRO F 59 -12.47 5.84 -1.97
C PRO F 59 -13.01 7.25 -1.78
N GLY F 60 -13.72 7.74 -2.80
CA GLY F 60 -14.29 9.11 -2.76
C GLY F 60 -13.27 10.19 -2.80
N TYR F 61 -12.01 9.83 -3.09
CA TYR F 61 -11.08 10.86 -3.46
C TYR F 61 -11.03 11.06 -4.98
N TYR F 62 -11.45 12.20 -5.53
CA TYR F 62 -11.23 12.38 -6.97
C TYR F 62 -10.52 13.64 -7.25
N ASP F 63 -10.07 13.73 -8.51
CA ASP F 63 -9.30 14.88 -9.02
C ASP F 63 -10.11 15.52 -10.15
N GLY F 64 -9.73 16.72 -10.54
CA GLY F 64 -10.48 17.42 -11.60
C GLY F 64 -11.86 17.81 -11.11
N ARG F 65 -12.13 17.68 -9.81
CA ARG F 65 -13.45 17.99 -9.26
CA ARG F 65 -13.45 18.00 -9.28
C ARG F 65 -13.62 19.48 -9.15
N TYR F 66 -12.56 20.19 -8.86
CA TYR F 66 -12.52 21.63 -8.73
C TYR F 66 -12.30 22.30 -10.08
N TRP F 67 -12.91 23.47 -10.29
CA TRP F 67 -12.44 24.27 -11.36
C TRP F 67 -11.98 25.49 -10.70
N THR F 68 -11.66 26.51 -11.52
CA THR F 68 -11.16 27.82 -11.08
C THR F 68 -12.43 28.70 -10.93
N MET F 69 -12.34 29.71 -10.09
CA MET F 69 -13.49 30.45 -9.78
C MET F 69 -13.44 31.72 -10.61
N TRP F 70 -14.60 32.08 -11.13
CA TRP F 70 -14.72 33.34 -11.79
C TRP F 70 -15.12 34.30 -10.73
N LYS F 71 -14.22 35.22 -10.43
CA LYS F 71 -14.44 36.31 -9.47
C LYS F 71 -14.97 35.95 -8.04
N LEU F 72 -16.16 36.43 -7.72
CA LEU F 72 -16.78 36.16 -6.46
C LEU F 72 -18.16 35.65 -6.74
N PRO F 73 -18.68 34.80 -5.86
CA PRO F 73 -20.09 34.45 -6.01
C PRO F 73 -20.92 35.71 -5.90
N MET F 74 -22.13 35.65 -6.46
CA MET F 74 -22.82 36.89 -6.68
C MET F 74 -23.75 37.35 -5.57
N PHE F 75 -23.18 37.61 -4.41
CA PHE F 75 -23.99 38.19 -3.33
C PHE F 75 -24.29 39.56 -3.82
N GLY F 76 -25.51 40.00 -3.61
CA GLY F 76 -25.98 41.30 -4.07
C GLY F 76 -27.05 41.10 -5.14
N THR F 77 -26.87 40.07 -5.94
CA THR F 77 -27.50 39.99 -7.26
C THR F 77 -28.98 39.58 -7.25
N THR F 78 -29.81 40.38 -7.92
CA THR F 78 -31.25 40.12 -8.08
C THR F 78 -31.66 39.76 -9.54
N ASP F 79 -31.08 40.45 -10.52
CA ASP F 79 -31.30 40.14 -11.94
C ASP F 79 -30.52 38.94 -12.46
N PRO F 80 -31.20 38.05 -13.24
CA PRO F 80 -30.52 36.98 -13.99
C PRO F 80 -29.67 37.51 -15.16
N ALA F 81 -30.00 38.71 -15.64
CA ALA F 81 -29.22 39.37 -16.69
C ALA F 81 -27.73 39.41 -16.31
N GLN F 82 -27.44 39.88 -15.10
CA GLN F 82 -26.10 40.15 -14.69
C GLN F 82 -25.22 38.92 -14.59
N VAL F 83 -25.83 37.74 -14.58
CA VAL F 83 -25.11 36.46 -14.52
C VAL F 83 -24.56 36.09 -15.90
N LEU F 84 -25.44 36.12 -16.90
CA LEU F 84 -25.08 35.69 -18.25
C LEU F 84 -24.09 36.69 -18.81
N LYS F 85 -24.33 37.97 -18.50
CA LYS F 85 -23.30 39.04 -18.56
C LYS F 85 -21.88 38.56 -18.19
N GLU F 86 -21.74 37.79 -17.10
CA GLU F 86 -20.41 37.29 -16.66
C GLU F 86 -19.98 36.13 -17.47
N LEU F 87 -20.96 35.31 -17.85
CA LEU F 87 -20.78 34.18 -18.75
C LEU F 87 -20.25 34.69 -20.10
N ASP F 88 -20.80 35.81 -20.59
CA ASP F 88 -20.36 36.44 -21.85
C ASP F 88 -18.89 36.80 -21.70
N GLU F 89 -18.55 37.44 -20.57
CA GLU F 89 -17.18 37.90 -20.33
C GLU F 89 -16.17 36.75 -20.16
N VAL F 90 -16.55 35.73 -19.39
CA VAL F 90 -15.65 34.56 -19.24
C VAL F 90 -15.41 33.76 -20.54
N LYS F 91 -16.42 33.64 -21.44
CA LYS F 91 -16.23 33.05 -22.80
C LYS F 91 -15.27 33.91 -23.60
N LYS F 92 -15.61 35.21 -23.57
CA LYS F 92 -14.89 36.27 -24.29
C LYS F 92 -13.40 36.38 -23.87
N GLU F 93 -13.01 35.90 -22.68
CA GLU F 93 -11.57 35.70 -22.44
C GLU F 93 -11.03 34.25 -22.48
N TYR F 94 -11.87 33.26 -22.19
CA TYR F 94 -11.40 31.89 -22.27
C TYR F 94 -12.29 31.08 -23.18
N PRO F 95 -12.06 31.18 -24.50
CA PRO F 95 -13.05 30.55 -25.34
C PRO F 95 -12.78 29.06 -25.40
N ARG F 96 -11.50 28.68 -25.30
CA ARG F 96 -11.11 27.27 -25.18
C ARG F 96 -11.34 26.75 -23.76
N ALA F 97 -12.55 26.89 -23.21
CA ALA F 97 -12.77 26.56 -21.81
C ALA F 97 -14.18 26.26 -21.36
N PHE F 98 -14.25 25.23 -20.54
CA PHE F 98 -15.44 24.82 -19.84
C PHE F 98 -15.90 25.85 -18.82
N VAL F 99 -17.18 26.22 -18.87
CA VAL F 99 -17.72 27.12 -17.87
C VAL F 99 -19.00 26.51 -17.30
N ARG F 100 -19.12 26.58 -15.97
CA ARG F 100 -20.29 26.07 -15.26
C ARG F 100 -21.01 27.20 -14.49
N VAL F 101 -22.34 27.22 -14.53
CA VAL F 101 -23.09 28.07 -13.56
C VAL F 101 -23.54 27.30 -12.29
N ILE F 102 -23.14 27.77 -11.12
CA ILE F 102 -23.61 27.17 -9.86
CA ILE F 102 -23.58 27.17 -9.86
C ILE F 102 -24.37 28.16 -8.98
N GLY F 103 -25.09 27.62 -7.98
CA GLY F 103 -25.73 28.48 -6.98
C GLY F 103 -25.75 27.83 -5.61
N PHE F 104 -25.46 28.62 -4.56
CA PHE F 104 -25.45 28.10 -3.20
C PHE F 104 -26.72 28.41 -2.47
N ASN F 105 -27.01 27.55 -1.52
CA ASN F 105 -27.98 27.75 -0.48
C ASN F 105 -27.10 27.89 0.77
N ASN F 106 -27.21 29.01 1.51
CA ASN F 106 -26.23 29.25 2.60
C ASN F 106 -26.58 28.62 3.95
N VAL F 107 -27.81 28.14 4.06
CA VAL F 107 -28.27 27.54 5.30
C VAL F 107 -27.77 26.11 5.32
N ARG F 108 -28.00 25.38 4.24
CA ARG F 108 -27.60 24.03 4.13
C ARG F 108 -26.10 23.91 3.83
N GLN F 109 -25.54 24.99 3.31
CA GLN F 109 -24.20 25.07 2.72
C GLN F 109 -23.90 23.97 1.67
N VAL F 110 -24.82 23.73 0.72
CA VAL F 110 -24.49 22.96 -0.53
C VAL F 110 -24.70 23.72 -1.86
N GLN F 111 -24.07 23.23 -2.94
CA GLN F 111 -24.48 23.59 -4.28
C GLN F 111 -25.84 22.92 -4.66
N CYS F 112 -26.78 23.76 -5.12
CA CYS F 112 -28.16 23.32 -5.34
C CYS F 112 -28.56 23.23 -6.81
N ILE F 113 -27.83 23.93 -7.66
CA ILE F 113 -27.76 23.63 -9.10
C ILE F 113 -26.40 23.91 -9.64
N SER F 114 -26.18 23.28 -10.79
CA SER F 114 -24.93 23.31 -11.55
C SER F 114 -25.18 22.69 -12.90
N PHE F 115 -24.73 23.36 -13.94
CA PHE F 115 -25.01 22.99 -15.32
C PHE F 115 -24.05 23.73 -16.22
N ILE F 116 -23.58 23.01 -17.24
CA ILE F 116 -22.64 23.51 -18.22
C ILE F 116 -23.25 24.70 -18.98
N ALA F 117 -22.39 25.67 -19.29
CA ALA F 117 -22.81 26.91 -19.95
C ALA F 117 -22.11 27.13 -21.29
N HIS F 118 -21.04 26.36 -21.51
CA HIS F 118 -20.04 26.58 -22.54
C HIS F 118 -19.05 25.48 -22.59
N THR F 119 -18.73 25.07 -23.80
CA THR F 119 -17.67 24.12 -23.99
C THR F 119 -16.69 24.77 -24.94
N PRO F 120 -15.48 24.18 -25.11
CA PRO F 120 -14.54 24.46 -26.20
C PRO F 120 -15.17 24.40 -27.62
N GLU F 121 -14.88 23.33 -28.38
CA GLU F 121 -15.43 23.08 -29.73
C GLU F 121 -15.77 21.59 -29.91
N SER F 122 -14.91 20.76 -29.32
CA SER F 122 -15.15 19.32 -29.16
C SER F 122 -14.04 18.81 -28.25
N TYR F 123 -14.30 17.68 -27.58
CA TYR F 123 -13.52 17.28 -26.38
C TYR F 123 -13.31 15.76 -26.18
N MET G 1 -14.61 42.97 -11.80
CA MET G 1 -13.33 42.60 -11.05
C MET G 1 -12.31 41.89 -11.94
N GLN G 2 -11.32 41.23 -11.37
CA GLN G 2 -10.14 40.78 -12.15
C GLN G 2 -9.60 39.38 -11.72
N VAL G 3 -9.85 38.39 -12.56
CA VAL G 3 -9.49 36.97 -12.34
C VAL G 3 -8.02 36.68 -12.61
N TRP G 4 -7.38 35.89 -11.75
CA TRP G 4 -6.00 35.53 -11.99
C TRP G 4 -5.98 34.33 -12.90
N PRO G 5 -5.17 34.35 -13.97
CA PRO G 5 -5.30 33.23 -14.92
C PRO G 5 -4.82 31.89 -14.37
N PRO G 6 -5.58 30.81 -14.69
CA PRO G 6 -5.31 29.43 -14.25
C PRO G 6 -4.38 28.73 -15.21
N ILE G 7 -3.94 29.42 -16.26
CA ILE G 7 -2.95 28.90 -17.24
C ILE G 7 -1.91 29.96 -17.65
N GLY G 8 -0.70 29.50 -17.96
CA GLY G 8 0.39 30.35 -18.41
C GLY G 8 0.95 31.31 -17.39
N LYS G 9 0.77 30.98 -16.10
CA LYS G 9 1.44 31.66 -14.99
C LYS G 9 2.21 30.67 -14.08
N LYS G 10 3.10 29.89 -14.68
CA LYS G 10 4.04 28.98 -13.97
C LYS G 10 5.01 29.81 -13.15
N LYS G 11 5.51 29.34 -12.00
CA LYS G 11 6.51 30.11 -11.21
C LYS G 11 7.88 29.41 -10.93
N PHE G 12 8.91 30.20 -10.60
CA PHE G 12 10.24 29.65 -10.26
C PHE G 12 10.73 30.11 -8.90
N GLU G 13 9.84 29.99 -7.91
CA GLU G 13 10.03 30.43 -6.52
C GLU G 13 10.38 31.90 -6.31
N THR G 14 11.41 32.18 -5.52
CA THR G 14 11.75 33.52 -5.08
CA THR G 14 11.70 33.54 -5.09
C THR G 14 12.05 34.51 -6.25
N LEU G 15 11.26 35.57 -6.34
CA LEU G 15 11.30 36.69 -7.34
C LEU G 15 10.35 36.55 -8.56
N SER G 16 9.95 35.33 -8.88
CA SER G 16 9.15 35.11 -10.08
C SER G 16 7.76 35.74 -10.06
N TYR G 17 7.53 36.77 -9.25
CA TYR G 17 6.24 37.48 -9.25
C TYR G 17 6.39 38.93 -9.63
N LEU G 18 7.65 39.38 -9.68
CA LEU G 18 7.93 40.74 -10.07
C LEU G 18 8.25 40.76 -11.57
N PRO G 19 8.26 41.97 -12.16
CA PRO G 19 8.92 42.33 -13.39
C PRO G 19 10.22 41.53 -13.61
N PRO G 20 10.35 40.83 -14.78
CA PRO G 20 11.56 40.01 -14.97
C PRO G 20 12.79 40.89 -14.86
N LEU G 21 13.90 40.36 -14.40
CA LEU G 21 15.00 41.23 -14.01
C LEU G 21 15.85 41.68 -15.17
N THR G 22 16.16 42.97 -15.21
CA THR G 22 17.14 43.51 -16.15
C THR G 22 18.51 42.98 -15.76
N ARG G 23 19.38 42.76 -16.73
CA ARG G 23 20.76 42.29 -16.46
C ARG G 23 21.47 43.15 -15.42
N ASP G 24 20.90 44.32 -15.14
CA ASP G 24 21.41 45.16 -14.07
C ASP G 24 20.88 44.68 -12.72
N GLN G 25 19.60 44.28 -12.69
CA GLN G 25 18.92 43.72 -11.49
C GLN G 25 19.32 42.27 -11.17
N LEU G 26 19.32 41.39 -12.17
CA LEU G 26 19.90 40.06 -11.96
C LEU G 26 21.35 40.16 -11.41
N LEU G 27 22.08 41.22 -11.77
CA LEU G 27 23.39 41.48 -11.14
C LEU G 27 23.33 41.80 -9.64
N LYS G 28 22.37 42.64 -9.23
CA LYS G 28 22.22 43.08 -7.81
C LYS G 28 22.06 41.94 -6.76
N GLU G 29 21.28 40.92 -7.08
CA GLU G 29 21.28 39.70 -6.26
C GLU G 29 22.67 39.05 -6.12
N VAL G 30 23.50 39.10 -7.16
CA VAL G 30 24.79 38.48 -7.03
C VAL G 30 25.67 39.35 -6.14
N GLU G 31 25.50 40.65 -6.28
CA GLU G 31 26.16 41.57 -5.36
C GLU G 31 25.73 41.34 -3.95
N TYR G 32 24.42 41.12 -3.76
CA TYR G 32 23.85 40.80 -2.44
C TYR G 32 24.40 39.50 -1.89
N LEU G 33 24.12 38.40 -2.59
CA LEU G 33 24.77 37.11 -2.33
C LEU G 33 26.24 37.15 -1.77
N LEU G 34 27.17 37.90 -2.35
CA LEU G 34 28.53 38.02 -1.75
C LEU G 34 28.75 39.30 -0.90
N ARG G 35 27.66 39.94 -0.50
CA ARG G 35 27.66 40.87 0.62
C ARG G 35 27.50 40.05 1.94
N LYS G 36 26.44 39.25 2.06
CA LYS G 36 26.25 38.37 3.24
C LYS G 36 27.14 37.12 3.36
N GLY G 37 28.34 37.11 2.82
CA GLY G 37 29.30 36.01 3.06
C GLY G 37 28.97 34.62 2.50
N TRP G 38 27.78 34.50 1.91
CA TRP G 38 27.39 33.32 1.11
C TRP G 38 28.18 33.20 -0.18
N VAL G 39 28.00 32.07 -0.85
CA VAL G 39 28.80 31.64 -1.99
C VAL G 39 27.90 31.02 -3.07
N PRO G 40 28.11 31.41 -4.33
CA PRO G 40 27.30 31.13 -5.51
C PRO G 40 27.45 29.79 -6.20
N CYS G 41 26.42 29.43 -6.98
CA CYS G 41 26.37 28.21 -7.81
C CYS G 41 25.25 28.26 -8.85
N LEU G 42 25.56 27.98 -10.10
CA LEU G 42 24.44 27.87 -11.03
C LEU G 42 24.03 26.40 -11.07
N GLU G 43 22.88 26.16 -11.70
CA GLU G 43 22.21 24.88 -11.80
C GLU G 43 21.23 25.06 -12.95
N PHE G 44 21.02 23.98 -13.73
CA PHE G 44 20.20 24.03 -14.94
C PHE G 44 19.41 22.75 -15.10
N GLU G 45 18.45 22.75 -16.02
CA GLU G 45 17.48 21.68 -16.25
C GLU G 45 17.05 21.84 -17.71
N LEU G 46 16.53 20.79 -18.34
CA LEU G 46 16.06 20.89 -19.72
C LEU G 46 14.75 20.18 -19.92
N LYS G 47 14.56 19.07 -19.20
CA LYS G 47 13.40 18.23 -19.45
C LYS G 47 12.19 18.59 -18.59
N LYS G 48 12.45 19.13 -17.40
CA LYS G 48 11.40 19.18 -16.38
C LYS G 48 11.67 20.31 -15.38
N GLY G 49 11.34 21.53 -15.74
CA GLY G 49 11.60 22.67 -14.87
C GLY G 49 10.58 22.86 -13.76
N PHE G 50 9.73 21.86 -13.57
CA PHE G 50 8.76 21.85 -12.48
C PHE G 50 8.68 20.48 -11.88
N VAL G 51 8.38 20.50 -10.57
CA VAL G 51 8.13 19.34 -9.71
C VAL G 51 6.99 18.40 -10.13
N TYR G 52 7.36 17.14 -10.28
CA TYR G 52 6.45 16.05 -10.55
C TYR G 52 6.71 15.04 -9.45
N ARG G 53 5.91 13.99 -9.38
CA ARG G 53 6.12 12.96 -8.39
C ARG G 53 5.80 11.66 -9.06
N GLU G 54 6.87 11.01 -9.53
CA GLU G 54 6.76 9.83 -10.36
C GLU G 54 7.33 8.52 -9.72
N HIS G 55 8.38 8.66 -8.90
CA HIS G 55 9.14 7.53 -8.34
C HIS G 55 8.70 7.09 -6.97
N ASN G 56 8.28 8.05 -6.15
CA ASN G 56 7.49 7.77 -4.94
C ASN G 56 6.44 8.91 -4.75
N LYS G 57 5.61 8.84 -3.71
CA LYS G 57 4.61 9.89 -3.37
C LYS G 57 4.31 9.93 -1.85
N SER G 58 5.35 9.82 -1.01
CA SER G 58 5.23 9.86 0.43
C SER G 58 5.44 11.30 0.94
N PRO G 59 5.18 11.53 2.24
CA PRO G 59 5.22 12.92 2.67
C PRO G 59 6.55 13.59 2.36
N GLY G 60 6.50 14.78 1.79
CA GLY G 60 7.78 15.48 1.44
C GLY G 60 8.74 14.77 0.48
N TYR G 61 8.24 13.76 -0.23
CA TYR G 61 8.92 13.34 -1.44
C TYR G 61 8.37 14.06 -2.64
N TYR G 62 9.29 14.66 -3.41
CA TYR G 62 8.99 15.25 -4.73
C TYR G 62 10.16 14.97 -5.69
N ASP G 63 9.81 14.80 -6.97
CA ASP G 63 10.83 14.69 -8.04
C ASP G 63 11.05 16.09 -8.59
N GLY G 64 12.24 16.31 -9.15
CA GLY G 64 12.49 17.57 -9.89
C GLY G 64 13.10 18.73 -9.11
N ARG G 65 13.26 18.59 -7.80
CA ARG G 65 13.84 19.60 -6.93
C ARG G 65 15.33 19.86 -7.20
N TYR G 66 16.03 18.75 -7.39
CA TYR G 66 17.40 18.71 -7.84
C TYR G 66 17.44 18.99 -9.31
N TRP G 67 18.25 19.96 -9.72
CA TRP G 67 18.62 20.17 -11.12
C TRP G 67 20.05 19.71 -11.32
N THR G 68 20.70 20.10 -12.41
CA THR G 68 22.12 19.80 -12.62
CA THR G 68 22.12 19.80 -12.63
C THR G 68 22.99 20.99 -12.16
N MET G 69 24.18 20.71 -11.64
CA MET G 69 25.06 21.77 -11.20
C MET G 69 25.93 22.30 -12.36
N TRP G 70 25.99 23.63 -12.54
CA TRP G 70 27.02 24.22 -13.43
C TRP G 70 28.35 24.23 -12.73
N LYS G 71 29.09 23.16 -13.00
CA LYS G 71 30.42 22.90 -12.43
C LYS G 71 30.48 22.79 -10.90
N LEU G 72 30.90 23.87 -10.24
CA LEU G 72 31.09 23.80 -8.79
C LEU G 72 30.70 25.10 -8.16
N PRO G 73 30.27 25.05 -6.90
CA PRO G 73 30.05 26.31 -6.20
C PRO G 73 31.29 27.20 -6.28
N MET G 74 31.04 28.50 -6.34
CA MET G 74 32.07 29.45 -6.71
C MET G 74 32.83 29.94 -5.48
N PHE G 75 33.59 29.04 -4.86
CA PHE G 75 34.35 29.36 -3.64
C PHE G 75 35.40 30.44 -3.92
N GLY G 76 35.61 31.36 -2.98
CA GLY G 76 36.64 32.39 -3.11
C GLY G 76 36.33 33.67 -3.89
N THR G 77 35.37 33.61 -4.81
CA THR G 77 35.03 34.79 -5.66
C THR G 77 34.33 35.93 -4.90
N THR G 78 34.92 37.12 -4.90
CA THR G 78 34.29 38.27 -4.23
C THR G 78 33.53 39.14 -5.23
N ASP G 79 33.67 38.81 -6.52
CA ASP G 79 33.14 39.60 -7.64
C ASP G 79 31.98 38.92 -8.36
N PRO G 80 30.78 39.56 -8.30
CA PRO G 80 29.56 39.09 -8.93
C PRO G 80 29.71 39.12 -10.42
N ALA G 81 30.77 39.79 -10.84
CA ALA G 81 31.27 39.87 -12.21
C ALA G 81 31.27 38.51 -12.86
N GLN G 82 32.12 37.60 -12.35
CA GLN G 82 32.33 36.34 -13.05
C GLN G 82 31.11 35.40 -12.91
N VAL G 83 30.18 35.74 -12.02
CA VAL G 83 29.03 34.86 -11.76
C VAL G 83 27.93 34.98 -12.82
N LEU G 84 27.67 36.17 -13.34
CA LEU G 84 26.79 36.25 -14.52
C LEU G 84 27.60 35.74 -15.71
N LYS G 85 28.88 36.08 -15.72
CA LYS G 85 29.80 35.50 -16.68
C LYS G 85 29.72 33.96 -16.61
N GLU G 86 29.23 33.38 -15.52
CA GLU G 86 28.82 31.96 -15.56
C GLU G 86 27.43 31.67 -16.18
N LEU G 87 26.41 32.49 -15.85
CA LEU G 87 25.12 32.47 -16.59
C LEU G 87 25.35 32.59 -18.10
N ASP G 88 26.36 33.38 -18.50
CA ASP G 88 26.74 33.59 -19.91
C ASP G 88 27.22 32.29 -20.64
N GLU G 89 28.29 31.68 -20.13
CA GLU G 89 28.73 30.34 -20.59
C GLU G 89 27.60 29.26 -20.66
N VAL G 90 26.66 29.28 -19.71
CA VAL G 90 25.58 28.29 -19.68
C VAL G 90 24.48 28.65 -20.68
N LYS G 91 24.05 29.92 -20.61
CA LYS G 91 22.97 30.44 -21.48
C LYS G 91 23.20 30.16 -22.97
N LYS G 92 24.46 30.24 -23.38
CA LYS G 92 24.84 30.01 -24.78
C LYS G 92 24.93 28.50 -25.04
N GLU G 93 25.41 27.77 -24.04
CA GLU G 93 25.53 26.31 -24.11
C GLU G 93 24.17 25.61 -23.98
N TYR G 94 23.31 26.10 -23.11
CA TYR G 94 21.96 25.56 -23.06
C TYR G 94 20.97 26.68 -23.24
N PRO G 95 20.69 27.02 -24.51
CA PRO G 95 19.74 28.06 -24.87
C PRO G 95 18.35 27.73 -24.37
N ARG G 96 17.96 26.45 -24.39
CA ARG G 96 16.65 25.99 -23.87
C ARG G 96 16.65 25.36 -22.42
N ALA G 97 17.54 25.86 -21.57
CA ALA G 97 17.56 25.47 -20.15
C ALA G 97 17.12 26.57 -19.20
N PHE G 98 16.23 26.19 -18.28
CA PHE G 98 15.95 26.98 -17.10
C PHE G 98 17.26 26.97 -16.28
N VAL G 99 17.79 28.14 -15.97
CA VAL G 99 18.95 28.27 -15.10
C VAL G 99 18.55 28.99 -13.82
N ARG G 100 19.24 28.69 -12.73
CA ARG G 100 18.92 29.33 -11.48
C ARG G 100 20.22 29.81 -10.93
N VAL G 101 20.15 30.92 -10.20
CA VAL G 101 21.26 31.28 -9.33
C VAL G 101 20.96 31.01 -7.87
N ILE G 102 21.65 30.00 -7.34
CA ILE G 102 21.55 29.67 -5.94
C ILE G 102 22.82 30.09 -5.21
N GLY G 103 22.72 30.18 -3.88
CA GLY G 103 23.87 30.43 -2.99
C GLY G 103 23.90 29.47 -1.80
N PHE G 104 25.03 29.42 -1.08
CA PHE G 104 25.17 28.53 0.09
C PHE G 104 25.64 29.28 1.32
N ASN G 105 25.04 28.99 2.48
CA ASN G 105 25.59 29.37 3.77
C ASN G 105 26.23 28.13 4.44
N ASN G 106 27.57 28.20 4.61
CA ASN G 106 28.33 27.06 5.15
C ASN G 106 28.29 26.91 6.66
N VAL G 107 27.83 28.00 7.32
CA VAL G 107 27.39 28.03 8.72
C VAL G 107 25.98 27.45 8.83
N ARG G 108 24.93 28.22 8.53
CA ARG G 108 23.58 27.67 8.61
C ARG G 108 23.33 26.42 7.76
N GLN G 109 24.37 25.76 7.24
CA GLN G 109 24.17 24.85 6.08
C GLN G 109 22.73 24.80 5.48
N VAL G 110 22.42 25.80 4.64
CA VAL G 110 21.35 25.75 3.61
C VAL G 110 21.47 26.88 2.60
N GLN G 111 20.75 26.76 1.47
CA GLN G 111 20.64 27.85 0.48
C GLN G 111 19.85 29.06 1.08
N CYS G 112 20.56 30.13 1.45
CA CYS G 112 19.89 31.35 1.92
C CYS G 112 19.34 32.17 0.74
N ILE G 113 19.55 31.71 -0.49
CA ILE G 113 18.97 32.41 -1.69
C ILE G 113 18.92 31.55 -2.98
N SER G 114 17.77 31.56 -3.68
CA SER G 114 17.59 30.91 -5.02
C SER G 114 16.64 31.63 -6.03
N PHE G 115 17.10 31.87 -7.27
CA PHE G 115 16.26 32.61 -8.25
C PHE G 115 16.57 32.25 -9.70
N ILE G 116 15.52 31.92 -10.44
CA ILE G 116 15.61 31.70 -11.88
C ILE G 116 16.35 32.83 -12.66
N ALA G 117 17.20 32.43 -13.61
CA ALA G 117 17.95 33.41 -14.47
C ALA G 117 17.68 33.37 -16.01
N HIS G 118 16.82 32.46 -16.45
CA HIS G 118 16.64 32.12 -17.87
C HIS G 118 15.68 30.96 -17.95
N THR G 119 14.94 30.86 -19.05
CA THR G 119 14.15 29.66 -19.33
C THR G 119 14.22 29.55 -20.85
N PRO G 120 13.51 28.55 -21.46
CA PRO G 120 13.62 28.26 -22.90
C PRO G 120 13.05 29.34 -23.86
N GLU G 121 12.06 28.96 -24.71
CA GLU G 121 11.33 29.88 -25.62
C GLU G 121 9.81 29.58 -25.83
N SER G 122 9.13 28.97 -24.87
CA SER G 122 9.71 28.60 -23.59
C SER G 122 9.11 27.30 -23.03
N TYR G 123 7.86 27.37 -22.58
CA TYR G 123 7.15 26.28 -21.89
C TYR G 123 5.62 26.44 -22.02
N MET H 1 36.71 24.18 -16.47
CA MET H 1 35.94 22.91 -16.20
C MET H 1 34.98 22.61 -17.35
N GLN H 2 34.42 21.40 -17.38
CA GLN H 2 33.49 21.01 -18.43
C GLN H 2 32.30 20.33 -17.79
N VAL H 3 31.10 20.84 -18.08
CA VAL H 3 29.86 20.26 -17.57
C VAL H 3 29.58 18.99 -18.38
N TRP H 4 29.41 17.87 -17.68
CA TRP H 4 29.04 16.62 -18.33
C TRP H 4 27.60 16.70 -18.77
N PRO H 5 27.38 16.65 -20.08
CA PRO H 5 26.06 16.60 -20.72
C PRO H 5 24.94 15.83 -19.98
N PRO H 6 23.90 16.57 -19.50
CA PRO H 6 22.78 16.04 -18.75
C PRO H 6 21.71 15.40 -19.61
N ILE H 7 21.81 15.60 -20.92
CA ILE H 7 20.90 14.97 -21.90
C ILE H 7 21.67 14.60 -23.17
N GLY H 8 21.24 13.53 -23.83
CA GLY H 8 21.93 13.06 -25.02
C GLY H 8 23.17 12.29 -24.61
N LYS H 9 23.20 11.84 -23.36
CA LYS H 9 24.22 10.87 -22.93
C LYS H 9 23.73 9.49 -22.46
N LYS H 10 22.59 9.03 -22.98
CA LYS H 10 22.03 7.73 -22.55
C LYS H 10 23.02 6.56 -22.77
N LYS H 11 23.24 5.78 -21.71
CA LYS H 11 24.30 4.76 -21.64
C LYS H 11 23.77 3.34 -21.59
N PHE H 12 24.62 2.38 -21.98
CA PHE H 12 24.18 1.00 -22.06
C PHE H 12 25.09 -0.02 -21.30
N GLU H 13 25.61 0.38 -20.14
CA GLU H 13 26.47 -0.49 -19.34
C GLU H 13 27.81 -0.63 -20.07
N THR H 14 28.31 -1.85 -20.17
CA THR H 14 29.73 -2.14 -20.44
C THR H 14 30.22 -1.74 -21.80
N LEU H 15 31.34 -1.03 -21.81
CA LEU H 15 31.98 -0.42 -22.99
C LEU H 15 31.35 0.95 -23.41
N SER H 16 30.10 1.22 -23.03
CA SER H 16 29.34 2.40 -23.52
C SER H 16 29.94 3.78 -23.18
N TYR H 17 31.07 3.77 -22.49
CA TYR H 17 31.77 5.00 -22.13
C TYR H 17 33.11 5.20 -22.86
N LEU H 18 33.44 4.23 -23.71
CA LEU H 18 34.68 4.25 -24.47
C LEU H 18 34.36 4.81 -25.87
N PRO H 19 35.41 5.15 -26.66
CA PRO H 19 35.12 5.45 -28.05
C PRO H 19 34.39 4.25 -28.62
N PRO H 20 33.25 4.46 -29.30
CA PRO H 20 32.48 3.35 -29.86
C PRO H 20 33.36 2.38 -30.62
N LEU H 21 33.02 1.11 -30.61
CA LEU H 21 33.88 0.06 -31.21
C LEU H 21 33.72 -0.13 -32.74
N THR H 22 34.81 -0.55 -33.38
CA THR H 22 34.79 -0.78 -34.84
C THR H 22 34.26 -2.17 -35.06
N ARG H 23 33.97 -2.54 -36.30
CA ARG H 23 33.61 -3.92 -36.60
C ARG H 23 34.80 -4.83 -36.30
N ASP H 24 35.99 -4.24 -36.23
CA ASP H 24 37.20 -4.95 -35.76
C ASP H 24 37.22 -5.15 -34.24
N GLN H 25 36.94 -4.11 -33.45
CA GLN H 25 36.91 -4.20 -31.96
C GLN H 25 35.77 -5.06 -31.39
N LEU H 26 34.63 -5.06 -32.08
CA LEU H 26 33.52 -5.96 -31.74
CA LEU H 26 33.54 -5.95 -31.72
C LEU H 26 34.01 -7.40 -31.86
N LEU H 27 34.88 -7.65 -32.85
CA LEU H 27 35.38 -9.01 -33.16
C LEU H 27 36.22 -9.59 -32.05
N LYS H 28 37.10 -8.75 -31.53
CA LYS H 28 37.96 -9.14 -30.43
C LYS H 28 37.16 -9.42 -29.12
N GLU H 29 36.06 -8.70 -28.86
CA GLU H 29 35.12 -9.05 -27.76
C GLU H 29 34.50 -10.46 -27.88
N VAL H 30 33.97 -10.79 -29.06
CA VAL H 30 33.56 -12.17 -29.36
C VAL H 30 34.70 -13.20 -29.16
N GLU H 31 35.93 -12.86 -29.57
CA GLU H 31 37.13 -13.74 -29.45
C GLU H 31 37.47 -14.15 -27.98
N TYR H 32 37.67 -13.15 -27.13
CA TYR H 32 37.91 -13.31 -25.69
C TYR H 32 36.88 -14.23 -24.96
N LEU H 33 35.61 -13.80 -24.97
CA LEU H 33 34.44 -14.60 -24.64
C LEU H 33 34.52 -16.08 -25.06
N LEU H 34 34.76 -16.38 -26.32
CA LEU H 34 34.87 -17.79 -26.75
C LEU H 34 36.15 -18.46 -26.21
N ARG H 35 37.22 -17.68 -26.01
CA ARG H 35 38.47 -18.21 -25.43
CA ARG H 35 38.47 -18.19 -25.43
C ARG H 35 38.26 -18.58 -23.95
N LYS H 36 37.38 -17.87 -23.26
CA LYS H 36 37.09 -18.16 -21.89
C LYS H 36 36.02 -19.24 -21.77
N GLY H 37 35.66 -19.82 -22.92
CA GLY H 37 34.68 -20.89 -23.01
C GLY H 37 33.20 -20.49 -22.84
N TRP H 38 32.92 -19.20 -22.92
CA TRP H 38 31.54 -18.81 -22.75
C TRP H 38 30.76 -19.07 -24.02
N VAL H 39 29.44 -19.04 -23.86
CA VAL H 39 28.47 -19.30 -24.90
C VAL H 39 27.82 -17.97 -25.36
N PRO H 40 27.91 -17.65 -26.68
CA PRO H 40 27.40 -16.43 -27.28
C PRO H 40 25.90 -16.45 -27.49
N CYS H 41 25.31 -15.25 -27.41
CA CYS H 41 23.86 -15.08 -27.65
C CYS H 41 23.54 -13.66 -27.98
N LEU H 42 22.63 -13.50 -28.94
CA LEU H 42 22.18 -12.19 -29.36
C LEU H 42 20.74 -11.93 -28.92
N GLU H 43 20.52 -10.73 -28.36
CA GLU H 43 19.25 -10.23 -27.83
C GLU H 43 18.93 -8.83 -28.36
N PHE H 44 17.67 -8.62 -28.75
CA PHE H 44 17.25 -7.30 -29.28
C PHE H 44 15.93 -6.71 -28.74
N GLU H 45 15.84 -5.38 -28.77
CA GLU H 45 14.67 -4.67 -28.21
C GLU H 45 14.18 -3.70 -29.27
N LEU H 46 12.86 -3.58 -29.39
CA LEU H 46 12.32 -2.65 -30.37
C LEU H 46 11.72 -1.40 -29.77
N LYS H 47 11.31 -1.45 -28.50
CA LYS H 47 10.46 -0.39 -27.93
C LYS H 47 11.10 0.38 -26.74
N LYS H 48 11.19 -0.25 -25.56
CA LYS H 48 11.94 0.34 -24.45
C LYS H 48 13.41 -0.20 -24.41
N GLY H 49 14.38 0.63 -24.77
CA GLY H 49 15.78 0.23 -24.77
C GLY H 49 16.61 0.67 -23.58
N PHE H 50 15.93 1.34 -22.67
CA PHE H 50 16.44 1.62 -21.33
C PHE H 50 15.45 1.19 -20.26
N VAL H 51 15.98 0.92 -19.05
CA VAL H 51 15.25 0.39 -17.89
C VAL H 51 14.17 1.32 -17.33
N TYR H 52 12.94 0.83 -17.31
CA TYR H 52 11.87 1.53 -16.58
C TYR H 52 11.27 0.75 -15.41
N ARG H 53 10.22 1.32 -14.80
CA ARG H 53 9.50 0.75 -13.65
C ARG H 53 8.03 1.11 -13.84
N GLU H 54 7.26 0.18 -14.40
CA GLU H 54 5.84 0.36 -14.73
C GLU H 54 4.89 -0.62 -14.02
N HIS H 55 5.24 -1.92 -14.00
CA HIS H 55 4.31 -2.88 -13.37
C HIS H 55 4.50 -3.18 -11.88
N ASN H 56 5.54 -2.62 -11.24
CA ASN H 56 5.75 -2.74 -9.78
C ASN H 56 6.89 -1.78 -9.41
N LYS H 57 7.10 -1.42 -8.14
CA LYS H 57 8.25 -0.57 -7.74
C LYS H 57 8.91 -1.05 -6.41
N SER H 58 8.90 -2.37 -6.21
CA SER H 58 9.42 -2.97 -5.03
C SER H 58 10.96 -3.19 -5.17
N PRO H 59 11.67 -3.25 -4.04
CA PRO H 59 13.13 -3.35 -4.10
C PRO H 59 13.62 -4.42 -5.08
N GLY H 60 14.44 -4.06 -6.06
CA GLY H 60 15.04 -5.09 -6.92
C GLY H 60 14.29 -5.42 -8.18
N TYR H 61 13.11 -4.79 -8.37
CA TYR H 61 12.27 -4.91 -9.58
C TYR H 61 12.28 -3.67 -10.45
N TYR H 62 12.47 -3.92 -11.74
CA TYR H 62 12.60 -2.89 -12.72
C TYR H 62 12.07 -3.51 -13.99
N ASP H 63 11.28 -2.79 -14.79
CA ASP H 63 10.93 -3.37 -16.14
C ASP H 63 12.02 -3.24 -17.19
N GLY H 64 11.87 -3.97 -18.28
CA GLY H 64 12.79 -3.85 -19.43
C GLY H 64 14.24 -4.28 -19.25
N ARG H 65 14.50 -5.14 -18.25
CA ARG H 65 15.85 -5.78 -18.13
C ARG H 65 15.96 -6.88 -19.19
N TYR H 66 14.85 -7.62 -19.34
CA TYR H 66 14.69 -8.56 -20.46
C TYR H 66 14.40 -7.93 -21.87
N TRP H 67 15.13 -8.43 -22.86
CA TRP H 67 14.78 -8.20 -24.24
C TRP H 67 14.17 -9.40 -24.86
N THR H 68 14.09 -9.42 -26.21
CA THR H 68 13.78 -10.65 -26.95
C THR H 68 15.08 -11.38 -27.31
N MET H 69 15.04 -12.69 -27.43
CA MET H 69 16.22 -13.43 -27.84
C MET H 69 16.22 -13.55 -29.36
N TRP H 70 17.39 -13.31 -29.96
CA TRP H 70 17.64 -13.68 -31.35
C TRP H 70 17.93 -15.14 -31.39
N LYS H 71 16.85 -15.90 -31.58
CA LYS H 71 16.84 -17.37 -31.68
C LYS H 71 17.24 -18.08 -30.37
N LEU H 72 18.46 -18.62 -30.39
CA LEU H 72 18.94 -19.47 -29.34
C LEU H 72 20.38 -19.12 -28.98
N PRO H 73 20.77 -19.41 -27.73
CA PRO H 73 22.14 -19.23 -27.32
C PRO H 73 23.02 -20.10 -28.19
N MET H 74 24.27 -19.70 -28.36
CA MET H 74 25.11 -20.37 -29.40
C MET H 74 26.09 -21.42 -28.89
N PHE H 75 25.57 -22.53 -28.39
CA PHE H 75 26.44 -23.64 -27.97
C PHE H 75 27.08 -24.31 -29.20
N GLY H 76 28.25 -24.93 -29.00
CA GLY H 76 28.96 -25.64 -30.06
C GLY H 76 29.96 -24.80 -30.84
N THR H 77 29.65 -23.50 -30.97
CA THR H 77 30.34 -22.58 -31.91
C THR H 77 31.72 -22.15 -31.45
N THR H 78 32.71 -22.24 -32.34
CA THR H 78 34.12 -22.09 -31.96
C THR H 78 34.79 -20.87 -32.62
N ASP H 79 34.13 -20.42 -33.68
CA ASP H 79 34.55 -19.30 -34.52
CA ASP H 79 34.57 -19.28 -34.48
C ASP H 79 33.62 -18.10 -34.31
N PRO H 80 34.19 -16.89 -34.09
CA PRO H 80 33.43 -15.67 -33.78
C PRO H 80 32.92 -14.83 -34.99
N ALA H 81 33.38 -15.16 -36.20
CA ALA H 81 32.84 -14.52 -37.41
C ALA H 81 31.36 -14.82 -37.42
N GLN H 82 31.04 -16.09 -37.11
CA GLN H 82 29.68 -16.62 -37.13
C GLN H 82 28.71 -15.83 -36.27
N VAL H 83 29.27 -15.07 -35.34
CA VAL H 83 28.48 -14.40 -34.33
C VAL H 83 28.16 -13.03 -34.89
N LEU H 84 29.18 -12.41 -35.48
CA LEU H 84 28.98 -11.18 -36.22
C LEU H 84 28.04 -11.46 -37.42
N LYS H 85 28.14 -12.67 -38.01
CA LYS H 85 27.15 -13.20 -38.97
C LYS H 85 25.67 -13.00 -38.49
N GLU H 86 25.41 -13.41 -37.25
CA GLU H 86 24.09 -13.30 -36.71
C GLU H 86 23.71 -11.86 -36.30
N LEU H 87 24.71 -11.03 -36.01
CA LEU H 87 24.52 -9.59 -35.77
C LEU H 87 23.96 -8.90 -37.03
N ASP H 88 24.66 -9.13 -38.12
CA ASP H 88 24.23 -8.62 -39.40
C ASP H 88 22.86 -9.16 -39.75
N GLU H 89 22.58 -10.40 -39.38
CA GLU H 89 21.30 -10.98 -39.75
C GLU H 89 20.22 -10.23 -38.94
N VAL H 90 20.66 -9.67 -37.81
CA VAL H 90 19.73 -8.98 -36.87
C VAL H 90 19.45 -7.54 -37.25
N LYS H 91 20.51 -6.73 -37.40
CA LYS H 91 20.41 -5.36 -37.85
C LYS H 91 19.65 -5.33 -39.17
N LYS H 92 19.69 -6.43 -39.94
CA LYS H 92 18.95 -6.58 -41.22
C LYS H 92 17.43 -6.70 -41.09
N GLU H 93 16.98 -7.58 -40.20
CA GLU H 93 15.56 -7.73 -40.03
C GLU H 93 15.05 -6.60 -39.17
N TYR H 94 15.94 -6.10 -38.32
CA TYR H 94 15.59 -5.05 -37.36
C TYR H 94 16.62 -3.89 -37.27
N PRO H 95 16.55 -2.94 -38.21
CA PRO H 95 17.50 -1.85 -38.34
C PRO H 95 17.33 -0.78 -37.26
N ARG H 96 16.13 -0.73 -36.68
CA ARG H 96 15.87 0.14 -35.51
C ARG H 96 15.77 -0.66 -34.19
N ALA H 97 16.46 -1.82 -34.14
CA ALA H 97 16.55 -2.59 -32.92
C ALA H 97 17.77 -2.17 -32.18
N PHE H 98 17.69 -2.17 -30.86
CA PHE H 98 18.90 -2.16 -30.06
C PHE H 98 19.30 -3.60 -30.09
N VAL H 99 20.60 -3.88 -30.12
CA VAL H 99 21.08 -5.24 -30.17
C VAL H 99 22.21 -5.38 -29.15
N ARG H 100 22.28 -6.57 -28.54
CA ARG H 100 23.32 -6.95 -27.58
C ARG H 100 23.92 -8.28 -27.97
N VAL H 101 25.20 -8.46 -27.74
CA VAL H 101 25.78 -9.80 -27.77
C VAL H 101 26.10 -10.20 -26.31
N ILE H 102 25.72 -11.41 -25.94
CA ILE H 102 25.80 -11.84 -24.54
C ILE H 102 26.61 -13.10 -24.55
N GLY H 103 27.42 -13.30 -23.50
CA GLY H 103 28.14 -14.58 -23.27
C GLY H 103 27.78 -15.28 -21.96
N PHE H 104 27.37 -16.55 -22.04
CA PHE H 104 26.92 -17.33 -20.88
C PHE H 104 27.99 -18.13 -20.20
N ASN H 105 27.90 -18.22 -18.88
CA ASN H 105 28.66 -19.20 -18.08
C ASN H 105 27.75 -20.33 -17.70
N ASN H 106 28.24 -21.55 -17.90
CA ASN H 106 27.58 -22.79 -17.56
C ASN H 106 27.75 -23.17 -16.07
N VAL H 107 28.87 -22.77 -15.50
CA VAL H 107 29.27 -23.17 -14.16
C VAL H 107 28.61 -22.29 -13.11
N ARG H 108 28.79 -20.99 -13.22
CA ARG H 108 28.09 -20.06 -12.33
C ARG H 108 26.64 -19.78 -12.78
N GLN H 109 26.36 -19.91 -14.07
CA GLN H 109 25.06 -19.53 -14.56
C GLN H 109 24.87 -18.02 -14.47
N VAL H 110 25.91 -17.28 -14.82
CA VAL H 110 25.73 -15.86 -15.04
C VAL H 110 26.09 -15.44 -16.46
N GLN H 111 25.72 -14.23 -16.83
CA GLN H 111 26.38 -13.63 -17.99
C GLN H 111 27.63 -12.94 -17.49
N CYS H 112 28.71 -13.15 -18.23
CA CYS H 112 30.07 -12.80 -17.84
C CYS H 112 30.55 -11.68 -18.73
N ILE H 113 29.91 -11.56 -19.89
CA ILE H 113 30.18 -10.48 -20.83
C ILE H 113 28.87 -10.06 -21.54
N SER H 114 28.48 -8.80 -21.40
CA SER H 114 27.29 -8.25 -22.08
C SER H 114 27.43 -6.78 -22.52
N PHE H 115 27.30 -6.55 -23.83
CA PHE H 115 27.48 -5.21 -24.41
C PHE H 115 26.71 -4.90 -25.69
N ILE H 116 26.28 -3.66 -25.81
CA ILE H 116 25.44 -3.22 -26.91
C ILE H 116 26.28 -3.23 -28.19
N ALA H 117 25.69 -3.61 -29.33
CA ALA H 117 26.43 -3.76 -30.60
C ALA H 117 25.72 -3.15 -31.83
N HIS H 118 24.56 -2.52 -31.59
CA HIS H 118 23.84 -1.77 -32.60
C HIS H 118 22.85 -0.84 -31.96
N THR H 119 22.74 0.37 -32.51
CA THR H 119 21.61 1.26 -32.18
C THR H 119 20.80 1.69 -33.42
N PRO H 120 19.54 2.07 -33.19
CA PRO H 120 18.58 2.41 -34.25
C PRO H 120 18.80 3.84 -34.71
N GLU H 121 18.48 4.13 -35.98
CA GLU H 121 19.03 5.31 -36.72
C GLU H 121 19.35 6.58 -35.90
N SER H 122 18.51 6.81 -34.88
CA SER H 122 18.83 7.49 -33.60
C SER H 122 17.52 7.69 -32.82
N TYR H 123 17.55 7.26 -31.55
CA TYR H 123 16.34 6.97 -30.75
C TYR H 123 15.41 8.15 -30.39
#